data_6NNA
#
_entry.id   6NNA
#
_cell.length_a   48.110
_cell.length_b   85.740
_cell.length_c   86.470
_cell.angle_alpha   65.570
_cell.angle_beta   90.000
_cell.angle_gamma   87.000
#
_symmetry.space_group_name_H-M   'P 1'
#
loop_
_entity.id
_entity.type
_entity.pdbx_description
1 polymer 'Fatty acid synthase,Fatty acid synthase'
2 non-polymer 'NADPH DIHYDRO-NICOTINAMIDE-ADENINE-DINUCLEOTIDE PHOSPHATE'
3 non-polymer {4-[4-(1,3-benzoxazol-2-yl)benzene-1-carbonyl]piperazin-1-yl}(1-hydroxycyclopropyl)methanone
4 non-polymer 1,2-ETHANEDIOL
5 water water
#
_entity_poly.entity_id   1
_entity_poly.type   'polypeptide(L)'
_entity_poly.pdbx_seq_one_letter_code
;QQVPILEKFCFTPHTEEGCLSERAALQEELQLCKGLVQALQTKVTQQGLKMVVPGLDGAQIPRDPSQQELPRLLSAACRL
QLNGNLQLELAQVLAQERPKLPEDPLLSGLLDSPALKACLDTAVENMPSLKMKVVEVLAGHGHLYSRIPGLLSPHPLLQL
SYTATDRHPQALEAAQAELQQHDVAQGQWDPADPAPSALGSADLLVCNCAVAALGDPASALSNMVAALREGGFLLLHTLL
RGHPLGDIVAFLTSTEPQYGQGILSQDAWESLFSRVSLRLVGLKKSFYGSTLFLCRRPTPQDSPIFLPVDDTSFRWVESL
KGILADEDSARPVWLKAINCATSGVVGLVNCLRREPGGNRLRCVLLSNLSSTSHVPEVDPGSAELQKVLQGDLVMNVYRD
GAWGAFRHFLLEEDKGSKTF(CAF)PAHKSYIIAGGLGGFGLELAQWLIQRGVQKLVLTSRSGIRTGYQAKQVRRWRRQG
VQVQVSTSNISSLEGARGLIAEAAQLGPVGGVFNLAVVLRDGLLENQTPEFFQDVCKPKYSGTLNLDRVTREACPELDYF
VVFSSVSCGRGNAGQSNYGFANSAMERICEKRRHEGLPGLAVQWGAIGDVGILVETMSTNDTIVSGTLPQRMASCLEVLD
LFLNQPHMVLSSFVLAEKHHHHHH
;
_entity_poly.pdbx_strand_id   A,B
#
loop_
_chem_comp.id
_chem_comp.type
_chem_comp.name
_chem_comp.formula
EDO non-polymer 1,2-ETHANEDIOL 'C2 H6 O2'
KUA non-polymer {4-[4-(1,3-benzoxazol-2-yl)benzene-1-carbonyl]piperazin-1-yl}(1-hydroxycyclopropyl)methanone 'C22 H21 N3 O4'
NDP non-polymer 'NADPH DIHYDRO-NICOTINAMIDE-ADENINE-DINUCLEOTIDE PHOSPHATE' 'C21 H30 N7 O17 P3'
#
# COMPACT_ATOMS: atom_id res chain seq x y z
N GLN A 1 -6.99 -48.37 -12.28
CA GLN A 1 -6.32 -47.87 -11.03
C GLN A 1 -5.84 -46.44 -11.27
N GLN A 2 -6.52 -45.46 -10.67
CA GLN A 2 -6.51 -44.03 -11.10
C GLN A 2 -5.54 -43.23 -10.23
N VAL A 3 -4.91 -42.22 -10.82
CA VAL A 3 -3.85 -41.39 -10.19
C VAL A 3 -4.38 -39.97 -10.03
N PRO A 4 -4.84 -39.59 -8.82
CA PRO A 4 -5.39 -38.25 -8.59
C PRO A 4 -4.30 -37.18 -8.70
N ILE A 5 -4.68 -35.96 -9.03
CA ILE A 5 -3.76 -34.78 -8.98
C ILE A 5 -3.93 -34.15 -7.59
N LEU A 6 -2.86 -34.15 -6.81
CA LEU A 6 -2.86 -33.68 -5.40
C LEU A 6 -2.15 -32.34 -5.33
N GLU A 7 -2.85 -31.32 -4.85
CA GLU A 7 -2.32 -29.93 -4.77
C GLU A 7 -2.62 -29.34 -3.39
N LYS A 8 -1.76 -28.41 -2.96
CA LYS A 8 -2.06 -27.46 -1.87
C LYS A 8 -2.66 -26.20 -2.50
N PHE A 9 -3.52 -25.51 -1.76
CA PHE A 9 -4.17 -24.22 -2.10
C PHE A 9 -3.68 -23.19 -1.08
N CYS A 10 -2.86 -22.22 -1.53
CA CYS A 10 -2.07 -21.30 -0.65
C CYS A 10 -2.26 -19.85 -1.09
N PHE A 11 -2.44 -18.94 -0.12
CA PHE A 11 -2.33 -17.49 -0.38
C PHE A 11 -0.96 -17.24 -1.01
N THR A 12 -0.94 -16.50 -2.11
CA THR A 12 0.29 -16.26 -2.92
C THR A 12 0.38 -14.77 -3.20
N PRO A 13 1.35 -14.05 -2.59
CA PRO A 13 1.52 -12.63 -2.90
C PRO A 13 1.83 -12.51 -4.40
N HIS A 14 1.26 -11.50 -5.05
CA HIS A 14 1.59 -11.06 -6.43
C HIS A 14 3.11 -10.86 -6.54
N THR A 15 3.71 -10.23 -5.53
CA THR A 15 5.18 -9.96 -5.45
C THR A 15 5.84 -10.97 -4.53
N GLU A 16 6.83 -11.71 -5.04
CA GLU A 16 7.69 -12.61 -4.23
C GLU A 16 9.16 -12.42 -4.60
N GLU A 17 10.00 -12.29 -3.57
CA GLU A 17 11.48 -12.21 -3.70
C GLU A 17 12.10 -13.35 -2.90
N GLY A 18 13.41 -13.57 -3.08
CA GLY A 18 14.16 -14.63 -2.40
C GLY A 18 13.75 -16.03 -2.86
N CYS A 19 13.06 -16.13 -4.01
CA CYS A 19 12.57 -17.40 -4.58
C CYS A 19 13.77 -18.33 -4.85
N LEU A 20 13.60 -19.63 -4.58
CA LEU A 20 14.58 -20.73 -4.81
C LEU A 20 15.68 -20.68 -3.74
N SER A 21 15.49 -19.95 -2.65
CA SER A 21 16.38 -19.91 -1.44
C SER A 21 16.72 -21.34 -0.99
N GLU A 22 15.70 -22.16 -0.78
CA GLU A 22 15.81 -23.52 -0.16
C GLU A 22 16.67 -24.43 -1.05
N ARG A 23 16.75 -24.13 -2.36
CA ARG A 23 17.42 -24.99 -3.36
C ARG A 23 18.94 -24.84 -3.25
N ALA A 24 19.56 -25.70 -2.44
CA ALA A 24 20.99 -25.71 -2.10
C ALA A 24 21.86 -25.91 -3.35
N ALA A 25 21.37 -26.64 -4.37
CA ALA A 25 22.08 -26.90 -5.65
C ALA A 25 22.30 -25.60 -6.44
N LEU A 26 21.34 -24.68 -6.40
CA LEU A 26 21.44 -23.35 -7.08
C LEU A 26 22.29 -22.41 -6.22
N GLN A 27 22.12 -22.49 -4.90
CA GLN A 27 22.91 -21.74 -3.90
C GLN A 27 24.40 -22.08 -4.12
N GLU A 28 24.70 -23.37 -4.31
CA GLU A 28 26.08 -23.89 -4.52
C GLU A 28 26.60 -23.43 -5.89
N GLU A 29 25.84 -23.68 -6.96
CA GLU A 29 26.22 -23.32 -8.36
C GLU A 29 26.55 -21.82 -8.46
N LEU A 30 25.78 -20.96 -7.78
CA LEU A 30 25.97 -19.49 -7.85
C LEU A 30 27.32 -19.13 -7.23
N GLN A 31 27.60 -19.70 -6.04
CA GLN A 31 28.88 -19.50 -5.30
C GLN A 31 30.06 -19.87 -6.20
N LEU A 32 29.96 -21.00 -6.91
CA LEU A 32 30.98 -21.49 -7.87
C LEU A 32 31.14 -20.49 -9.02
N CYS A 33 30.04 -20.08 -9.65
CA CYS A 33 30.04 -19.09 -10.76
C CYS A 33 30.60 -17.75 -10.28
N LYS A 34 30.35 -17.34 -9.03
CA LYS A 34 30.87 -16.07 -8.46
C LYS A 34 32.40 -16.14 -8.34
N GLY A 35 32.93 -17.28 -7.89
CA GLY A 35 34.37 -17.56 -7.82
C GLY A 35 35.03 -17.51 -9.19
N LEU A 36 34.46 -18.21 -10.17
CA LEU A 36 35.01 -18.35 -11.55
C LEU A 36 35.10 -16.97 -12.22
N VAL A 37 34.19 -16.05 -11.92
CA VAL A 37 34.22 -14.64 -12.44
C VAL A 37 35.25 -13.84 -11.63
N GLN A 38 35.19 -13.95 -10.29
CA GLN A 38 36.18 -13.34 -9.37
C GLN A 38 37.59 -13.72 -9.83
N ALA A 39 37.77 -14.95 -10.35
CA ALA A 39 39.03 -15.50 -10.89
C ALA A 39 39.39 -14.81 -12.21
N LEU A 40 38.41 -14.62 -13.11
CA LEU A 40 38.61 -13.94 -14.42
C LEU A 40 39.13 -12.51 -14.18
N GLN A 41 38.55 -11.80 -13.21
CA GLN A 41 38.93 -10.40 -12.86
C GLN A 41 40.27 -10.41 -12.09
N THR A 42 40.49 -11.40 -11.23
CA THR A 42 41.76 -11.64 -10.49
C THR A 42 42.59 -12.69 -11.23
N PRO A 65 27.21 -29.12 -8.87
CA PRO A 65 26.71 -28.35 -10.03
C PRO A 65 27.78 -27.71 -10.92
N SER A 66 29.03 -28.20 -10.87
CA SER A 66 30.23 -27.62 -11.54
C SER A 66 30.33 -28.09 -12.99
N GLN A 67 29.65 -29.20 -13.32
CA GLN A 67 29.57 -29.74 -14.71
C GLN A 67 28.44 -29.04 -15.48
N GLN A 68 27.66 -28.20 -14.80
CA GLN A 68 26.51 -27.44 -15.40
C GLN A 68 27.05 -26.38 -16.37
N GLU A 69 26.20 -25.92 -17.29
CA GLU A 69 26.61 -25.18 -18.52
C GLU A 69 27.30 -23.86 -18.16
N LEU A 70 26.74 -23.06 -17.25
CA LEU A 70 27.28 -21.72 -16.93
C LEU A 70 28.63 -21.86 -16.22
N PRO A 71 28.78 -22.76 -15.22
CA PRO A 71 30.11 -23.13 -14.71
C PRO A 71 31.09 -23.62 -15.78
N ARG A 72 30.67 -24.55 -16.62
CA ARG A 72 31.48 -25.18 -17.71
C ARG A 72 31.96 -24.09 -18.67
N LEU A 73 31.11 -23.10 -18.98
CA LEU A 73 31.40 -21.98 -19.91
C LEU A 73 32.37 -20.98 -19.23
N LEU A 74 32.16 -20.71 -17.94
CA LEU A 74 33.02 -19.80 -17.14
C LEU A 74 34.41 -20.43 -16.96
N SER A 75 34.48 -21.75 -16.74
CA SER A 75 35.72 -22.55 -16.60
C SER A 75 36.53 -22.50 -17.91
N ALA A 76 35.84 -22.59 -19.06
CA ALA A 76 36.42 -22.54 -20.42
C ALA A 76 36.96 -21.14 -20.72
N ALA A 77 36.38 -20.10 -20.09
CA ALA A 77 36.78 -18.67 -20.26
C ALA A 77 38.02 -18.37 -19.43
N CYS A 78 38.25 -19.09 -18.33
CA CYS A 78 39.42 -18.95 -17.42
C CYS A 78 40.71 -19.37 -18.14
N ARG A 79 40.65 -20.41 -18.97
CA ARG A 79 41.79 -20.88 -19.81
C ARG A 79 42.20 -19.75 -20.77
N LEU A 80 41.23 -19.14 -21.45
CA LEU A 80 41.45 -18.02 -22.42
C LEU A 80 41.52 -16.70 -21.64
N ALA A 91 34.38 -16.04 -27.15
CA ALA A 91 33.61 -15.51 -28.30
C ALA A 91 33.18 -16.65 -29.23
N GLN A 92 34.14 -17.41 -29.76
CA GLN A 92 33.92 -18.66 -30.54
C GLN A 92 33.32 -19.73 -29.62
N VAL A 93 33.88 -19.88 -28.41
CA VAL A 93 33.54 -20.93 -27.41
C VAL A 93 32.05 -20.82 -27.02
N LEU A 94 31.57 -19.61 -26.68
CA LEU A 94 30.21 -19.39 -26.13
C LEU A 94 29.17 -19.50 -27.26
N ALA A 95 29.50 -19.03 -28.47
CA ALA A 95 28.63 -19.09 -29.68
C ALA A 95 28.24 -20.55 -29.95
N GLN A 96 29.14 -21.50 -29.69
CA GLN A 96 28.90 -22.97 -29.80
C GLN A 96 27.92 -23.42 -28.70
N GLU A 97 28.10 -22.90 -27.49
CA GLU A 97 27.44 -23.41 -26.24
C GLU A 97 26.18 -22.60 -25.89
N ARG A 98 25.84 -21.57 -26.69
CA ARG A 98 24.68 -20.68 -26.41
C ARG A 98 23.38 -21.49 -26.47
N PRO A 99 23.15 -22.34 -27.50
CA PRO A 99 21.94 -23.17 -27.55
C PRO A 99 21.75 -24.14 -26.36
N LYS A 100 22.82 -24.41 -25.60
CA LYS A 100 22.83 -25.36 -24.46
C LYS A 100 22.60 -24.61 -23.14
N LEU A 101 22.77 -23.29 -23.14
CA LEU A 101 22.87 -22.43 -21.93
C LEU A 101 21.53 -22.20 -21.25
N PRO A 102 20.41 -21.99 -21.98
CA PRO A 102 19.11 -21.74 -21.35
C PRO A 102 18.66 -22.77 -20.29
N GLU A 103 19.15 -24.01 -20.41
CA GLU A 103 18.77 -25.15 -19.53
C GLU A 103 19.76 -25.29 -18.38
N ASP A 104 20.64 -24.30 -18.19
CA ASP A 104 21.42 -24.16 -16.93
C ASP A 104 20.44 -24.00 -15.77
N PRO A 105 20.59 -24.80 -14.69
CA PRO A 105 19.69 -24.72 -13.54
C PRO A 105 19.42 -23.33 -12.92
N LEU A 106 20.39 -22.41 -12.94
CA LEU A 106 20.19 -21.00 -12.48
C LEU A 106 19.33 -20.27 -13.52
N LEU A 107 19.70 -20.37 -14.79
CA LEU A 107 19.01 -19.69 -15.92
C LEU A 107 17.55 -20.15 -15.98
N SER A 108 17.28 -21.42 -15.70
CA SER A 108 15.94 -22.07 -15.84
C SER A 108 15.26 -22.28 -14.48
N GLY A 109 15.87 -21.77 -13.40
CA GLY A 109 15.43 -22.01 -12.00
C GLY A 109 13.97 -21.65 -11.76
N LEU A 110 13.59 -20.38 -12.01
CA LEU A 110 12.21 -19.90 -11.79
C LEU A 110 11.23 -20.67 -12.68
N LEU A 111 11.64 -21.06 -13.89
CA LEU A 111 10.77 -21.75 -14.88
C LEU A 111 10.36 -23.13 -14.36
N ASP A 112 11.26 -23.83 -13.66
CA ASP A 112 11.04 -25.19 -13.13
C ASP A 112 10.68 -25.06 -11.65
N SER A 113 9.82 -24.09 -11.32
CA SER A 113 9.44 -23.74 -9.93
C SER A 113 7.97 -23.34 -9.88
N PRO A 114 7.36 -23.34 -8.67
CA PRO A 114 5.96 -22.92 -8.53
C PRO A 114 5.66 -21.49 -9.05
N ALA A 115 6.66 -20.61 -9.15
CA ALA A 115 6.47 -19.21 -9.59
C ALA A 115 5.86 -19.18 -11.00
N LEU A 116 6.35 -20.03 -11.91
CA LEU A 116 5.82 -20.08 -13.30
C LEU A 116 4.34 -20.45 -13.28
N LYS A 117 3.97 -21.48 -12.52
CA LYS A 117 2.56 -21.97 -12.42
C LYS A 117 1.67 -20.86 -11.86
N ALA A 118 2.11 -20.16 -10.81
CA ALA A 118 1.35 -19.08 -10.16
C ALA A 118 0.97 -18.00 -11.19
N CYS A 119 1.95 -17.57 -11.98
CA CYS A 119 1.82 -16.55 -13.05
C CYS A 119 0.83 -17.05 -14.12
N LEU A 120 0.99 -18.30 -14.57
CA LEU A 120 0.14 -18.92 -15.62
C LEU A 120 -1.30 -18.99 -15.11
N ASP A 121 -1.52 -19.50 -13.90
CA ASP A 121 -2.88 -19.70 -13.33
C ASP A 121 -3.56 -18.34 -13.16
N THR A 122 -2.79 -17.28 -12.87
CA THR A 122 -3.30 -15.89 -12.76
C THR A 122 -3.88 -15.48 -14.12
N ALA A 123 -3.14 -15.66 -15.22
CA ALA A 123 -3.64 -15.40 -16.59
C ALA A 123 -4.94 -16.18 -16.84
N VAL A 124 -4.91 -17.50 -16.64
CA VAL A 124 -6.09 -18.38 -16.90
C VAL A 124 -7.32 -17.83 -16.15
N GLU A 125 -7.15 -17.53 -14.86
CA GLU A 125 -8.20 -16.99 -13.95
C GLU A 125 -8.78 -15.68 -14.51
N ASN A 126 -8.03 -14.94 -15.32
CA ASN A 126 -8.44 -13.60 -15.80
C ASN A 126 -8.91 -13.66 -17.27
N MET A 127 -9.02 -14.86 -17.86
CA MET A 127 -9.56 -15.08 -19.22
C MET A 127 -11.07 -14.96 -19.18
N PRO A 128 -11.71 -14.38 -20.24
CA PRO A 128 -13.16 -14.26 -20.28
C PRO A 128 -13.86 -15.61 -20.52
N SER A 129 -13.11 -16.61 -21.01
CA SER A 129 -13.55 -18.00 -21.27
C SER A 129 -12.46 -18.98 -20.87
N LEU A 130 -12.69 -20.27 -21.10
CA LEU A 130 -11.70 -21.36 -20.84
C LEU A 130 -10.92 -21.69 -22.11
N LYS A 131 -10.80 -20.70 -23.01
CA LYS A 131 -9.91 -20.73 -24.20
C LYS A 131 -8.78 -19.71 -23.96
N MET A 132 -7.53 -20.18 -23.96
CA MET A 132 -6.34 -19.27 -23.89
C MET A 132 -5.48 -19.52 -25.15
N LYS A 133 -5.32 -18.48 -25.98
CA LYS A 133 -4.39 -18.42 -27.13
C LYS A 133 -3.04 -17.86 -26.67
N VAL A 134 -2.01 -18.70 -26.64
CA VAL A 134 -0.64 -18.37 -26.14
C VAL A 134 0.33 -18.32 -27.32
N VAL A 135 1.19 -17.31 -27.37
CA VAL A 135 2.28 -17.15 -28.38
C VAL A 135 3.61 -16.99 -27.65
N GLU A 136 4.58 -17.87 -27.91
CA GLU A 136 5.94 -17.77 -27.36
C GLU A 136 6.85 -17.02 -28.35
N VAL A 137 7.52 -15.97 -27.88
CA VAL A 137 8.53 -15.17 -28.65
C VAL A 137 9.92 -15.75 -28.38
N LEU A 138 10.70 -15.92 -29.45
CA LEU A 138 12.10 -16.46 -29.46
C LEU A 138 12.17 -17.79 -28.68
N ALA A 139 11.29 -18.73 -29.06
CA ALA A 139 11.15 -20.04 -28.40
C ALA A 139 12.44 -20.85 -28.57
N GLY A 140 13.17 -20.62 -29.67
CA GLY A 140 14.44 -21.31 -29.97
C GLY A 140 15.32 -21.43 -28.73
N HIS A 141 15.66 -20.29 -28.11
CA HIS A 141 16.49 -20.22 -26.87
C HIS A 141 15.58 -20.07 -25.64
N GLY A 142 14.28 -19.81 -25.83
CA GLY A 142 13.30 -19.60 -24.75
C GLY A 142 12.90 -20.88 -24.03
N HIS A 143 12.52 -21.92 -24.81
CA HIS A 143 12.18 -23.29 -24.32
C HIS A 143 10.99 -23.27 -23.36
N LEU A 144 10.02 -22.38 -23.54
CA LEU A 144 8.84 -22.31 -22.62
C LEU A 144 7.76 -23.30 -23.08
N TYR A 145 7.79 -23.74 -24.35
CA TYR A 145 6.98 -24.84 -24.94
C TYR A 145 7.17 -26.15 -24.15
N SER A 146 8.33 -26.33 -23.50
CA SER A 146 8.70 -27.57 -22.76
C SER A 146 8.24 -27.49 -21.30
N ARG A 147 7.48 -26.45 -20.93
CA ARG A 147 6.99 -26.26 -19.53
C ARG A 147 5.51 -25.88 -19.53
N ILE A 148 5.13 -24.83 -20.26
CA ILE A 148 3.79 -24.16 -20.16
C ILE A 148 2.67 -25.12 -20.59
N PRO A 149 2.69 -25.72 -21.80
CA PRO A 149 1.66 -26.69 -22.17
C PRO A 149 1.45 -27.80 -21.13
N GLY A 150 2.54 -28.35 -20.60
CA GLY A 150 2.53 -29.40 -19.57
C GLY A 150 1.97 -28.92 -18.24
N LEU A 151 2.27 -27.68 -17.83
CA LEU A 151 1.73 -27.10 -16.58
C LEU A 151 0.21 -26.92 -16.71
N LEU A 152 -0.30 -26.65 -17.91
CA LEU A 152 -1.73 -26.33 -18.17
C LEU A 152 -2.52 -27.59 -18.55
N SER A 153 -1.84 -28.62 -19.06
CA SER A 153 -2.47 -29.84 -19.63
C SER A 153 -3.28 -30.58 -18.58
N PRO A 154 -2.84 -30.70 -17.31
CA PRO A 154 -3.66 -31.31 -16.25
C PRO A 154 -5.01 -30.62 -15.95
N HIS A 155 -5.25 -29.41 -16.48
CA HIS A 155 -6.53 -28.67 -16.37
C HIS A 155 -7.57 -29.32 -17.26
N PRO A 156 -8.76 -29.71 -16.73
CA PRO A 156 -9.72 -30.50 -17.50
C PRO A 156 -10.56 -29.73 -18.54
N LEU A 157 -10.80 -28.44 -18.33
CA LEU A 157 -11.72 -27.64 -19.20
C LEU A 157 -10.95 -26.69 -20.12
N LEU A 158 -9.72 -26.32 -19.78
CA LEU A 158 -8.95 -25.24 -20.46
C LEU A 158 -8.55 -25.73 -21.86
N GLN A 159 -8.98 -25.01 -22.90
CA GLN A 159 -8.63 -25.24 -24.32
C GLN A 159 -7.41 -24.37 -24.68
N LEU A 160 -6.22 -24.98 -24.75
CA LEU A 160 -4.94 -24.27 -25.01
C LEU A 160 -4.61 -24.34 -26.50
N SER A 161 -4.31 -23.19 -27.12
CA SER A 161 -3.67 -23.07 -28.46
C SER A 161 -2.33 -22.34 -28.30
N TYR A 162 -1.23 -23.08 -28.32
CA TYR A 162 0.14 -22.58 -28.06
C TYR A 162 0.94 -22.63 -29.37
N THR A 163 1.50 -21.49 -29.77
CA THR A 163 2.33 -21.31 -30.99
C THR A 163 3.74 -20.88 -30.54
N ALA A 164 4.73 -21.76 -30.72
CA ALA A 164 6.18 -21.48 -30.59
C ALA A 164 6.66 -20.76 -31.86
N THR A 165 7.10 -19.52 -31.73
CA THR A 165 7.63 -18.68 -32.84
C THR A 165 9.11 -18.36 -32.58
N ASP A 166 9.83 -18.03 -33.65
CA ASP A 166 11.21 -17.50 -33.62
C ASP A 166 11.48 -16.85 -34.98
N ARG A 167 12.67 -16.26 -35.16
CA ARG A 167 12.94 -15.37 -36.34
C ARG A 167 13.41 -16.24 -37.53
N HIS A 168 14.08 -17.37 -37.27
CA HIS A 168 14.55 -18.32 -38.30
C HIS A 168 13.92 -19.70 -38.08
N PRO A 169 13.49 -20.41 -39.15
CA PRO A 169 12.96 -21.76 -39.02
C PRO A 169 13.94 -22.76 -38.37
N GLN A 170 15.24 -22.55 -38.60
CA GLN A 170 16.35 -23.37 -38.04
C GLN A 170 16.32 -23.34 -36.51
N ALA A 171 15.87 -22.21 -35.93
CA ALA A 171 15.90 -21.92 -34.47
C ALA A 171 15.18 -23.02 -33.68
N LEU A 172 14.12 -23.61 -34.25
CA LEU A 172 13.19 -24.53 -33.54
C LEU A 172 13.32 -25.98 -34.03
N GLU A 173 14.33 -26.29 -34.84
CA GLU A 173 14.51 -27.62 -35.49
C GLU A 173 14.81 -28.70 -34.45
N ALA A 174 15.62 -28.40 -33.44
CA ALA A 174 16.10 -29.36 -32.42
C ALA A 174 14.96 -29.83 -31.51
N ALA A 175 13.86 -29.06 -31.45
CA ALA A 175 12.75 -29.20 -30.48
C ALA A 175 11.51 -29.83 -31.11
N GLN A 176 11.61 -30.30 -32.36
CA GLN A 176 10.44 -30.69 -33.21
C GLN A 176 9.67 -31.85 -32.53
N ALA A 177 10.36 -32.77 -31.86
CA ALA A 177 9.76 -33.88 -31.08
C ALA A 177 8.92 -33.33 -29.93
N GLU A 178 9.45 -32.36 -29.16
CA GLU A 178 8.77 -31.74 -28.00
C GLU A 178 7.54 -30.95 -28.47
N LEU A 179 7.64 -30.27 -29.62
CA LEU A 179 6.51 -29.44 -30.15
C LEU A 179 5.33 -30.35 -30.50
N GLN A 180 5.61 -31.51 -31.14
CA GLN A 180 4.58 -32.52 -31.53
C GLN A 180 3.95 -33.12 -30.26
N GLN A 181 4.75 -33.63 -29.33
CA GLN A 181 4.30 -34.25 -28.06
C GLN A 181 3.32 -33.33 -27.33
N HIS A 182 3.57 -32.01 -27.33
CA HIS A 182 2.81 -30.99 -26.55
C HIS A 182 1.76 -30.29 -27.42
N ASP A 183 1.64 -30.68 -28.70
CA ASP A 183 0.63 -30.17 -29.68
C ASP A 183 0.85 -28.68 -29.95
N VAL A 184 2.11 -28.24 -30.01
CA VAL A 184 2.51 -26.81 -30.17
C VAL A 184 2.60 -26.49 -31.66
N ALA A 185 1.83 -25.49 -32.13
CA ALA A 185 1.91 -24.95 -33.51
C ALA A 185 3.21 -24.15 -33.65
N GLN A 186 3.62 -23.87 -34.89
CA GLN A 186 4.90 -23.19 -35.23
C GLN A 186 4.59 -21.94 -36.06
N GLY A 187 5.42 -20.91 -35.91
CA GLY A 187 5.27 -19.62 -36.62
C GLY A 187 6.62 -18.92 -36.79
N GLN A 188 6.72 -18.01 -37.76
CA GLN A 188 7.93 -17.19 -37.98
C GLN A 188 7.60 -15.73 -37.59
N TRP A 189 8.30 -15.21 -36.57
CA TRP A 189 8.09 -13.83 -36.07
C TRP A 189 9.38 -13.30 -35.45
N ASP A 190 9.98 -12.28 -36.07
CA ASP A 190 11.02 -11.41 -35.45
C ASP A 190 10.31 -10.29 -34.70
N PRO A 191 10.40 -10.23 -33.35
CA PRO A 191 9.60 -9.27 -32.57
C PRO A 191 9.99 -7.81 -32.82
N ALA A 192 11.09 -7.57 -33.54
CA ALA A 192 11.47 -6.26 -34.11
C ALA A 192 10.39 -5.75 -35.07
N ASP A 193 9.59 -6.66 -35.65
CA ASP A 193 8.52 -6.33 -36.64
C ASP A 193 7.16 -6.44 -35.98
N PRO A 194 6.09 -5.89 -36.60
CA PRO A 194 4.72 -6.27 -36.23
C PRO A 194 4.52 -7.79 -36.30
N ALA A 195 3.60 -8.33 -35.49
CA ALA A 195 3.29 -9.78 -35.46
C ALA A 195 2.51 -10.15 -36.72
N PRO A 196 2.71 -11.35 -37.30
CA PRO A 196 1.78 -11.90 -38.30
C PRO A 196 0.32 -11.91 -37.82
N SER A 197 -0.65 -11.65 -38.71
CA SER A 197 -2.10 -11.60 -38.40
C SER A 197 -2.50 -12.80 -37.55
N ALA A 198 -2.18 -14.01 -38.03
CA ALA A 198 -2.46 -15.32 -37.39
C ALA A 198 -2.30 -15.23 -35.87
N LEU A 199 -1.23 -14.59 -35.38
CA LEU A 199 -0.82 -14.60 -33.94
C LEU A 199 -1.42 -13.41 -33.18
N GLY A 200 -2.29 -12.62 -33.81
CA GLY A 200 -2.94 -11.44 -33.21
C GLY A 200 -4.08 -11.82 -32.27
N SER A 201 -4.55 -10.86 -31.47
CA SER A 201 -5.60 -11.05 -30.43
C SER A 201 -5.21 -12.20 -29.49
N ALA A 202 -3.90 -12.38 -29.23
CA ALA A 202 -3.39 -13.37 -28.25
C ALA A 202 -3.91 -13.00 -26.86
N ASP A 203 -4.11 -14.02 -26.01
CA ASP A 203 -4.56 -13.86 -24.61
C ASP A 203 -3.33 -13.67 -23.71
N LEU A 204 -2.25 -14.38 -24.04
CA LEU A 204 -0.99 -14.42 -23.28
C LEU A 204 0.18 -14.49 -24.28
N LEU A 205 1.16 -13.60 -24.15
CA LEU A 205 2.49 -13.72 -24.81
C LEU A 205 3.53 -14.07 -23.76
N VAL A 206 4.38 -15.06 -24.05
CA VAL A 206 5.44 -15.53 -23.13
C VAL A 206 6.79 -15.42 -23.85
N CYS A 207 7.83 -15.08 -23.10
CA CYS A 207 9.20 -14.87 -23.64
C CYS A 207 10.20 -15.08 -22.51
N ASN A 208 11.00 -16.13 -22.60
CA ASN A 208 12.19 -16.34 -21.76
C ASN A 208 13.37 -15.72 -22.51
N CYS A 209 13.69 -14.45 -22.22
CA CYS A 209 14.86 -13.75 -22.80
C CYS A 209 16.04 -13.74 -21.79
N ALA A 210 16.16 -14.75 -20.94
CA ALA A 210 17.39 -15.03 -20.15
C ALA A 210 18.60 -15.13 -21.09
N VAL A 211 18.45 -15.83 -22.22
CA VAL A 211 19.54 -16.11 -23.21
C VAL A 211 19.21 -15.46 -24.55
N ALA A 212 17.98 -15.60 -25.04
CA ALA A 212 17.50 -15.03 -26.33
C ALA A 212 17.54 -13.49 -26.27
N ALA A 213 17.89 -12.85 -27.39
CA ALA A 213 18.05 -11.38 -27.53
C ALA A 213 16.85 -10.81 -28.29
N LEU A 214 16.07 -9.94 -27.64
CA LEU A 214 14.89 -9.24 -28.22
C LEU A 214 15.32 -8.28 -29.33
N GLY A 215 16.59 -7.83 -29.30
CA GLY A 215 17.06 -6.61 -29.97
C GLY A 215 16.64 -5.40 -29.15
N ASP A 216 16.33 -4.28 -29.83
CA ASP A 216 15.76 -3.06 -29.19
C ASP A 216 14.58 -3.49 -28.34
N PRO A 217 14.69 -3.48 -26.99
CA PRO A 217 13.60 -3.95 -26.13
C PRO A 217 12.28 -3.17 -26.25
N ALA A 218 12.32 -1.84 -26.40
CA ALA A 218 11.11 -0.98 -26.50
C ALA A 218 10.30 -1.33 -27.76
N SER A 219 10.99 -1.50 -28.89
CA SER A 219 10.42 -1.94 -30.20
C SER A 219 9.81 -3.34 -30.05
N ALA A 220 10.60 -4.28 -29.56
CA ALA A 220 10.19 -5.69 -29.32
C ALA A 220 8.91 -5.72 -28.47
N LEU A 221 8.93 -5.09 -27.29
CA LEU A 221 7.79 -5.07 -26.33
C LEU A 221 6.57 -4.39 -26.97
N SER A 222 6.79 -3.25 -27.62
CA SER A 222 5.74 -2.50 -28.37
C SER A 222 5.00 -3.46 -29.32
N ASN A 223 5.73 -4.24 -30.13
CA ASN A 223 5.12 -5.17 -31.11
C ASN A 223 4.41 -6.30 -30.36
N MET A 224 4.98 -6.77 -29.25
CA MET A 224 4.42 -7.85 -28.41
C MET A 224 3.07 -7.42 -27.80
N VAL A 225 2.94 -6.15 -27.40
CA VAL A 225 1.70 -5.57 -26.80
C VAL A 225 0.61 -5.53 -27.89
N ALA A 226 0.90 -4.99 -29.06
CA ALA A 226 -0.06 -4.87 -30.19
C ALA A 226 -0.64 -6.24 -30.53
N ALA A 227 0.17 -7.30 -30.38
CA ALA A 227 -0.20 -8.71 -30.62
C ALA A 227 -1.17 -9.23 -29.55
N LEU A 228 -1.28 -8.56 -28.40
CA LEU A 228 -2.22 -8.93 -27.32
C LEU A 228 -3.57 -8.24 -27.53
N ARG A 229 -4.67 -8.94 -27.22
CA ARG A 229 -6.00 -8.31 -27.02
C ARG A 229 -5.90 -7.39 -25.81
N GLU A 230 -6.79 -6.41 -25.67
CA GLU A 230 -6.90 -5.62 -24.43
C GLU A 230 -7.16 -6.59 -23.27
N GLY A 231 -6.49 -6.39 -22.14
CA GLY A 231 -6.62 -7.26 -20.95
C GLY A 231 -5.85 -8.57 -21.10
N GLY A 232 -5.18 -8.77 -22.24
CA GLY A 232 -4.23 -9.88 -22.44
C GLY A 232 -2.98 -9.69 -21.59
N PHE A 233 -2.25 -10.77 -21.33
CA PHE A 233 -1.11 -10.81 -20.39
C PHE A 233 0.19 -10.98 -21.16
N LEU A 234 1.25 -10.34 -20.67
CA LEU A 234 2.65 -10.63 -21.07
C LEU A 234 3.36 -11.27 -19.87
N LEU A 235 4.02 -12.40 -20.09
CA LEU A 235 4.87 -13.11 -19.10
C LEU A 235 6.30 -13.15 -19.64
N LEU A 236 7.18 -12.37 -19.04
CA LEU A 236 8.60 -12.22 -19.47
C LEU A 236 9.48 -12.83 -18.37
N HIS A 237 10.37 -13.76 -18.74
CA HIS A 237 11.44 -14.28 -17.87
C HIS A 237 12.78 -13.67 -18.32
N THR A 238 13.56 -13.14 -17.39
CA THR A 238 14.83 -12.46 -17.72
C THR A 238 15.74 -12.39 -16.48
N LEU A 239 16.98 -11.98 -16.69
CA LEU A 239 18.01 -11.77 -15.64
C LEU A 239 18.12 -10.27 -15.39
N LEU A 240 18.25 -9.89 -14.13
CA LEU A 240 18.33 -8.48 -13.70
C LEU A 240 19.80 -8.10 -13.56
N ARG A 241 20.22 -7.02 -14.23
CA ARG A 241 21.51 -6.33 -13.93
C ARG A 241 21.39 -5.75 -12.52
N GLY A 242 22.50 -5.75 -11.75
CA GLY A 242 22.52 -5.36 -10.33
C GLY A 242 22.32 -6.55 -9.41
N HIS A 243 22.09 -7.75 -9.97
CA HIS A 243 21.97 -9.03 -9.22
C HIS A 243 23.05 -9.98 -9.71
N PRO A 244 23.51 -10.94 -8.87
CA PRO A 244 24.68 -11.75 -9.21
C PRO A 244 24.62 -12.39 -10.59
N LEU A 245 23.52 -13.08 -10.93
CA LEU A 245 23.43 -13.91 -12.15
C LEU A 245 23.54 -13.02 -13.40
N GLY A 246 22.82 -11.91 -13.44
CA GLY A 246 22.82 -10.98 -14.58
C GLY A 246 24.21 -10.38 -14.81
N ASP A 247 24.84 -9.91 -13.73
CA ASP A 247 26.18 -9.27 -13.72
C ASP A 247 27.23 -10.28 -14.20
N ILE A 248 27.08 -11.55 -13.81
CA ILE A 248 27.97 -12.66 -14.25
C ILE A 248 27.84 -12.82 -15.77
N VAL A 249 26.62 -13.03 -16.26
CA VAL A 249 26.32 -13.23 -17.72
C VAL A 249 26.69 -11.96 -18.48
N ALA A 250 26.44 -10.78 -17.91
CA ALA A 250 26.77 -9.45 -18.48
C ALA A 250 28.28 -9.36 -18.71
N PHE A 251 29.08 -9.67 -17.68
CA PHE A 251 30.56 -9.64 -17.72
C PHE A 251 31.07 -10.65 -18.76
N LEU A 252 30.43 -11.81 -18.87
CA LEU A 252 30.89 -12.94 -19.71
C LEU A 252 30.75 -12.58 -21.20
N THR A 253 29.66 -11.91 -21.58
CA THR A 253 29.37 -11.50 -22.97
C THR A 253 29.86 -10.05 -23.19
N SER A 254 31.18 -9.84 -23.08
CA SER A 254 31.86 -8.54 -23.37
C SER A 254 33.35 -8.78 -23.59
N GLN A 261 19.98 -2.73 -25.16
CA GLN A 261 20.01 -4.16 -25.57
C GLN A 261 20.94 -4.95 -24.65
N GLY A 262 20.54 -6.16 -24.27
CA GLY A 262 21.29 -7.06 -23.36
C GLY A 262 20.56 -7.25 -22.04
N ILE A 263 21.30 -7.16 -20.94
CA ILE A 263 20.81 -7.43 -19.55
C ILE A 263 20.49 -6.09 -18.90
N LEU A 264 19.22 -5.87 -18.54
CA LEU A 264 18.69 -4.58 -18.01
C LEU A 264 18.45 -4.69 -16.50
N SER A 265 18.50 -3.55 -15.82
CA SER A 265 18.06 -3.41 -14.40
C SER A 265 16.54 -3.64 -14.34
N GLN A 266 16.02 -3.91 -13.14
CA GLN A 266 14.56 -4.02 -12.89
C GLN A 266 13.89 -2.71 -13.29
N ASP A 267 14.43 -1.59 -12.82
CA ASP A 267 13.94 -0.21 -13.08
C ASP A 267 13.78 0.02 -14.58
N ALA A 268 14.74 -0.40 -15.41
CA ALA A 268 14.74 -0.25 -16.88
C ALA A 268 13.56 -1.03 -17.48
N TRP A 269 13.42 -2.30 -17.10
CA TRP A 269 12.28 -3.18 -17.49
C TRP A 269 10.94 -2.53 -17.11
N GLU A 270 10.84 -2.04 -15.86
CA GLU A 270 9.58 -1.49 -15.32
C GLU A 270 9.30 -0.16 -16.01
N SER A 271 10.34 0.63 -16.34
CA SER A 271 10.21 1.84 -17.18
C SER A 271 9.69 1.44 -18.57
N LEU A 272 10.26 0.39 -19.17
CA LEU A 272 9.88 -0.11 -20.52
C LEU A 272 8.40 -0.53 -20.53
N PHE A 273 7.92 -1.24 -19.50
CA PHE A 273 6.49 -1.67 -19.39
C PHE A 273 5.56 -0.45 -19.43
N SER A 274 5.80 0.56 -18.59
CA SER A 274 5.05 1.85 -18.60
C SER A 274 5.13 2.49 -19.99
N ARG A 275 6.31 2.50 -20.62
CA ARG A 275 6.54 3.13 -21.95
C ARG A 275 5.56 2.54 -22.97
N VAL A 276 5.39 1.22 -22.99
CA VAL A 276 4.52 0.48 -23.96
C VAL A 276 3.11 0.26 -23.37
N SER A 277 2.79 0.87 -22.23
CA SER A 277 1.43 0.95 -21.63
C SER A 277 1.03 -0.39 -21.02
N LEU A 278 1.99 -1.19 -20.53
CA LEU A 278 1.73 -2.44 -19.77
C LEU A 278 1.60 -2.09 -18.27
N ARG A 279 0.74 -2.81 -17.55
CA ARG A 279 0.67 -2.74 -16.07
C ARG A 279 1.27 -4.01 -15.48
N LEU A 280 2.29 -3.86 -14.63
CA LEU A 280 2.89 -4.97 -13.87
C LEU A 280 1.88 -5.42 -12.82
N VAL A 281 1.43 -6.69 -12.90
CA VAL A 281 0.41 -7.26 -11.98
C VAL A 281 0.98 -8.43 -11.18
N GLY A 282 2.18 -8.92 -11.52
CA GLY A 282 2.87 -9.99 -10.79
C GLY A 282 4.37 -9.94 -10.97
N LEU A 283 5.12 -10.28 -9.91
CA LEU A 283 6.60 -10.19 -9.91
C LEU A 283 7.16 -11.30 -9.03
N LYS A 284 7.98 -12.17 -9.62
CA LYS A 284 8.67 -13.29 -8.94
C LYS A 284 10.18 -13.11 -9.13
N LYS A 285 10.91 -12.88 -8.06
CA LYS A 285 12.38 -12.67 -8.10
C LYS A 285 13.07 -13.80 -7.33
N SER A 286 13.94 -14.53 -8.02
CA SER A 286 14.87 -15.52 -7.40
C SER A 286 15.88 -14.76 -6.53
N PHE A 287 16.60 -15.49 -5.68
CA PHE A 287 17.61 -14.93 -4.75
C PHE A 287 18.83 -14.43 -5.54
N TYR A 288 18.95 -14.79 -6.82
CA TYR A 288 20.10 -14.41 -7.69
C TYR A 288 19.65 -13.49 -8.84
N GLY A 289 18.42 -12.97 -8.80
CA GLY A 289 17.93 -11.93 -9.71
C GLY A 289 17.52 -12.44 -11.08
N SER A 290 17.15 -13.71 -11.20
CA SER A 290 16.28 -14.17 -12.31
C SER A 290 14.85 -13.74 -11.95
N THR A 291 14.08 -13.27 -12.93
CA THR A 291 12.78 -12.63 -12.68
C THR A 291 11.75 -13.12 -13.69
N LEU A 292 10.54 -13.42 -13.20
CA LEU A 292 9.29 -13.47 -13.98
C LEU A 292 8.53 -12.15 -13.74
N PHE A 293 8.29 -11.39 -14.82
CA PHE A 293 7.38 -10.22 -14.85
C PHE A 293 6.03 -10.67 -15.44
N LEU A 294 4.92 -10.54 -14.70
CA LEU A 294 3.55 -10.75 -15.25
C LEU A 294 2.93 -9.37 -15.49
N CYS A 295 2.71 -9.01 -16.76
CA CYS A 295 2.14 -7.71 -17.15
C CYS A 295 0.84 -7.95 -17.92
N ARG A 296 0.05 -6.89 -18.03
CA ARG A 296 -1.30 -6.91 -18.63
C ARG A 296 -1.48 -5.64 -19.46
N ARG A 297 -1.97 -5.79 -20.68
CA ARG A 297 -2.39 -4.64 -21.52
C ARG A 297 -3.68 -4.09 -20.92
N PRO A 298 -3.76 -2.78 -20.59
CA PRO A 298 -4.96 -2.21 -19.99
C PRO A 298 -6.18 -2.29 -20.91
N THR A 299 -7.37 -2.26 -20.31
CA THR A 299 -8.68 -2.27 -20.99
C THR A 299 -9.41 -0.97 -20.66
N PRO A 300 -10.07 -0.30 -21.64
CA PRO A 300 -10.94 0.83 -21.34
C PRO A 300 -12.03 0.40 -20.35
N GLN A 301 -11.99 0.91 -19.12
CA GLN A 301 -12.85 0.46 -17.99
C GLN A 301 -14.08 1.37 -17.90
N ASP A 302 -15.28 0.79 -18.05
CA ASP A 302 -16.55 1.45 -17.71
C ASP A 302 -16.62 1.59 -16.18
N SER A 303 -17.52 2.44 -15.67
CA SER A 303 -17.66 2.74 -14.23
C SER A 303 -17.83 1.43 -13.46
N PRO A 304 -17.05 1.18 -12.38
CA PRO A 304 -17.20 -0.04 -11.60
C PRO A 304 -18.41 0.00 -10.66
N ILE A 305 -19.11 -1.13 -10.50
CA ILE A 305 -20.15 -1.33 -9.45
C ILE A 305 -19.49 -2.02 -8.25
N PHE A 306 -19.59 -1.41 -7.07
CA PHE A 306 -19.16 -2.00 -5.77
C PHE A 306 -20.39 -2.56 -5.06
N LEU A 307 -20.29 -3.79 -4.53
CA LEU A 307 -21.37 -4.47 -3.78
C LEU A 307 -20.76 -5.14 -2.54
N PRO A 308 -20.97 -4.58 -1.32
CA PRO A 308 -20.63 -5.28 -0.09
C PRO A 308 -21.36 -6.63 -0.03
N VAL A 309 -20.66 -7.69 0.36
CA VAL A 309 -21.23 -9.07 0.45
C VAL A 309 -20.94 -9.64 1.84
N ASP A 310 -20.92 -8.76 2.85
CA ASP A 310 -20.61 -9.07 4.27
C ASP A 310 -21.89 -9.36 5.06
N ASP A 311 -23.04 -8.82 4.64
CA ASP A 311 -24.35 -8.97 5.33
C ASP A 311 -24.65 -10.46 5.55
N THR A 312 -24.78 -10.86 6.82
CA THR A 312 -24.99 -12.26 7.27
C THR A 312 -26.36 -12.78 6.82
N SER A 313 -27.29 -11.88 6.43
CA SER A 313 -28.65 -12.24 5.92
C SER A 313 -28.64 -12.51 4.41
N PHE A 314 -27.51 -12.26 3.71
CA PHE A 314 -27.35 -12.51 2.25
C PHE A 314 -28.36 -11.68 1.45
N ARG A 315 -28.71 -10.49 1.92
CA ARG A 315 -29.62 -9.56 1.21
C ARG A 315 -28.93 -9.09 -0.07
N TRP A 316 -27.59 -9.06 -0.06
CA TRP A 316 -26.73 -8.69 -1.24
C TRP A 316 -26.98 -9.63 -2.43
N VAL A 317 -27.61 -10.79 -2.21
CA VAL A 317 -27.86 -11.79 -3.30
C VAL A 317 -28.85 -11.17 -4.28
N GLU A 318 -29.96 -10.63 -3.78
CA GLU A 318 -31.01 -9.93 -4.57
C GLU A 318 -30.40 -8.74 -5.33
N SER A 319 -29.55 -7.95 -4.65
CA SER A 319 -28.82 -6.80 -5.26
C SER A 319 -28.03 -7.30 -6.48
N LEU A 320 -27.19 -8.32 -6.29
CA LEU A 320 -26.27 -8.86 -7.33
C LEU A 320 -27.10 -9.40 -8.51
N LYS A 321 -28.21 -10.08 -8.23
CA LYS A 321 -29.16 -10.62 -9.25
C LYS A 321 -29.64 -9.49 -10.17
N GLY A 322 -30.09 -8.37 -9.61
CA GLY A 322 -30.55 -7.19 -10.36
C GLY A 322 -29.44 -6.57 -11.20
N ILE A 323 -28.22 -6.56 -10.66
CA ILE A 323 -27.01 -6.00 -11.33
C ILE A 323 -26.64 -6.85 -12.56
N LEU A 324 -26.63 -8.18 -12.42
CA LEU A 324 -26.24 -9.11 -13.51
C LEU A 324 -27.42 -9.33 -14.47
N ALA A 325 -28.66 -9.08 -14.03
CA ALA A 325 -29.89 -9.17 -14.84
C ALA A 325 -29.82 -8.20 -16.02
N ASP A 326 -29.12 -7.07 -15.85
CA ASP A 326 -28.93 -6.01 -16.86
C ASP A 326 -27.87 -6.48 -17.87
N GLU A 327 -28.26 -7.35 -18.81
CA GLU A 327 -27.32 -7.97 -19.79
C GLU A 327 -26.64 -6.87 -20.63
N ASP A 328 -27.33 -5.74 -20.84
CA ASP A 328 -26.82 -4.57 -21.59
C ASP A 328 -25.52 -4.07 -20.95
N SER A 329 -25.48 -3.97 -19.62
CA SER A 329 -24.37 -3.34 -18.85
C SER A 329 -23.08 -4.17 -18.98
N ALA A 330 -21.98 -3.50 -19.32
CA ALA A 330 -20.61 -4.04 -19.37
C ALA A 330 -19.79 -3.44 -18.22
N ARG A 331 -20.46 -2.83 -17.25
CA ARG A 331 -19.81 -2.27 -16.03
C ARG A 331 -19.27 -3.41 -15.18
N PRO A 332 -17.97 -3.40 -14.82
CA PRO A 332 -17.41 -4.42 -13.93
C PRO A 332 -18.06 -4.35 -12.55
N VAL A 333 -18.27 -5.52 -11.95
CA VAL A 333 -18.97 -5.69 -10.64
C VAL A 333 -17.95 -6.16 -9.62
N TRP A 334 -17.66 -5.33 -8.63
CA TRP A 334 -16.63 -5.56 -7.58
C TRP A 334 -17.32 -5.95 -6.29
N LEU A 335 -17.35 -7.24 -5.97
CA LEU A 335 -17.81 -7.74 -4.64
C LEU A 335 -16.72 -7.38 -3.62
N LYS A 336 -17.10 -6.66 -2.57
CA LYS A 336 -16.20 -6.22 -1.47
C LYS A 336 -16.51 -7.03 -0.20
N ALA A 337 -15.56 -7.83 0.28
CA ALA A 337 -15.56 -8.41 1.64
C ALA A 337 -14.45 -7.71 2.46
N ILE A 338 -14.80 -6.72 3.29
CA ILE A 338 -13.81 -5.87 4.02
C ILE A 338 -13.97 -6.02 5.54
N ASN A 339 -15.05 -6.65 6.01
CA ASN A 339 -15.41 -6.63 7.45
C ASN A 339 -15.36 -8.04 8.05
N CYS A 340 -15.02 -9.08 7.26
CA CYS A 340 -15.10 -10.50 7.70
C CYS A 340 -14.04 -11.36 7.01
N ALA A 341 -13.02 -11.77 7.77
CA ALA A 341 -11.89 -12.58 7.31
C ALA A 341 -12.36 -13.94 6.79
N THR A 342 -13.54 -14.42 7.19
CA THR A 342 -14.05 -15.77 6.84
C THR A 342 -15.07 -15.71 5.69
N SER A 343 -15.19 -14.57 4.99
CA SER A 343 -16.06 -14.47 3.79
C SER A 343 -15.67 -15.55 2.76
N GLY A 344 -16.66 -16.19 2.15
CA GLY A 344 -16.46 -17.19 1.08
C GLY A 344 -16.53 -16.56 -0.31
N VAL A 345 -16.31 -15.25 -0.41
CA VAL A 345 -16.46 -14.46 -1.66
C VAL A 345 -15.66 -15.11 -2.80
N VAL A 346 -14.50 -15.70 -2.50
CA VAL A 346 -13.57 -16.25 -3.52
C VAL A 346 -14.23 -17.44 -4.22
N GLY A 347 -14.73 -18.41 -3.46
CA GLY A 347 -15.52 -19.53 -4.00
C GLY A 347 -16.77 -19.04 -4.74
N LEU A 348 -17.44 -18.02 -4.20
CA LEU A 348 -18.59 -17.37 -4.86
C LEU A 348 -18.17 -16.94 -6.27
N VAL A 349 -17.13 -16.09 -6.34
CA VAL A 349 -16.67 -15.49 -7.62
C VAL A 349 -16.37 -16.62 -8.62
N ASN A 350 -15.65 -17.66 -8.21
CA ASN A 350 -15.23 -18.80 -9.10
C ASN A 350 -16.47 -19.40 -9.77
N CYS A 351 -17.57 -19.55 -9.04
CA CYS A 351 -18.85 -20.15 -9.54
C CYS A 351 -19.58 -19.17 -10.46
N LEU A 352 -19.65 -17.90 -10.08
CA LEU A 352 -20.40 -16.85 -10.84
C LEU A 352 -19.65 -16.50 -12.14
N ARG A 353 -18.33 -16.70 -12.19
CA ARG A 353 -17.55 -16.45 -13.43
C ARG A 353 -17.91 -17.51 -14.49
N ARG A 354 -18.54 -18.62 -14.09
CA ARG A 354 -18.93 -19.72 -15.01
CA ARG A 354 -18.94 -19.74 -14.99
C ARG A 354 -20.37 -19.51 -15.52
N GLU A 355 -21.06 -18.50 -14.98
CA GLU A 355 -22.47 -18.21 -15.31
C GLU A 355 -22.55 -17.01 -16.26
N PRO A 356 -23.64 -16.90 -17.05
CA PRO A 356 -23.88 -15.73 -17.89
C PRO A 356 -23.63 -14.38 -17.19
N GLY A 357 -22.80 -13.53 -17.82
CA GLY A 357 -22.39 -12.21 -17.28
C GLY A 357 -21.24 -12.30 -16.29
N GLY A 358 -20.68 -13.51 -16.10
CA GLY A 358 -19.59 -13.78 -15.14
C GLY A 358 -18.31 -13.03 -15.49
N ASN A 359 -18.03 -12.84 -16.79
CA ASN A 359 -16.90 -12.02 -17.32
C ASN A 359 -16.74 -10.75 -16.47
N ARG A 360 -17.86 -10.16 -16.01
CA ARG A 360 -17.92 -8.82 -15.36
C ARG A 360 -17.36 -8.86 -13.92
N LEU A 361 -17.28 -10.04 -13.29
CA LEU A 361 -17.10 -10.15 -11.82
C LEU A 361 -15.62 -10.04 -11.42
N ARG A 362 -15.38 -9.24 -10.38
CA ARG A 362 -14.10 -9.15 -9.63
C ARG A 362 -14.48 -9.12 -8.16
N CYS A 363 -13.52 -9.36 -7.26
CA CYS A 363 -13.77 -9.20 -5.81
C CYS A 363 -12.54 -8.60 -5.13
N VAL A 364 -12.80 -7.99 -3.97
CA VAL A 364 -11.76 -7.63 -2.96
C VAL A 364 -12.12 -8.37 -1.67
N LEU A 365 -11.16 -9.09 -1.11
CA LEU A 365 -11.27 -9.77 0.20
C LEU A 365 -10.12 -9.30 1.09
N LEU A 366 -10.45 -8.71 2.24
CA LEU A 366 -9.49 -8.48 3.36
C LEU A 366 -9.59 -9.67 4.32
N SER A 367 -8.47 -10.36 4.52
CA SER A 367 -8.42 -11.63 5.28
C SER A 367 -7.08 -11.76 6.00
N ASN A 368 -6.89 -10.98 7.07
CA ASN A 368 -5.72 -11.07 7.96
C ASN A 368 -5.89 -12.30 8.85
N LEU A 369 -4.86 -13.13 8.97
CA LEU A 369 -4.78 -14.24 9.95
C LEU A 369 -4.42 -13.69 11.34
N SER A 370 -3.72 -12.56 11.39
CA SER A 370 -3.26 -11.89 12.64
C SER A 370 -4.19 -10.72 12.97
N SER A 371 -4.67 -10.67 14.21
CA SER A 371 -5.48 -9.54 14.76
C SER A 371 -4.60 -8.28 14.84
N THR A 372 -3.27 -8.46 14.86
CA THR A 372 -2.26 -7.38 14.98
C THR A 372 -2.03 -6.70 13.61
N SER A 373 -2.41 -7.35 12.51
CA SER A 373 -2.21 -6.83 11.12
C SER A 373 -3.10 -5.61 10.87
N HIS A 374 -2.54 -4.58 10.22
CA HIS A 374 -3.29 -3.41 9.70
C HIS A 374 -4.33 -3.88 8.70
N VAL A 375 -5.55 -3.32 8.77
CA VAL A 375 -6.64 -3.50 7.76
C VAL A 375 -6.66 -2.26 6.86
N PRO A 376 -6.22 -2.38 5.58
CA PRO A 376 -6.17 -1.22 4.69
C PRO A 376 -7.56 -0.68 4.34
N GLU A 377 -7.66 0.63 4.17
CA GLU A 377 -8.88 1.35 3.69
C GLU A 377 -8.96 1.18 2.18
N VAL A 378 -10.10 0.70 1.67
CA VAL A 378 -10.30 0.31 0.25
C VAL A 378 -11.56 1.00 -0.30
N ASP A 379 -11.89 2.18 0.23
CA ASP A 379 -13.07 2.97 -0.21
C ASP A 379 -12.70 3.64 -1.54
N PRO A 380 -13.69 4.01 -2.38
CA PRO A 380 -13.43 4.44 -3.77
C PRO A 380 -12.28 5.42 -3.98
N GLY A 381 -12.13 6.42 -3.09
CA GLY A 381 -11.12 7.48 -3.21
C GLY A 381 -9.71 6.96 -2.99
N SER A 382 -9.55 5.94 -2.15
CA SER A 382 -8.27 5.50 -1.53
C SER A 382 -7.26 5.07 -2.59
N ALA A 383 -5.97 5.09 -2.23
CA ALA A 383 -4.82 4.70 -3.07
C ALA A 383 -4.80 3.18 -3.26
N GLU A 384 -5.00 2.43 -2.16
CA GLU A 384 -4.87 0.95 -2.12
C GLU A 384 -5.87 0.33 -3.12
N LEU A 385 -7.04 0.95 -3.30
CA LEU A 385 -8.09 0.46 -4.22
C LEU A 385 -7.70 0.78 -5.68
N GLN A 386 -7.17 1.99 -5.94
CA GLN A 386 -6.81 2.45 -7.31
C GLN A 386 -5.80 1.47 -7.92
N LYS A 387 -4.83 0.99 -7.14
CA LYS A 387 -3.82 -0.02 -7.53
C LYS A 387 -4.56 -1.28 -7.99
N VAL A 388 -5.46 -1.79 -7.15
CA VAL A 388 -6.29 -3.00 -7.40
C VAL A 388 -7.07 -2.81 -8.72
N LEU A 389 -7.69 -1.64 -8.91
CA LEU A 389 -8.53 -1.32 -10.10
C LEU A 389 -7.67 -1.29 -11.37
N GLN A 390 -6.44 -0.77 -11.29
CA GLN A 390 -5.52 -0.64 -12.45
C GLN A 390 -5.09 -2.04 -12.92
N GLY A 391 -4.77 -2.94 -11.99
CA GLY A 391 -4.46 -4.36 -12.28
C GLY A 391 -5.68 -5.08 -12.83
N ASP A 392 -6.86 -4.77 -12.28
CA ASP A 392 -8.19 -5.29 -12.69
C ASP A 392 -8.20 -6.83 -12.65
N LEU A 393 -7.49 -7.44 -11.71
CA LEU A 393 -7.51 -8.91 -11.50
C LEU A 393 -8.85 -9.31 -10.87
N VAL A 394 -9.32 -10.52 -11.16
CA VAL A 394 -10.58 -11.09 -10.57
C VAL A 394 -10.40 -11.20 -9.05
N MET A 395 -9.25 -11.72 -8.60
CA MET A 395 -8.99 -12.12 -7.20
C MET A 395 -7.97 -11.16 -6.58
N ASN A 396 -8.43 -10.36 -5.63
CA ASN A 396 -7.60 -9.39 -4.86
C ASN A 396 -7.82 -9.70 -3.39
N VAL A 397 -6.92 -10.50 -2.83
CA VAL A 397 -6.98 -10.95 -1.41
C VAL A 397 -5.83 -10.26 -0.69
N TYR A 398 -6.15 -9.50 0.36
CA TYR A 398 -5.15 -8.86 1.26
C TYR A 398 -5.00 -9.69 2.53
N ARG A 399 -3.78 -10.16 2.81
CA ARG A 399 -3.48 -10.99 4.00
C ARG A 399 -2.18 -10.51 4.65
N ASP A 400 -2.29 -9.82 5.78
CA ASP A 400 -1.17 -9.53 6.71
C ASP A 400 -0.06 -8.81 5.94
N GLY A 401 -0.42 -7.79 5.14
CA GLY A 401 0.56 -6.83 4.57
C GLY A 401 0.71 -6.91 3.07
N ALA A 402 0.29 -8.00 2.42
CA ALA A 402 0.52 -8.23 0.97
C ALA A 402 -0.81 -8.47 0.25
N TRP A 403 -0.86 -8.03 -1.00
CA TRP A 403 -1.92 -8.37 -1.97
C TRP A 403 -1.49 -9.62 -2.72
N GLY A 404 -2.42 -10.55 -2.90
CA GLY A 404 -2.19 -11.82 -3.62
C GLY A 404 -3.51 -12.49 -3.93
N ALA A 405 -3.48 -13.81 -4.07
CA ALA A 405 -4.66 -14.64 -4.36
C ALA A 405 -4.32 -16.08 -4.00
N PHE A 406 -5.32 -16.92 -3.75
CA PHE A 406 -5.12 -18.36 -3.48
C PHE A 406 -4.79 -19.06 -4.81
N ARG A 407 -3.68 -19.77 -4.84
CA ARG A 407 -3.21 -20.51 -6.04
C ARG A 407 -3.03 -21.98 -5.65
N HIS A 408 -3.06 -22.85 -6.65
CA HIS A 408 -2.86 -24.32 -6.50
C HIS A 408 -1.41 -24.67 -6.86
N PHE A 409 -0.79 -25.54 -6.08
CA PHE A 409 0.60 -26.03 -6.31
C PHE A 409 0.60 -27.55 -6.12
N LEU A 410 1.25 -28.26 -7.05
CA LEU A 410 1.47 -29.72 -6.97
C LEU A 410 2.04 -30.03 -5.58
N LEU A 411 1.45 -30.99 -4.88
CA LEU A 411 1.90 -31.45 -3.55
C LEU A 411 3.22 -32.22 -3.71
N GLU A 412 3.99 -32.36 -2.63
CA GLU A 412 5.38 -32.91 -2.67
C GLU A 412 5.35 -34.44 -2.59
N GLU A 413 4.99 -35.04 -1.44
CA GLU A 413 5.28 -36.47 -1.10
C GLU A 413 4.46 -37.42 -1.98
N ASP A 414 3.12 -37.29 -1.94
CA ASP A 414 2.18 -38.18 -2.69
C ASP A 414 2.44 -39.64 -2.27
N SER A 417 2.24 -43.63 4.12
CA SER A 417 2.48 -44.16 5.49
C SER A 417 1.19 -44.03 6.32
N LYS A 418 0.48 -45.15 6.53
CA LYS A 418 -0.89 -45.18 7.10
C LYS A 418 -0.91 -44.58 8.51
N THR A 419 -1.94 -43.77 8.78
CA THR A 419 -2.20 -43.06 10.06
C THR A 419 -2.88 -44.03 11.03
N PHE A 420 -2.87 -43.69 12.31
CA PHE A 420 -3.52 -44.44 13.41
C PHE A 420 -4.11 -43.41 14.35
N CAF A 421 -5.19 -43.78 15.04
CA CAF A 421 -5.89 -42.84 15.90
CB CAF A 421 -7.37 -42.80 15.50
C CAF A 421 -5.87 -43.27 17.38
O CAF A 421 -6.01 -44.44 17.68
SG CAF A 421 -7.61 -42.34 13.81
AS CAF A 421 -6.86 -40.29 13.65
CE1 CAF A 421 -6.55 -39.54 15.41
CE2 CAF A 421 -8.26 -39.25 12.75
O1 CAF A 421 -5.51 -40.24 12.52
N PRO A 422 -5.71 -42.32 18.33
CA PRO A 422 -5.91 -42.60 19.75
C PRO A 422 -7.28 -43.24 20.00
N ALA A 423 -7.30 -44.49 20.47
CA ALA A 423 -8.50 -45.34 20.62
C ALA A 423 -9.37 -44.85 21.78
N HIS A 424 -8.82 -44.07 22.72
CA HIS A 424 -9.56 -43.58 23.92
C HIS A 424 -10.40 -42.34 23.58
N LYS A 425 -10.09 -41.62 22.50
CA LYS A 425 -10.75 -40.32 22.20
C LYS A 425 -12.04 -40.57 21.41
N SER A 426 -12.94 -39.59 21.43
CA SER A 426 -14.20 -39.58 20.65
C SER A 426 -13.96 -38.83 19.33
N TYR A 427 -14.61 -39.29 18.26
CA TYR A 427 -14.53 -38.76 16.89
C TYR A 427 -15.95 -38.44 16.38
N ILE A 428 -16.15 -37.19 15.96
CA ILE A 428 -17.47 -36.64 15.50
C ILE A 428 -17.41 -36.47 13.98
N ILE A 429 -18.37 -37.06 13.27
CA ILE A 429 -18.63 -36.78 11.83
C ILE A 429 -20.00 -36.11 11.72
N ALA A 430 -20.02 -34.80 11.49
CA ALA A 430 -21.22 -34.07 11.02
C ALA A 430 -21.51 -34.53 9.59
N GLY A 431 -22.72 -35.04 9.34
CA GLY A 431 -23.10 -35.68 8.07
C GLY A 431 -22.59 -37.11 7.99
N GLY A 432 -22.40 -37.74 9.14
CA GLY A 432 -21.78 -39.07 9.29
C GLY A 432 -22.58 -40.22 8.68
N LEU A 433 -23.89 -40.05 8.48
CA LEU A 433 -24.76 -41.09 7.85
C LEU A 433 -24.79 -40.93 6.33
N GLY A 434 -24.11 -39.90 5.79
CA GLY A 434 -24.03 -39.65 4.34
C GLY A 434 -23.14 -40.67 3.62
N GLY A 435 -23.03 -40.56 2.29
CA GLY A 435 -22.22 -41.44 1.43
C GLY A 435 -20.78 -41.50 1.90
N PHE A 436 -20.11 -40.34 1.96
CA PHE A 436 -18.69 -40.21 2.35
C PHE A 436 -18.56 -40.46 3.86
N GLY A 437 -19.57 -40.05 4.63
CA GLY A 437 -19.62 -40.19 6.09
C GLY A 437 -19.47 -41.65 6.54
N LEU A 438 -20.22 -42.57 5.94
CA LEU A 438 -20.20 -43.99 6.36
C LEU A 438 -18.83 -44.60 5.98
N GLU A 439 -18.26 -44.21 4.85
CA GLU A 439 -16.92 -44.70 4.42
C GLU A 439 -15.85 -44.13 5.37
N LEU A 440 -15.99 -42.85 5.76
CA LEU A 440 -15.01 -42.16 6.66
C LEU A 440 -15.07 -42.80 8.05
N ALA A 441 -16.27 -43.18 8.48
CA ALA A 441 -16.53 -43.90 9.74
C ALA A 441 -15.75 -45.22 9.74
N GLN A 442 -15.94 -46.04 8.70
CA GLN A 442 -15.28 -47.36 8.49
C GLN A 442 -13.75 -47.18 8.53
N TRP A 443 -13.27 -46.19 7.78
CA TRP A 443 -11.82 -45.86 7.63
C TRP A 443 -11.22 -45.47 8.99
N LEU A 444 -11.96 -44.75 9.84
CA LEU A 444 -11.50 -44.35 11.20
C LEU A 444 -11.42 -45.60 12.09
N ILE A 445 -12.43 -46.47 12.02
CA ILE A 445 -12.48 -47.78 12.73
C ILE A 445 -11.27 -48.63 12.34
N GLN A 446 -10.90 -48.68 11.05
CA GLN A 446 -9.74 -49.46 10.55
C GLN A 446 -8.43 -48.92 11.18
N ARG A 447 -8.43 -47.66 11.64
CA ARG A 447 -7.25 -46.98 12.22
C ARG A 447 -7.37 -46.86 13.74
N GLY A 448 -8.34 -47.55 14.36
CA GLY A 448 -8.38 -47.78 15.82
C GLY A 448 -9.45 -46.97 16.54
N VAL A 449 -10.29 -46.22 15.82
CA VAL A 449 -11.41 -45.45 16.46
C VAL A 449 -12.44 -46.45 16.99
N GLN A 450 -12.85 -46.28 18.25
CA GLN A 450 -13.86 -47.13 18.95
C GLN A 450 -15.05 -46.27 19.42
N LYS A 451 -14.99 -44.94 19.19
CA LYS A 451 -15.96 -43.95 19.74
C LYS A 451 -16.34 -42.95 18.65
N LEU A 452 -17.52 -43.15 18.06
CA LEU A 452 -18.06 -42.33 16.93
C LEU A 452 -19.40 -41.72 17.32
N VAL A 453 -19.56 -40.44 17.04
CA VAL A 453 -20.88 -39.75 16.97
C VAL A 453 -21.10 -39.31 15.52
N LEU A 454 -22.11 -39.90 14.87
CA LEU A 454 -22.53 -39.55 13.48
C LEU A 454 -23.77 -38.65 13.58
N THR A 455 -23.66 -37.41 13.12
CA THR A 455 -24.79 -36.43 13.18
C THR A 455 -25.52 -36.37 11.85
N SER A 456 -26.83 -36.16 11.95
CA SER A 456 -27.85 -36.19 10.87
C SER A 456 -29.10 -35.53 11.43
N ARG A 457 -29.71 -34.58 10.72
CA ARG A 457 -30.91 -33.85 11.22
C ARG A 457 -32.09 -34.81 11.37
N SER A 458 -32.11 -35.92 10.62
CA SER A 458 -33.27 -36.83 10.48
C SER A 458 -32.96 -38.27 10.91
N GLY A 459 -31.73 -38.55 11.37
CA GLY A 459 -31.31 -39.88 11.85
C GLY A 459 -31.26 -40.90 10.71
N ILE A 460 -31.24 -42.19 11.06
CA ILE A 460 -31.15 -43.32 10.08
C ILE A 460 -32.44 -43.34 9.24
N ARG A 461 -32.32 -43.31 7.91
CA ARG A 461 -33.46 -43.30 6.96
C ARG A 461 -33.32 -44.36 5.87
N THR A 462 -32.14 -44.93 5.65
CA THR A 462 -31.92 -46.02 4.66
C THR A 462 -31.56 -47.32 5.40
N GLY A 463 -31.76 -48.45 4.74
CA GLY A 463 -31.37 -49.79 5.23
C GLY A 463 -29.88 -49.94 5.27
N TYR A 464 -29.16 -49.29 4.37
CA TYR A 464 -27.68 -49.28 4.35
C TYR A 464 -27.16 -48.59 5.62
N GLN A 465 -27.69 -47.42 5.96
CA GLN A 465 -27.33 -46.69 7.21
C GLN A 465 -27.59 -47.60 8.41
N ALA A 466 -28.78 -48.21 8.48
CA ALA A 466 -29.19 -49.12 9.56
C ALA A 466 -28.19 -50.28 9.66
N LYS A 467 -27.91 -50.96 8.54
CA LYS A 467 -27.02 -52.16 8.49
C LYS A 467 -25.62 -51.80 9.01
N GLN A 468 -25.08 -50.64 8.63
CA GLN A 468 -23.68 -50.26 8.92
C GLN A 468 -23.54 -49.99 10.43
N VAL A 469 -24.42 -49.18 11.02
CA VAL A 469 -24.39 -48.84 12.48
C VAL A 469 -24.51 -50.13 13.29
N ARG A 470 -25.40 -51.03 12.88
CA ARG A 470 -25.73 -52.31 13.56
C ARG A 470 -24.49 -53.22 13.57
N ARG A 471 -23.81 -53.31 12.42
CA ARG A 471 -22.59 -54.12 12.21
C ARG A 471 -21.45 -53.58 13.09
N TRP A 472 -21.22 -52.26 13.07
CA TRP A 472 -20.15 -51.59 13.85
C TRP A 472 -20.37 -51.84 15.35
N ARG A 473 -21.61 -51.68 15.82
CA ARG A 473 -21.99 -51.94 17.24
C ARG A 473 -21.71 -53.41 17.57
N ARG A 474 -22.15 -54.34 16.71
CA ARG A 474 -21.84 -55.79 16.82
C ARG A 474 -20.32 -55.98 16.95
N GLN A 475 -19.52 -55.17 16.24
CA GLN A 475 -18.04 -55.26 16.22
C GLN A 475 -17.43 -54.64 17.48
N GLY A 476 -18.23 -54.08 18.39
CA GLY A 476 -17.76 -53.51 19.67
C GLY A 476 -17.38 -52.04 19.55
N VAL A 477 -17.75 -51.38 18.45
CA VAL A 477 -17.53 -49.92 18.26
C VAL A 477 -18.70 -49.18 18.89
N GLN A 478 -18.42 -48.13 19.65
CA GLN A 478 -19.45 -47.25 20.25
C GLN A 478 -19.86 -46.22 19.19
N VAL A 479 -21.04 -46.40 18.60
CA VAL A 479 -21.56 -45.52 17.51
C VAL A 479 -22.86 -44.88 18.02
N GLN A 480 -22.79 -43.56 18.22
CA GLN A 480 -23.91 -42.68 18.60
C GLN A 480 -24.44 -42.04 17.32
N VAL A 481 -25.72 -42.24 16.99
CA VAL A 481 -26.44 -41.49 15.92
C VAL A 481 -27.14 -40.31 16.61
N SER A 482 -26.66 -39.08 16.34
CA SER A 482 -27.11 -37.83 17.01
C SER A 482 -27.78 -36.88 15.99
N THR A 483 -28.84 -36.21 16.42
CA THR A 483 -29.60 -35.19 15.63
C THR A 483 -29.16 -33.80 16.07
N SER A 484 -28.20 -33.70 16.97
CA SER A 484 -27.63 -32.41 17.42
C SER A 484 -27.03 -31.69 16.20
N ASN A 485 -27.41 -30.42 16.01
CA ASN A 485 -27.24 -29.67 14.74
C ASN A 485 -26.18 -28.57 14.92
N ILE A 486 -25.04 -28.72 14.24
CA ILE A 486 -23.87 -27.79 14.33
C ILE A 486 -24.23 -26.41 13.78
N SER A 487 -25.36 -26.25 13.08
CA SER A 487 -25.85 -24.96 12.51
C SER A 487 -26.07 -23.91 13.61
N SER A 488 -26.35 -24.34 14.84
CA SER A 488 -26.49 -23.45 16.02
C SER A 488 -25.39 -23.77 17.03
N LEU A 489 -25.06 -22.77 17.86
CA LEU A 489 -24.04 -22.88 18.95
C LEU A 489 -24.51 -23.89 19.99
N GLU A 490 -25.81 -23.91 20.26
CA GLU A 490 -26.49 -24.85 21.20
C GLU A 490 -26.29 -26.29 20.70
N GLY A 491 -26.66 -26.57 19.45
CA GLY A 491 -26.51 -27.89 18.83
C GLY A 491 -25.06 -28.37 18.87
N ALA A 492 -24.12 -27.49 18.49
CA ALA A 492 -22.67 -27.76 18.52
C ALA A 492 -22.23 -28.11 19.94
N ARG A 493 -22.66 -27.35 20.95
CA ARG A 493 -22.30 -27.60 22.38
C ARG A 493 -22.90 -28.93 22.83
N GLY A 494 -24.17 -29.16 22.51
CA GLY A 494 -24.84 -30.46 22.72
C GLY A 494 -24.04 -31.59 22.10
N LEU A 495 -23.56 -31.42 20.87
CA LEU A 495 -22.88 -32.51 20.11
C LEU A 495 -21.55 -32.86 20.78
N ILE A 496 -20.75 -31.85 21.14
CA ILE A 496 -19.44 -32.06 21.83
C ILE A 496 -19.72 -32.73 23.18
N ALA A 497 -20.73 -32.27 23.93
CA ALA A 497 -21.10 -32.89 25.23
C ALA A 497 -21.34 -34.39 25.02
N GLU A 498 -22.18 -34.77 24.04
CA GLU A 498 -22.49 -36.19 23.70
C GLU A 498 -21.20 -36.96 23.46
N ALA A 499 -20.29 -36.41 22.62
CA ALA A 499 -18.99 -37.03 22.27
C ALA A 499 -18.16 -37.23 23.54
N ALA A 500 -18.10 -36.19 24.38
CA ALA A 500 -17.26 -36.11 25.60
C ALA A 500 -17.66 -37.21 26.61
N GLN A 501 -18.92 -37.68 26.58
CA GLN A 501 -19.42 -38.79 27.45
CA GLN A 501 -19.40 -38.77 27.46
C GLN A 501 -18.73 -40.10 27.07
N LEU A 502 -18.40 -40.27 25.78
CA LEU A 502 -17.74 -41.51 25.27
C LEU A 502 -16.24 -41.46 25.62
N GLY A 503 -15.62 -40.31 25.38
CA GLY A 503 -14.18 -40.07 25.61
C GLY A 503 -13.81 -38.65 25.22
N PRO A 504 -12.62 -38.16 25.61
CA PRO A 504 -12.18 -36.82 25.23
C PRO A 504 -12.19 -36.69 23.70
N VAL A 505 -12.69 -35.56 23.18
CA VAL A 505 -12.91 -35.36 21.72
C VAL A 505 -11.56 -35.22 21.01
N GLY A 506 -11.23 -36.17 20.15
CA GLY A 506 -9.96 -36.23 19.39
C GLY A 506 -10.09 -35.63 18.00
N GLY A 507 -11.25 -35.74 17.37
CA GLY A 507 -11.43 -35.32 15.97
C GLY A 507 -12.87 -34.93 15.66
N VAL A 508 -13.02 -33.82 14.92
CA VAL A 508 -14.29 -33.39 14.28
C VAL A 508 -14.06 -33.36 12.76
N PHE A 509 -15.05 -33.83 12.01
CA PHE A 509 -15.02 -33.92 10.53
C PHE A 509 -16.35 -33.38 10.02
N ASN A 510 -16.35 -32.23 9.36
CA ASN A 510 -17.61 -31.61 8.84
C ASN A 510 -17.86 -32.13 7.41
N LEU A 511 -18.73 -33.12 7.27
CA LEU A 511 -19.17 -33.68 5.97
C LEU A 511 -20.64 -33.31 5.74
N ALA A 512 -21.20 -32.41 6.58
CA ALA A 512 -22.59 -31.91 6.44
C ALA A 512 -22.69 -31.04 5.18
N VAL A 513 -23.77 -31.23 4.41
CA VAL A 513 -24.03 -30.49 3.16
C VAL A 513 -25.53 -30.46 2.89
N VAL A 514 -26.01 -29.27 2.52
CA VAL A 514 -27.33 -29.06 1.89
C VAL A 514 -27.08 -28.34 0.57
N LEU A 515 -27.66 -28.87 -0.52
CA LEU A 515 -27.48 -28.33 -1.90
C LEU A 515 -28.75 -27.55 -2.30
N ARG A 516 -28.56 -26.33 -2.81
CA ARG A 516 -29.61 -25.50 -3.47
C ARG A 516 -29.06 -25.02 -4.82
N ASP A 517 -28.77 -25.94 -5.73
CA ASP A 517 -28.12 -25.65 -7.04
C ASP A 517 -29.08 -24.80 -7.88
N GLY A 518 -28.51 -23.88 -8.66
CA GLY A 518 -29.25 -23.04 -9.62
C GLY A 518 -28.42 -21.81 -9.96
N LEU A 519 -28.58 -21.29 -11.18
CA LEU A 519 -27.94 -20.02 -11.60
C LEU A 519 -28.42 -18.92 -10.65
N LEU A 520 -27.64 -17.84 -10.52
CA LEU A 520 -27.93 -16.75 -9.55
C LEU A 520 -29.34 -16.18 -9.79
N GLU A 521 -29.79 -16.13 -11.04
CA GLU A 521 -31.12 -15.58 -11.42
C GLU A 521 -32.22 -16.33 -10.65
N ASN A 522 -31.99 -17.58 -10.22
CA ASN A 522 -33.00 -18.41 -9.52
C ASN A 522 -32.64 -18.61 -8.04
N GLN A 523 -31.67 -17.86 -7.52
CA GLN A 523 -31.23 -17.97 -6.10
C GLN A 523 -32.00 -16.96 -5.24
N THR A 524 -32.10 -17.24 -3.94
CA THR A 524 -32.68 -16.35 -2.91
C THR A 524 -31.71 -16.29 -1.73
N PRO A 525 -31.74 -15.23 -0.89
CA PRO A 525 -30.98 -15.20 0.36
C PRO A 525 -31.24 -16.45 1.23
N GLU A 526 -32.47 -16.96 1.20
CA GLU A 526 -32.90 -18.16 1.97
C GLU A 526 -32.13 -19.38 1.47
N PHE A 527 -31.99 -19.56 0.15
CA PHE A 527 -31.26 -20.72 -0.44
C PHE A 527 -29.79 -20.66 -0.02
N PHE A 528 -29.19 -19.45 0.00
CA PHE A 528 -27.80 -19.24 0.48
C PHE A 528 -27.68 -19.62 1.96
N GLN A 529 -28.66 -19.19 2.76
CA GLN A 529 -28.74 -19.50 4.21
C GLN A 529 -28.70 -21.03 4.38
N ASP A 530 -29.54 -21.75 3.64
CA ASP A 530 -29.68 -23.24 3.70
C ASP A 530 -28.32 -23.90 3.44
N VAL A 531 -27.61 -23.46 2.40
CA VAL A 531 -26.33 -24.09 1.94
C VAL A 531 -25.22 -23.74 2.93
N CYS A 532 -25.18 -22.50 3.42
CA CYS A 532 -24.14 -22.03 4.37
C CYS A 532 -24.34 -22.57 5.80
N LYS A 533 -25.56 -22.88 6.23
CA LYS A 533 -25.84 -23.29 7.64
C LYS A 533 -24.97 -24.47 8.07
N PRO A 534 -24.96 -25.62 7.34
CA PRO A 534 -24.16 -26.78 7.77
C PRO A 534 -22.64 -26.58 7.66
N LYS A 535 -22.20 -25.65 6.83
CA LYS A 535 -20.78 -25.49 6.42
C LYS A 535 -20.16 -24.27 7.09
N TYR A 536 -20.64 -23.07 6.80
CA TYR A 536 -20.13 -21.81 7.39
C TYR A 536 -20.51 -21.77 8.88
N SER A 537 -21.81 -21.65 9.20
CA SER A 537 -22.30 -21.66 10.60
C SER A 537 -21.73 -22.88 11.32
N GLY A 538 -21.95 -24.06 10.73
CA GLY A 538 -21.50 -25.35 11.27
C GLY A 538 -20.04 -25.31 11.66
N THR A 539 -19.19 -24.82 10.75
CA THR A 539 -17.72 -24.80 10.95
C THR A 539 -17.36 -23.72 11.98
N LEU A 540 -18.03 -22.56 11.94
CA LEU A 540 -17.87 -21.48 12.96
C LEU A 540 -18.19 -22.06 14.34
N ASN A 541 -19.33 -22.76 14.46
CA ASN A 541 -19.85 -23.27 15.76
C ASN A 541 -18.89 -24.34 16.30
N LEU A 542 -18.43 -25.25 15.45
CA LEU A 542 -17.44 -26.28 15.84
C LEU A 542 -16.14 -25.58 16.25
N ASP A 543 -15.66 -24.63 15.45
CA ASP A 543 -14.44 -23.85 15.74
C ASP A 543 -14.51 -23.36 17.19
N ARG A 544 -15.57 -22.63 17.52
CA ARG A 544 -15.75 -21.96 18.84
C ARG A 544 -15.91 -23.00 19.96
N VAL A 545 -16.69 -24.05 19.74
CA VAL A 545 -16.97 -25.06 20.80
C VAL A 545 -15.71 -25.89 21.05
N THR A 546 -14.95 -26.26 20.01
CA THR A 546 -13.73 -27.10 20.17
C THR A 546 -12.63 -26.27 20.85
N ARG A 547 -12.54 -24.97 20.54
CA ARG A 547 -11.64 -24.01 21.24
C ARG A 547 -11.99 -23.99 22.73
N GLU A 548 -13.28 -23.90 23.05
CA GLU A 548 -13.76 -23.66 24.44
C GLU A 548 -13.62 -24.93 25.29
N ALA A 549 -13.72 -26.13 24.70
CA ALA A 549 -14.08 -27.35 25.46
C ALA A 549 -13.41 -28.62 24.95
N CYS A 550 -12.53 -28.55 23.95
CA CYS A 550 -11.87 -29.75 23.36
C CYS A 550 -10.36 -29.53 23.32
N PRO A 551 -9.70 -29.50 24.50
CA PRO A 551 -8.26 -29.26 24.55
C PRO A 551 -7.43 -30.45 24.03
N GLU A 552 -8.05 -31.62 23.86
CA GLU A 552 -7.32 -32.82 23.37
C GLU A 552 -7.62 -33.07 21.89
N LEU A 553 -8.13 -32.06 21.17
CA LEU A 553 -8.51 -32.19 19.73
C LEU A 553 -7.24 -32.26 18.89
N ASP A 554 -7.11 -33.32 18.10
CA ASP A 554 -5.98 -33.55 17.17
C ASP A 554 -6.38 -33.18 15.73
N TYR A 555 -7.66 -33.26 15.40
CA TYR A 555 -8.16 -33.20 14.00
C TYR A 555 -9.39 -32.31 13.90
N PHE A 556 -9.28 -31.27 13.08
CA PHE A 556 -10.39 -30.38 12.64
C PHE A 556 -10.39 -30.39 11.11
N VAL A 557 -11.30 -31.16 10.51
CA VAL A 557 -11.30 -31.46 9.05
C VAL A 557 -12.68 -31.14 8.48
N VAL A 558 -12.71 -30.30 7.44
CA VAL A 558 -13.92 -29.93 6.67
C VAL A 558 -13.75 -30.44 5.23
N PHE A 559 -14.83 -30.95 4.62
CA PHE A 559 -14.80 -31.42 3.22
C PHE A 559 -15.32 -30.27 2.34
N SER A 560 -14.39 -29.57 1.70
CA SER A 560 -14.64 -28.52 0.69
C SER A 560 -14.83 -29.21 -0.67
N SER A 561 -14.89 -28.44 -1.75
CA SER A 561 -15.20 -28.94 -3.11
C SER A 561 -14.33 -28.21 -4.13
N VAL A 562 -14.02 -28.90 -5.24
CA VAL A 562 -13.55 -28.30 -6.52
C VAL A 562 -14.52 -27.19 -6.97
N SER A 563 -15.81 -27.25 -6.60
CA SER A 563 -16.82 -26.22 -6.92
C SER A 563 -16.39 -24.86 -6.34
N CYS A 564 -15.74 -24.89 -5.18
CA CYS A 564 -15.14 -23.72 -4.49
C CYS A 564 -13.74 -23.45 -5.06
N GLY A 565 -12.87 -24.47 -5.04
CA GLY A 565 -11.46 -24.39 -5.48
C GLY A 565 -11.30 -23.85 -6.90
N ARG A 566 -12.16 -24.29 -7.84
CA ARG A 566 -12.04 -23.97 -9.28
C ARG A 566 -13.30 -23.25 -9.81
N GLY A 567 -14.47 -23.56 -9.26
CA GLY A 567 -15.75 -22.96 -9.71
C GLY A 567 -16.64 -23.98 -10.41
N ASN A 568 -17.94 -23.89 -10.17
CA ASN A 568 -18.97 -24.73 -10.87
C ASN A 568 -20.24 -23.90 -11.06
N ALA A 569 -20.66 -23.72 -12.32
CA ALA A 569 -21.89 -23.01 -12.74
C ALA A 569 -23.08 -23.61 -11.98
N GLY A 570 -23.90 -22.75 -11.36
CA GLY A 570 -25.13 -23.13 -10.65
C GLY A 570 -24.88 -23.47 -9.18
N GLN A 571 -23.68 -23.24 -8.66
CA GLN A 571 -23.35 -23.63 -7.27
C GLN A 571 -22.69 -22.47 -6.51
N SER A 572 -23.01 -21.22 -6.86
CA SER A 572 -22.40 -20.01 -6.23
C SER A 572 -22.55 -20.10 -4.70
N ASN A 573 -23.70 -20.52 -4.18
CA ASN A 573 -23.99 -20.56 -2.73
C ASN A 573 -23.07 -21.59 -2.06
N TYR A 574 -22.89 -22.77 -2.70
CA TYR A 574 -22.00 -23.88 -2.29
C TYR A 574 -20.53 -23.42 -2.39
N GLY A 575 -20.20 -22.71 -3.47
CA GLY A 575 -18.88 -22.08 -3.63
C GLY A 575 -18.54 -21.28 -2.38
N PHE A 576 -19.44 -20.38 -2.00
CA PHE A 576 -19.28 -19.45 -0.85
C PHE A 576 -19.13 -20.24 0.45
N ALA A 577 -20.05 -21.16 0.73
CA ALA A 577 -20.11 -21.95 1.99
C ALA A 577 -18.77 -22.69 2.19
N ASN A 578 -18.30 -23.41 1.17
CA ASN A 578 -17.04 -24.18 1.22
C ASN A 578 -15.86 -23.21 1.39
N SER A 579 -15.89 -22.07 0.71
CA SER A 579 -14.77 -21.07 0.72
C SER A 579 -14.60 -20.50 2.13
N ALA A 580 -15.70 -20.15 2.79
CA ALA A 580 -15.75 -19.69 4.20
C ALA A 580 -15.05 -20.71 5.13
N MET A 581 -15.41 -21.99 5.06
CA MET A 581 -14.80 -23.07 5.89
C MET A 581 -13.27 -23.06 5.73
N GLU A 582 -12.79 -22.91 4.50
CA GLU A 582 -11.34 -22.86 4.19
C GLU A 582 -10.70 -21.69 4.97
N ARG A 583 -11.33 -20.52 4.94
CA ARG A 583 -10.85 -19.29 5.64
C ARG A 583 -10.81 -19.53 7.16
N ILE A 584 -11.76 -20.30 7.69
CA ILE A 584 -11.79 -20.66 9.15
C ILE A 584 -10.59 -21.55 9.47
N CYS A 585 -10.34 -22.58 8.65
CA CYS A 585 -9.24 -23.55 8.85
C CYS A 585 -7.87 -22.84 8.83
N GLU A 586 -7.63 -21.94 7.88
CA GLU A 586 -6.37 -21.15 7.77
C GLU A 586 -6.14 -20.38 9.08
N LYS A 587 -7.16 -19.68 9.57
CA LYS A 587 -7.15 -18.90 10.82
C LYS A 587 -6.77 -19.81 11.99
N ARG A 588 -7.45 -20.96 12.14
CA ARG A 588 -7.22 -21.94 13.22
C ARG A 588 -5.74 -22.38 13.20
N ARG A 589 -5.23 -22.77 12.03
CA ARG A 589 -3.84 -23.26 11.84
C ARG A 589 -2.85 -22.15 12.22
N HIS A 590 -3.14 -20.89 11.87
CA HIS A 590 -2.30 -19.72 12.19
C HIS A 590 -2.12 -19.60 13.71
N GLU A 591 -3.14 -19.93 14.50
CA GLU A 591 -3.12 -19.89 15.99
C GLU A 591 -2.61 -21.22 16.54
N GLY A 592 -2.16 -22.14 15.69
CA GLY A 592 -1.54 -23.43 16.08
C GLY A 592 -2.56 -24.52 16.36
N LEU A 593 -3.84 -24.29 16.03
CA LEU A 593 -4.93 -25.29 16.21
C LEU A 593 -4.97 -26.20 14.99
N PRO A 594 -5.51 -27.43 15.12
CA PRO A 594 -5.72 -28.29 13.95
C PRO A 594 -6.72 -27.60 13.00
N GLY A 595 -6.46 -27.69 11.68
CA GLY A 595 -7.30 -27.10 10.63
C GLY A 595 -6.92 -27.62 9.27
N LEU A 596 -7.80 -28.38 8.64
CA LEU A 596 -7.58 -28.87 7.25
C LEU A 596 -8.90 -28.81 6.49
N ALA A 597 -8.94 -28.06 5.39
CA ALA A 597 -10.02 -28.16 4.40
C ALA A 597 -9.50 -28.97 3.20
N VAL A 598 -10.28 -29.96 2.76
CA VAL A 598 -9.99 -30.82 1.56
C VAL A 598 -10.99 -30.46 0.47
N GLN A 599 -10.49 -29.95 -0.66
CA GLN A 599 -11.28 -29.69 -1.89
C GLN A 599 -11.34 -30.99 -2.70
N TRP A 600 -12.38 -31.79 -2.48
CA TRP A 600 -12.65 -33.00 -3.28
C TRP A 600 -13.20 -32.58 -4.66
N GLY A 601 -12.70 -33.20 -5.71
CA GLY A 601 -13.46 -33.32 -6.97
C GLY A 601 -14.67 -34.23 -6.75
N ALA A 602 -15.35 -34.60 -7.83
CA ALA A 602 -16.48 -35.55 -7.82
C ALA A 602 -16.04 -36.80 -7.05
N ILE A 603 -16.94 -37.39 -6.27
CA ILE A 603 -16.72 -38.66 -5.51
C ILE A 603 -17.55 -39.76 -6.17
N GLY A 604 -16.98 -40.95 -6.38
CA GLY A 604 -17.65 -42.12 -6.96
C GLY A 604 -18.24 -43.03 -5.90
N ASP A 605 -18.85 -44.14 -6.31
CA ASP A 605 -19.29 -45.27 -5.43
C ASP A 605 -20.47 -44.82 -4.54
N VAL A 606 -20.25 -43.81 -3.69
CA VAL A 606 -21.24 -43.32 -2.68
C VAL A 606 -21.24 -41.78 -2.67
N GLY A 607 -22.36 -41.16 -2.25
CA GLY A 607 -22.46 -39.71 -1.98
C GLY A 607 -23.56 -39.05 -2.78
N ILE A 608 -23.63 -37.72 -2.71
CA ILE A 608 -24.59 -36.86 -3.47
C ILE A 608 -24.49 -37.18 -4.97
N LEU A 609 -23.28 -37.06 -5.54
CA LEU A 609 -23.03 -37.13 -7.00
C LEU A 609 -23.62 -38.44 -7.55
N VAL A 610 -23.28 -39.58 -6.94
CA VAL A 610 -23.71 -40.95 -7.37
C VAL A 610 -25.25 -41.02 -7.31
N GLU A 611 -25.88 -40.36 -6.33
CA GLU A 611 -27.35 -40.24 -6.19
C GLU A 611 -27.85 -39.06 -7.03
N ASP A 617 -18.22 -43.93 -14.00
CA ASP A 617 -18.13 -43.97 -15.49
C ASP A 617 -18.60 -42.64 -16.10
N THR A 618 -19.36 -41.83 -15.35
CA THR A 618 -19.83 -40.47 -15.75
C THR A 618 -18.68 -39.46 -15.65
N ILE A 619 -18.06 -39.10 -16.77
CA ILE A 619 -17.10 -37.95 -16.85
C ILE A 619 -17.85 -36.69 -16.43
N VAL A 620 -17.24 -35.87 -15.56
CA VAL A 620 -17.85 -34.61 -15.02
C VAL A 620 -16.86 -33.46 -15.25
N SER A 621 -17.23 -32.45 -16.04
CA SER A 621 -16.34 -31.31 -16.36
C SER A 621 -14.92 -31.84 -16.61
N GLY A 622 -14.79 -32.91 -17.42
CA GLY A 622 -13.50 -33.48 -17.89
C GLY A 622 -12.76 -34.26 -16.80
N THR A 623 -13.43 -34.60 -15.70
CA THR A 623 -12.85 -35.34 -14.55
C THR A 623 -13.62 -36.64 -14.36
N LEU A 624 -12.98 -37.63 -13.73
CA LEU A 624 -13.64 -38.89 -13.31
C LEU A 624 -14.02 -38.77 -11.84
N PRO A 625 -15.23 -39.22 -11.45
CA PRO A 625 -15.55 -39.39 -10.04
C PRO A 625 -14.40 -40.18 -9.39
N GLN A 626 -13.80 -39.63 -8.34
CA GLN A 626 -12.70 -40.29 -7.61
C GLN A 626 -13.27 -41.47 -6.81
N ARG A 627 -12.80 -42.68 -7.10
CA ARG A 627 -13.20 -43.95 -6.42
C ARG A 627 -12.87 -43.84 -4.93
N MET A 628 -13.77 -44.34 -4.09
CA MET A 628 -13.70 -44.23 -2.61
C MET A 628 -12.37 -44.80 -2.08
N ALA A 629 -11.86 -45.88 -2.65
CA ALA A 629 -10.56 -46.48 -2.21
C ALA A 629 -9.43 -45.46 -2.43
N SER A 630 -9.48 -44.72 -3.55
CA SER A 630 -8.53 -43.63 -3.88
C SER A 630 -8.68 -42.48 -2.89
N CYS A 631 -9.92 -42.04 -2.63
CA CYS A 631 -10.24 -40.93 -1.69
C CYS A 631 -9.63 -41.20 -0.31
N LEU A 632 -9.73 -42.43 0.17
CA LEU A 632 -9.35 -42.87 1.53
C LEU A 632 -7.81 -42.99 1.70
N GLU A 633 -7.10 -43.42 0.66
CA GLU A 633 -5.61 -43.46 0.72
C GLU A 633 -5.05 -42.03 0.55
N VAL A 634 -5.74 -41.15 -0.18
CA VAL A 634 -5.36 -39.71 -0.27
C VAL A 634 -5.54 -39.07 1.11
N LEU A 635 -6.57 -39.47 1.86
CA LEU A 635 -6.92 -38.82 3.15
C LEU A 635 -5.85 -39.18 4.20
N ASP A 636 -5.31 -40.41 4.15
CA ASP A 636 -4.13 -40.84 4.95
C ASP A 636 -2.97 -39.89 4.69
N LEU A 637 -2.62 -39.67 3.43
CA LEU A 637 -1.57 -38.71 3.02
C LEU A 637 -1.90 -37.33 3.58
N PHE A 638 -3.13 -36.86 3.36
CA PHE A 638 -3.58 -35.47 3.66
C PHE A 638 -3.62 -35.19 5.16
N LEU A 639 -3.98 -36.17 6.00
CA LEU A 639 -4.21 -35.94 7.45
C LEU A 639 -2.88 -35.66 8.16
N ASN A 640 -1.78 -36.27 7.70
CA ASN A 640 -0.39 -36.02 8.21
C ASN A 640 0.33 -35.13 7.20
N GLN A 641 -0.18 -33.91 7.02
CA GLN A 641 0.30 -32.86 6.09
C GLN A 641 0.21 -31.52 6.80
N PRO A 642 1.20 -30.61 6.67
CA PRO A 642 1.15 -29.32 7.37
C PRO A 642 0.35 -28.22 6.65
N HIS A 643 -0.13 -28.48 5.43
CA HIS A 643 -0.89 -27.48 4.62
C HIS A 643 -2.33 -27.41 5.15
N MET A 644 -2.98 -26.25 4.96
CA MET A 644 -4.30 -25.89 5.52
C MET A 644 -5.40 -26.34 4.57
N VAL A 645 -5.18 -26.19 3.27
CA VAL A 645 -6.19 -26.54 2.22
C VAL A 645 -5.50 -27.40 1.17
N LEU A 646 -5.99 -28.63 1.00
CA LEU A 646 -5.49 -29.59 -0.01
C LEU A 646 -6.61 -29.85 -1.02
N SER A 647 -6.22 -30.31 -2.21
CA SER A 647 -7.10 -30.59 -3.36
C SER A 647 -6.77 -31.98 -3.91
N SER A 648 -7.79 -32.76 -4.24
CA SER A 648 -7.70 -34.06 -4.92
C SER A 648 -8.80 -34.17 -5.99
N PHE A 649 -8.43 -34.40 -7.23
CA PHE A 649 -9.38 -34.72 -8.34
C PHE A 649 -8.67 -35.61 -9.34
N VAL A 650 -9.46 -36.34 -10.13
CA VAL A 650 -8.96 -37.33 -11.12
C VAL A 650 -9.31 -36.81 -12.53
N LEU A 651 -8.30 -36.66 -13.37
CA LEU A 651 -8.43 -36.16 -14.75
C LEU A 651 -8.89 -37.30 -15.66
N ALA A 652 -9.88 -37.05 -16.53
CA ALA A 652 -10.26 -37.96 -17.63
C ALA A 652 -9.21 -37.84 -18.73
N GLU A 653 -8.84 -38.97 -19.34
CA GLU A 653 -7.73 -39.06 -20.34
C GLU A 653 -8.26 -38.59 -21.70
N GLN B 1 14.05 -1.87 2.23
CA GLN B 1 14.34 -1.96 3.70
C GLN B 1 13.92 -0.67 4.41
N GLN B 2 14.41 0.50 3.96
CA GLN B 2 14.07 1.83 4.51
C GLN B 2 12.66 2.22 4.07
N VAL B 3 11.84 2.71 5.01
CA VAL B 3 10.48 3.25 4.77
C VAL B 3 10.50 4.76 5.02
N PRO B 4 10.71 5.58 3.98
CA PRO B 4 10.78 7.03 4.17
C PRO B 4 9.41 7.60 4.54
N ILE B 5 9.37 8.76 5.20
CA ILE B 5 8.12 9.54 5.46
C ILE B 5 7.97 10.52 4.29
N LEU B 6 6.90 10.36 3.52
CA LEU B 6 6.68 11.15 2.28
C LEU B 6 5.56 12.15 2.54
N GLU B 7 5.90 13.43 2.40
CA GLU B 7 4.99 14.54 2.69
C GLU B 7 5.01 15.53 1.53
N LYS B 8 3.87 16.21 1.34
CA LYS B 8 3.75 17.45 0.53
C LYS B 8 3.85 18.63 1.49
N PHE B 9 4.32 19.76 0.97
CA PHE B 9 4.57 21.03 1.69
C PHE B 9 3.72 22.08 0.99
N CYS B 10 2.65 22.53 1.62
CA CYS B 10 1.59 23.37 0.99
C CYS B 10 1.36 24.63 1.81
N PHE B 11 1.22 25.77 1.14
CA PHE B 11 0.66 27.01 1.73
C PHE B 11 -0.69 26.62 2.34
N THR B 12 -0.87 26.99 3.59
CA THR B 12 -2.05 26.58 4.39
C THR B 12 -2.62 27.81 5.05
N PRO B 13 -3.82 28.28 4.62
CA PRO B 13 -4.45 29.42 5.26
C PRO B 13 -4.75 29.07 6.72
N HIS B 14 -4.49 29.99 7.64
CA HIS B 14 -4.86 29.88 9.07
C HIS B 14 -6.35 29.52 9.16
N THR B 15 -7.20 30.20 8.39
CA THR B 15 -8.67 29.95 8.33
C THR B 15 -9.02 29.11 7.10
N GLU B 16 -9.61 27.94 7.30
CA GLU B 16 -10.16 27.07 6.23
C GLU B 16 -11.60 26.70 6.57
N GLU B 17 -12.49 26.81 5.58
CA GLU B 17 -13.92 26.42 5.71
C GLU B 17 -14.24 25.39 4.62
N GLY B 18 -15.34 24.66 4.78
CA GLY B 18 -15.81 23.62 3.84
C GLY B 18 -14.95 22.37 3.89
N CYS B 19 -14.18 22.16 4.95
CA CYS B 19 -13.26 21.00 5.11
C CYS B 19 -14.06 19.69 5.08
N LEU B 20 -13.46 18.64 4.52
CA LEU B 20 -14.01 17.26 4.44
C LEU B 20 -15.13 17.16 3.40
N SER B 21 -15.34 18.18 2.55
CA SER B 21 -16.42 18.20 1.52
C SER B 21 -16.16 17.13 0.45
N GLU B 22 -14.89 16.78 0.21
CA GLU B 22 -14.45 15.70 -0.71
C GLU B 22 -14.97 14.35 -0.22
N ARG B 23 -15.09 14.16 1.09
CA ARG B 23 -15.36 12.86 1.75
C ARG B 23 -16.83 12.49 1.57
N ALA B 24 -17.14 11.73 0.51
CA ALA B 24 -18.50 11.25 0.14
C ALA B 24 -19.13 10.53 1.34
N ALA B 25 -18.36 9.70 2.06
CA ALA B 25 -18.82 8.90 3.23
C ALA B 25 -19.46 9.80 4.29
N LEU B 26 -18.90 11.00 4.52
CA LEU B 26 -19.43 12.01 5.49
C LEU B 26 -20.60 12.77 4.86
N GLN B 27 -20.45 13.15 3.59
CA GLN B 27 -21.51 13.79 2.76
C GLN B 27 -22.76 12.90 2.83
N GLU B 28 -22.57 11.58 2.71
CA GLU B 28 -23.62 10.54 2.71
C GLU B 28 -24.23 10.42 4.11
N GLU B 29 -23.39 10.29 5.14
CA GLU B 29 -23.84 10.04 6.55
C GLU B 29 -24.64 11.24 7.08
N LEU B 30 -24.29 12.47 6.69
CA LEU B 30 -24.99 13.70 7.13
C LEU B 30 -26.42 13.70 6.56
N GLN B 31 -26.55 13.41 5.27
CA GLN B 31 -27.86 13.33 4.56
C GLN B 31 -28.80 12.39 5.33
N LEU B 32 -28.31 11.19 5.70
CA LEU B 32 -29.10 10.18 6.46
C LEU B 32 -29.50 10.76 7.83
N CYS B 33 -28.59 11.46 8.52
CA CYS B 33 -28.84 12.08 9.84
C CYS B 33 -29.89 13.19 9.71
N LYS B 34 -29.80 14.04 8.68
CA LYS B 34 -30.80 15.10 8.36
C LYS B 34 -32.17 14.48 8.08
N GLY B 35 -32.20 13.35 7.36
CA GLY B 35 -33.42 12.58 7.05
C GLY B 35 -34.07 12.05 8.31
N LEU B 36 -33.29 11.38 9.17
CA LEU B 36 -33.77 10.73 10.43
C LEU B 36 -34.34 11.78 11.38
N VAL B 37 -33.70 12.94 11.54
CA VAL B 37 -34.21 14.03 12.43
C VAL B 37 -35.46 14.65 11.81
N GLN B 38 -35.53 14.72 10.47
CA GLN B 38 -36.74 15.17 9.71
C GLN B 38 -37.92 14.25 10.07
N ALA B 39 -37.63 12.95 10.27
CA ALA B 39 -38.61 11.90 10.63
C ALA B 39 -39.01 11.99 12.12
N LEU B 40 -38.11 12.48 12.98
CA LEU B 40 -38.40 12.82 14.39
C LEU B 40 -39.27 14.08 14.45
N GLN B 41 -39.25 14.90 13.38
CA GLN B 41 -40.09 16.12 13.19
C GLN B 41 -41.18 15.83 12.14
N SER B 66 -25.24 4.76 8.05
CA SER B 66 -26.39 3.89 8.43
C SER B 66 -26.04 3.08 9.69
N GLN B 67 -24.96 2.29 9.62
CA GLN B 67 -24.45 1.44 10.74
C GLN B 67 -23.63 2.29 11.71
N GLN B 68 -23.22 3.50 11.29
CA GLN B 68 -22.35 4.42 12.08
C GLN B 68 -23.11 4.93 13.31
N GLU B 69 -22.38 5.37 14.33
CA GLU B 69 -22.88 5.50 15.72
C GLU B 69 -23.99 6.57 15.82
N LEU B 70 -23.82 7.73 15.19
CA LEU B 70 -24.82 8.83 15.29
C LEU B 70 -26.11 8.40 14.57
N PRO B 71 -26.06 7.86 13.33
CA PRO B 71 -27.24 7.20 12.74
C PRO B 71 -27.83 6.08 13.63
N ARG B 72 -26.99 5.18 14.13
CA ARG B 72 -27.39 4.03 15.00
C ARG B 72 -28.18 4.55 16.21
N LEU B 73 -27.86 5.76 16.68
CA LEU B 73 -28.51 6.43 17.84
C LEU B 73 -29.80 7.12 17.39
N LEU B 74 -29.81 7.75 16.22
CA LEU B 74 -30.98 8.48 15.65
C LEU B 74 -32.09 7.47 15.29
N SER B 75 -31.72 6.31 14.75
CA SER B 75 -32.64 5.21 14.33
C SER B 75 -33.35 4.61 15.54
N ALA B 76 -32.59 4.33 16.61
CA ALA B 76 -33.08 3.79 17.90
C ALA B 76 -34.06 4.77 18.55
N ALA B 77 -33.90 6.08 18.28
CA ALA B 77 -34.74 7.17 18.82
C ALA B 77 -36.02 7.36 17.99
N CYS B 78 -36.06 6.82 16.76
CA CYS B 78 -37.27 6.80 15.89
C CYS B 78 -38.21 5.67 16.31
N ARG B 79 -37.67 4.62 16.94
CA ARG B 79 -38.42 3.41 17.40
C ARG B 79 -39.22 3.78 18.67
N LEU B 80 -38.67 4.64 19.53
CA LEU B 80 -39.33 5.13 20.76
C LEU B 80 -40.31 6.27 20.41
N GLN B 81 -40.40 6.65 19.13
CA GLN B 81 -41.35 7.66 18.58
C GLN B 81 -42.47 6.93 17.83
N ALA B 91 -33.00 9.46 26.29
CA ALA B 91 -32.26 9.71 27.56
C ALA B 91 -31.66 8.41 28.08
N GLN B 92 -32.47 7.35 28.20
CA GLN B 92 -32.05 5.99 28.66
C GLN B 92 -31.17 5.33 27.59
N VAL B 93 -31.42 5.63 26.31
CA VAL B 93 -30.77 4.97 25.14
C VAL B 93 -29.41 5.63 24.84
N LEU B 94 -29.32 6.95 24.93
CA LEU B 94 -28.10 7.72 24.54
C LEU B 94 -27.04 7.63 25.64
N ALA B 95 -27.45 7.53 26.91
CA ALA B 95 -26.55 7.39 28.08
C ALA B 95 -25.69 6.13 27.92
N GLN B 96 -26.26 5.05 27.38
CA GLN B 96 -25.57 3.74 27.14
C GLN B 96 -24.55 3.88 26.01
N GLU B 97 -24.91 4.57 24.93
CA GLU B 97 -24.14 4.64 23.65
C GLU B 97 -23.31 5.93 23.56
N ARG B 98 -23.14 6.65 24.68
CA ARG B 98 -22.42 7.95 24.75
C ARG B 98 -20.91 7.74 24.63
N PRO B 99 -20.30 6.74 25.31
CA PRO B 99 -18.88 6.47 25.16
C PRO B 99 -18.44 6.01 23.76
N LYS B 100 -19.39 5.66 22.89
CA LYS B 100 -19.15 5.15 21.52
C LYS B 100 -19.30 6.29 20.49
N LEU B 101 -19.91 7.40 20.90
CA LEU B 101 -20.36 8.50 19.99
C LEU B 101 -19.19 9.35 19.47
N PRO B 102 -18.13 9.64 20.27
CA PRO B 102 -17.03 10.49 19.79
C PRO B 102 -16.36 10.00 18.49
N GLU B 103 -16.37 8.68 18.26
CA GLU B 103 -15.67 8.00 17.13
C GLU B 103 -16.61 7.84 15.93
N ASP B 104 -17.78 8.50 15.96
CA ASP B 104 -18.62 8.70 14.74
C ASP B 104 -17.79 9.44 13.71
N PRO B 105 -17.74 8.98 12.43
CA PRO B 105 -16.99 9.69 11.39
C PRO B 105 -17.26 11.19 11.29
N LEU B 106 -18.48 11.66 11.57
CA LEU B 106 -18.82 13.11 11.54
C LEU B 106 -18.22 13.80 12.78
N LEU B 107 -18.44 13.23 13.96
CA LEU B 107 -17.96 13.82 15.24
C LEU B 107 -16.43 13.82 15.24
N SER B 108 -15.78 12.87 14.54
CA SER B 108 -14.31 12.67 14.54
C SER B 108 -13.66 13.12 13.22
N GLY B 109 -14.43 13.65 12.26
CA GLY B 109 -13.98 13.98 10.89
C GLY B 109 -12.74 14.87 10.84
N LEU B 110 -12.77 16.04 11.47
CA LEU B 110 -11.63 17.00 11.42
C LEU B 110 -10.41 16.41 12.13
N LEU B 111 -10.63 15.58 13.15
CA LEU B 111 -9.55 14.98 13.98
C LEU B 111 -8.75 13.97 13.14
N ASP B 112 -9.40 13.23 12.25
CA ASP B 112 -8.75 12.27 11.32
C ASP B 112 -8.67 12.92 9.94
N SER B 113 -8.16 14.16 9.89
CA SER B 113 -7.92 14.94 8.64
C SER B 113 -6.65 15.75 8.80
N PRO B 114 -6.09 16.29 7.69
CA PRO B 114 -4.92 17.17 7.78
C PRO B 114 -5.11 18.44 8.64
N ALA B 115 -6.36 18.84 8.92
CA ALA B 115 -6.69 20.03 9.75
C ALA B 115 -6.07 19.91 11.14
N LEU B 116 -6.19 18.75 11.79
CA LEU B 116 -5.61 18.55 13.15
C LEU B 116 -4.09 18.71 13.09
N LYS B 117 -3.44 18.08 12.10
CA LYS B 117 -1.96 18.08 11.97
C LYS B 117 -1.48 19.51 11.71
N ALA B 118 -2.21 20.29 10.89
CA ALA B 118 -1.85 21.69 10.57
C ALA B 118 -1.82 22.51 11.87
N CYS B 119 -2.87 22.40 12.67
CA CYS B 119 -3.04 23.08 13.99
C CYS B 119 -1.93 22.64 14.95
N LEU B 120 -1.61 21.34 15.02
CA LEU B 120 -0.50 20.81 15.87
C LEU B 120 0.83 21.44 15.45
N ASP B 121 1.16 21.36 14.17
CA ASP B 121 2.49 21.77 13.63
C ASP B 121 2.68 23.27 13.81
N THR B 122 1.59 24.04 13.84
CA THR B 122 1.63 25.51 14.12
C THR B 122 2.04 25.72 15.58
N ALA B 123 1.48 24.95 16.52
CA ALA B 123 1.89 24.99 17.96
C ALA B 123 3.38 24.68 18.07
N VAL B 124 3.84 23.59 17.43
CA VAL B 124 5.25 23.10 17.53
C VAL B 124 6.21 24.20 17.03
N GLU B 125 5.94 24.74 15.84
CA GLU B 125 6.74 25.79 15.16
C GLU B 125 6.84 27.04 16.07
N ASN B 126 5.85 27.28 16.94
CA ASN B 126 5.86 28.48 17.82
C ASN B 126 6.39 28.16 19.23
N MET B 127 6.84 26.92 19.48
CA MET B 127 7.47 26.52 20.77
C MET B 127 8.85 27.15 20.85
N PRO B 128 9.32 27.55 22.06
CA PRO B 128 10.64 28.15 22.23
C PRO B 128 11.79 27.13 22.09
N SER B 129 11.49 25.83 22.25
CA SER B 129 12.44 24.70 22.13
C SER B 129 11.77 23.47 21.51
N LEU B 130 12.46 22.32 21.52
CA LEU B 130 12.00 21.01 21.01
C LEU B 130 11.10 20.28 22.01
N LYS B 131 10.88 20.84 23.21
CA LYS B 131 10.02 20.23 24.25
C LYS B 131 8.59 20.78 24.10
N MET B 132 7.59 19.91 24.00
CA MET B 132 6.15 20.32 24.08
C MET B 132 5.45 19.52 25.17
N LYS B 133 5.04 20.23 26.24
CA LYS B 133 4.15 19.69 27.31
C LYS B 133 2.69 19.91 26.91
N VAL B 134 1.98 18.81 26.59
CA VAL B 134 0.56 18.78 26.16
C VAL B 134 -0.29 18.14 27.28
N VAL B 135 -1.41 18.79 27.63
CA VAL B 135 -2.44 18.32 28.59
C VAL B 135 -3.79 18.25 27.87
N GLU B 136 -4.39 17.05 27.81
CA GLU B 136 -5.74 16.85 27.23
C GLU B 136 -6.79 16.94 28.35
N VAL B 137 -7.77 17.82 28.17
CA VAL B 137 -8.95 18.02 29.07
C VAL B 137 -10.07 17.08 28.58
N LEU B 138 -10.76 16.44 29.53
CA LEU B 138 -11.89 15.48 29.32
C LEU B 138 -11.53 14.45 28.23
N ALA B 139 -10.39 13.78 28.42
CA ALA B 139 -9.85 12.74 27.52
C ALA B 139 -10.83 11.56 27.38
N GLY B 140 -11.54 11.21 28.45
CA GLY B 140 -12.45 10.04 28.47
C GLY B 140 -13.30 9.95 27.20
N HIS B 141 -13.98 11.05 26.87
CA HIS B 141 -14.84 11.19 25.67
C HIS B 141 -14.11 11.97 24.56
N GLY B 142 -13.02 12.68 24.91
CA GLY B 142 -12.21 13.48 23.97
C GLY B 142 -11.47 12.64 22.93
N HIS B 143 -10.69 11.65 23.38
CA HIS B 143 -9.99 10.62 22.56
C HIS B 143 -8.87 11.24 21.71
N LEU B 144 -8.35 12.41 22.07
CA LEU B 144 -7.26 13.07 21.28
C LEU B 144 -5.92 12.37 21.57
N TYR B 145 -5.82 11.62 22.68
CA TYR B 145 -4.70 10.71 23.03
C TYR B 145 -4.46 9.67 21.91
N SER B 146 -5.50 9.32 21.14
CA SER B 146 -5.45 8.29 20.07
C SER B 146 -5.01 8.90 18.72
N ARG B 147 -4.58 10.17 18.68
CA ARG B 147 -4.28 10.87 17.41
C ARG B 147 -3.01 11.72 17.53
N ILE B 148 -2.91 12.57 18.55
CA ILE B 148 -1.87 13.64 18.66
C ILE B 148 -0.49 13.04 18.95
N PRO B 149 -0.30 12.10 19.91
CA PRO B 149 0.99 11.45 20.06
C PRO B 149 1.48 10.80 18.75
N GLY B 150 0.59 10.12 18.03
CA GLY B 150 0.90 9.43 16.76
C GLY B 150 1.26 10.40 15.63
N LEU B 151 0.62 11.57 15.56
CA LEU B 151 0.89 12.60 14.53
C LEU B 151 2.26 13.26 14.78
N LEU B 152 2.68 13.34 16.04
CA LEU B 152 3.91 14.06 16.46
C LEU B 152 5.11 13.10 16.58
N SER B 153 4.88 11.80 16.75
CA SER B 153 5.93 10.77 16.94
C SER B 153 6.88 10.73 15.75
N PRO B 154 6.39 10.81 14.47
CA PRO B 154 7.29 10.81 13.31
C PRO B 154 8.32 11.95 13.27
N HIS B 155 8.21 12.95 14.15
CA HIS B 155 9.16 14.07 14.30
C HIS B 155 10.40 13.55 15.04
N PRO B 156 11.61 13.63 14.42
CA PRO B 156 12.79 12.99 14.98
C PRO B 156 13.36 13.68 16.24
N LEU B 157 13.07 14.96 16.44
CA LEU B 157 13.72 15.79 17.50
C LEU B 157 12.72 16.19 18.61
N LEU B 158 11.41 16.15 18.35
CA LEU B 158 10.38 16.70 19.29
C LEU B 158 10.24 15.79 20.50
N GLN B 159 10.49 16.32 21.69
CA GLN B 159 10.24 15.65 23.00
C GLN B 159 8.80 15.99 23.44
N LEU B 160 7.89 15.03 23.29
CA LEU B 160 6.46 15.19 23.62
C LEU B 160 6.19 14.62 25.02
N SER B 161 5.68 15.45 25.92
CA SER B 161 5.13 15.05 27.24
C SER B 161 3.61 15.27 27.21
N TYR B 162 2.83 14.19 27.10
CA TYR B 162 1.36 14.22 26.88
C TYR B 162 0.64 13.59 28.08
N THR B 163 -0.23 14.37 28.75
CA THR B 163 -1.06 13.94 29.90
C THR B 163 -2.54 14.03 29.53
N ALA B 164 -3.20 12.88 29.35
CA ALA B 164 -4.66 12.70 29.22
C ALA B 164 -5.30 12.79 30.62
N THR B 165 -6.12 13.81 30.86
CA THR B 165 -6.81 14.06 32.16
C THR B 165 -8.32 13.96 31.97
N ASP B 166 -9.04 13.72 33.07
CA ASP B 166 -10.52 13.70 33.13
C ASP B 166 -10.93 13.87 34.59
N ARG B 167 -12.22 13.79 34.91
CA ARG B 167 -12.75 14.15 36.26
C ARG B 167 -12.91 12.88 37.12
N HIS B 168 -13.17 11.71 36.51
CA HIS B 168 -13.30 10.39 37.18
C HIS B 168 -12.25 9.43 36.65
N PRO B 169 -11.50 8.69 37.52
CA PRO B 169 -10.56 7.68 37.06
C PRO B 169 -11.18 6.65 36.08
N GLN B 170 -12.46 6.34 36.29
CA GLN B 170 -13.26 5.37 35.49
C GLN B 170 -13.35 5.83 34.03
N ALA B 171 -13.31 7.14 33.79
CA ALA B 171 -13.51 7.76 32.45
C ALA B 171 -12.48 7.22 31.44
N LEU B 172 -11.27 6.87 31.90
CA LEU B 172 -10.09 6.57 31.03
C LEU B 172 -9.73 5.08 31.01
N GLU B 173 -10.38 4.24 31.82
CA GLU B 173 -9.99 2.82 32.01
C GLU B 173 -10.14 2.02 30.70
N ALA B 174 -11.06 2.44 29.81
CA ALA B 174 -11.34 1.80 28.51
C ALA B 174 -10.13 1.93 27.58
N ALA B 175 -9.29 2.94 27.80
CA ALA B 175 -8.22 3.41 26.89
C ALA B 175 -6.83 3.05 27.41
N GLN B 176 -6.72 2.34 28.53
CA GLN B 176 -5.44 2.10 29.25
C GLN B 176 -4.39 1.53 28.28
N ALA B 177 -4.80 0.62 27.40
CA ALA B 177 -3.95 -0.02 26.37
C ALA B 177 -3.38 1.06 25.44
N GLU B 178 -4.25 1.85 24.79
CA GLU B 178 -3.89 2.96 23.88
C GLU B 178 -2.94 3.95 24.57
N LEU B 179 -3.18 4.26 25.85
CA LEU B 179 -2.40 5.26 26.63
C LEU B 179 -0.97 4.74 26.84
N GLN B 180 -0.82 3.43 27.07
CA GLN B 180 0.49 2.76 27.29
C GLN B 180 1.27 2.69 25.98
N GLN B 181 0.62 2.34 24.87
CA GLN B 181 1.23 2.27 23.51
C GLN B 181 1.81 3.62 23.11
N HIS B 182 1.14 4.73 23.48
CA HIS B 182 1.50 6.11 23.08
C HIS B 182 2.31 6.79 24.18
N ASP B 183 2.62 6.05 25.26
CA ASP B 183 3.41 6.51 26.44
C ASP B 183 2.77 7.79 27.01
N VAL B 184 1.44 7.79 27.13
CA VAL B 184 0.62 8.93 27.65
C VAL B 184 0.55 8.81 29.17
N ALA B 185 0.94 9.87 29.90
CA ALA B 185 0.73 10.01 31.36
C ALA B 185 -0.77 10.20 31.61
N GLN B 186 -1.20 10.04 32.87
CA GLN B 186 -2.63 10.10 33.28
C GLN B 186 -2.72 11.05 34.48
N GLY B 187 -3.79 11.84 34.55
CA GLY B 187 -4.01 12.86 35.59
C GLY B 187 -5.48 13.05 35.90
N GLN B 188 -5.80 13.64 37.05
CA GLN B 188 -7.21 13.93 37.45
C GLN B 188 -7.40 15.45 37.47
N TRP B 189 -8.31 15.95 36.62
CA TRP B 189 -8.62 17.39 36.50
C TRP B 189 -10.06 17.57 36.02
N ASP B 190 -10.90 18.22 36.85
CA ASP B 190 -12.21 18.78 36.41
C ASP B 190 -11.97 20.25 36.08
N PRO B 191 -12.14 20.67 34.80
CA PRO B 191 -11.76 22.03 34.39
C PRO B 191 -12.58 23.14 35.06
N ALA B 192 -13.68 22.77 35.75
CA ALA B 192 -14.44 23.67 36.66
C ALA B 192 -13.52 24.22 37.75
N ASP B 193 -12.44 23.50 38.07
CA ASP B 193 -11.46 23.87 39.14
C ASP B 193 -10.15 24.31 38.49
N PRO B 194 -9.30 25.09 39.20
CA PRO B 194 -7.92 25.27 38.78
C PRO B 194 -7.23 23.92 38.50
N ALA B 195 -6.20 23.90 37.65
CA ALA B 195 -5.45 22.69 37.30
C ALA B 195 -4.56 22.27 38.47
N PRO B 196 -4.37 20.96 38.73
CA PRO B 196 -3.28 20.50 39.59
C PRO B 196 -1.94 21.14 39.19
N SER B 197 -1.14 21.60 40.16
CA SER B 197 0.17 22.27 39.92
C SER B 197 0.98 21.55 38.83
N ALA B 198 1.00 20.21 38.87
CA ALA B 198 1.78 19.30 38.00
C ALA B 198 1.46 19.54 36.52
N LEU B 199 0.23 19.95 36.19
CA LEU B 199 -0.23 20.20 34.80
C LEU B 199 0.01 21.66 34.40
N GLY B 200 0.56 22.49 35.30
CA GLY B 200 0.82 23.93 35.07
C GLY B 200 1.89 24.17 34.01
N SER B 201 2.07 25.43 33.63
CA SER B 201 3.03 25.88 32.58
C SER B 201 3.00 24.94 31.36
N ALA B 202 1.81 24.48 30.94
CA ALA B 202 1.65 23.68 29.70
C ALA B 202 1.98 24.56 28.49
N ASP B 203 2.44 23.94 27.40
CA ASP B 203 2.69 24.61 26.10
C ASP B 203 1.42 24.54 25.24
N LEU B 204 0.71 23.42 25.31
CA LEU B 204 -0.49 23.13 24.49
C LEU B 204 -1.54 22.42 25.36
N LEU B 205 -2.72 23.02 25.52
CA LEU B 205 -3.92 22.32 26.07
C LEU B 205 -4.81 21.97 24.88
N VAL B 206 -5.28 20.73 24.84
CA VAL B 206 -6.20 20.23 23.77
C VAL B 206 -7.47 19.74 24.48
N CYS B 207 -8.59 19.78 23.78
CA CYS B 207 -9.93 19.42 24.30
C CYS B 207 -10.87 19.16 23.12
N ASN B 208 -11.33 17.92 22.97
CA ASN B 208 -12.41 17.55 22.03
C ASN B 208 -13.70 17.52 22.86
N CYS B 209 -14.46 18.61 22.85
CA CYS B 209 -15.77 18.75 23.56
C CYS B 209 -16.92 18.68 22.55
N ALA B 210 -16.77 17.87 21.50
CA ALA B 210 -17.85 17.48 20.56
C ALA B 210 -18.92 16.68 21.32
N VAL B 211 -18.49 15.74 22.17
CA VAL B 211 -19.39 14.91 23.04
C VAL B 211 -19.18 15.33 24.51
N ALA B 212 -17.93 15.41 24.97
CA ALA B 212 -17.56 15.81 26.35
C ALA B 212 -18.12 17.20 26.66
N ALA B 213 -18.60 17.41 27.90
CA ALA B 213 -19.24 18.67 28.37
C ALA B 213 -18.30 19.38 29.35
N LEU B 214 -17.97 20.64 29.08
CA LEU B 214 -17.01 21.46 29.87
C LEU B 214 -17.64 21.88 31.21
N GLY B 215 -18.97 21.81 31.33
CA GLY B 215 -19.75 22.57 32.32
C GLY B 215 -19.83 24.02 31.90
N ASP B 216 -19.74 24.96 32.85
CA ASP B 216 -19.72 26.42 32.57
C ASP B 216 -18.52 26.69 31.67
N PRO B 217 -18.71 27.01 30.36
CA PRO B 217 -17.59 27.13 29.42
C PRO B 217 -16.60 28.24 29.79
N ALA B 218 -17.06 29.38 30.31
CA ALA B 218 -16.21 30.55 30.66
C ALA B 218 -15.28 30.20 31.83
N SER B 219 -15.79 29.48 32.83
CA SER B 219 -15.02 28.99 34.02
C SER B 219 -14.01 27.93 33.59
N ALA B 220 -14.47 26.94 32.81
CA ALA B 220 -13.62 25.88 32.21
C ALA B 220 -12.45 26.50 31.45
N LEU B 221 -12.74 27.34 30.44
CA LEU B 221 -11.72 27.96 29.55
C LEU B 221 -10.75 28.81 30.38
N SER B 222 -11.27 29.62 31.31
CA SER B 222 -10.50 30.48 32.24
C SER B 222 -9.45 29.65 33.00
N ASN B 223 -9.83 28.48 33.49
CA ASN B 223 -8.92 27.55 34.23
C ASN B 223 -7.89 26.98 33.25
N MET B 224 -8.34 26.61 32.04
CA MET B 224 -7.48 26.07 30.94
C MET B 224 -6.42 27.10 30.56
N VAL B 225 -6.77 28.38 30.44
CA VAL B 225 -5.81 29.49 30.10
C VAL B 225 -4.74 29.55 31.18
N ALA B 226 -5.14 29.60 32.45
CA ALA B 226 -4.24 29.74 33.61
C ALA B 226 -3.24 28.58 33.64
N ALA B 227 -3.62 27.40 33.15
CA ALA B 227 -2.80 26.17 33.06
C ALA B 227 -1.74 26.28 31.95
N LEU B 228 -1.93 27.19 30.99
CA LEU B 228 -0.95 27.45 29.91
C LEU B 228 0.11 28.44 30.40
N ARG B 229 1.36 28.25 29.99
CA ARG B 229 2.40 29.31 30.02
C ARG B 229 1.94 30.44 29.08
N GLU B 230 2.43 31.65 29.29
CA GLU B 230 2.22 32.78 28.35
C GLU B 230 2.75 32.35 26.98
N GLY B 231 1.97 32.57 25.92
CA GLY B 231 2.33 32.17 24.54
C GLY B 231 1.99 30.72 24.25
N GLY B 232 1.48 29.98 25.25
CA GLY B 232 1.00 28.60 25.07
C GLY B 232 -0.27 28.58 24.23
N PHE B 233 -0.62 27.42 23.65
CA PHE B 233 -1.76 27.28 22.72
C PHE B 233 -2.90 26.52 23.39
N LEU B 234 -4.13 26.90 23.05
CA LEU B 234 -5.34 26.06 23.25
C LEU B 234 -5.83 25.57 21.89
N LEU B 235 -6.10 24.27 21.79
CA LEU B 235 -6.74 23.63 20.61
C LEU B 235 -8.04 22.98 21.08
N LEU B 236 -9.16 23.54 20.64
CA LEU B 236 -10.52 23.07 21.01
C LEU B 236 -11.17 22.50 19.75
N HIS B 237 -11.65 21.27 19.81
CA HIS B 237 -12.58 20.67 18.82
C HIS B 237 -14.00 20.64 19.42
N THR B 238 -14.98 21.16 18.69
CA THR B 238 -16.39 21.21 19.15
C THR B 238 -17.29 21.23 17.92
N LEU B 239 -18.61 21.13 18.14
CA LEU B 239 -19.66 21.29 17.10
C LEU B 239 -20.26 22.70 17.25
N LEU B 240 -20.58 23.35 16.14
CA LEU B 240 -21.16 24.71 16.13
C LEU B 240 -22.68 24.62 16.02
N ARG B 241 -23.40 25.36 16.86
CA ARG B 241 -24.84 25.63 16.70
C ARG B 241 -25.02 26.51 15.45
N GLY B 242 -26.14 26.35 14.73
CA GLY B 242 -26.40 27.04 13.45
C GLY B 242 -25.76 26.33 12.26
N HIS B 243 -25.21 25.13 12.47
CA HIS B 243 -24.65 24.23 11.42
C HIS B 243 -25.28 22.85 11.60
N PRO B 244 -25.45 22.07 10.50
CA PRO B 244 -26.22 20.83 10.52
C PRO B 244 -25.93 19.90 11.71
N LEU B 245 -24.67 19.54 11.92
CA LEU B 245 -24.32 18.47 12.89
C LEU B 245 -24.67 18.93 14.31
N GLY B 246 -24.35 20.17 14.67
CA GLY B 246 -24.62 20.73 16.00
C GLY B 246 -26.11 20.90 16.24
N ASP B 247 -26.85 21.34 15.22
CA ASP B 247 -28.33 21.51 15.27
C ASP B 247 -28.96 20.12 15.44
N ILE B 248 -28.36 19.07 14.85
CA ILE B 248 -28.82 17.66 14.94
C ILE B 248 -28.56 17.14 16.36
N VAL B 249 -27.34 17.32 16.88
CA VAL B 249 -26.92 16.79 18.20
C VAL B 249 -27.72 17.50 19.31
N ALA B 250 -27.99 18.81 19.14
CA ALA B 250 -28.72 19.66 20.11
C ALA B 250 -30.19 19.24 20.18
N PHE B 251 -30.78 18.86 19.04
CA PHE B 251 -32.18 18.40 18.92
C PHE B 251 -32.35 17.05 19.64
N LEU B 252 -31.37 16.16 19.50
CA LEU B 252 -31.41 14.76 20.00
C LEU B 252 -31.30 14.73 21.53
N THR B 253 -30.64 15.72 22.15
CA THR B 253 -30.35 15.76 23.61
C THR B 253 -31.18 16.86 24.29
N SER B 254 -32.41 17.09 23.79
CA SER B 254 -33.37 18.08 24.33
C SER B 254 -34.81 17.69 23.95
N GLN B 261 -24.31 26.19 28.68
CA GLN B 261 -24.22 24.70 28.57
C GLN B 261 -24.41 24.28 27.10
N GLY B 262 -24.07 23.02 26.78
CA GLY B 262 -24.39 22.38 25.50
C GLY B 262 -23.65 23.00 24.31
N ILE B 263 -24.28 22.97 23.13
CA ILE B 263 -23.69 23.33 21.80
C ILE B 263 -23.77 24.85 21.61
N LEU B 264 -22.62 25.51 21.37
CA LEU B 264 -22.54 26.98 21.20
C LEU B 264 -22.36 27.34 19.71
N SER B 265 -22.76 28.55 19.35
CA SER B 265 -22.48 29.18 18.03
C SER B 265 -20.99 29.54 17.96
N GLN B 266 -20.47 29.77 16.74
CA GLN B 266 -19.09 30.27 16.51
C GLN B 266 -18.90 31.58 17.29
N ASP B 267 -19.86 32.50 17.16
CA ASP B 267 -19.84 33.85 17.78
C ASP B 267 -19.68 33.73 19.31
N ALA B 268 -20.33 32.73 19.93
CA ALA B 268 -20.35 32.50 21.39
C ALA B 268 -18.96 32.04 21.85
N TRP B 269 -18.38 31.11 21.10
CA TRP B 269 -17.01 30.58 21.30
C TRP B 269 -15.98 31.70 21.17
N GLU B 270 -16.03 32.48 20.09
CA GLU B 270 -15.01 33.54 19.81
C GLU B 270 -15.14 34.67 20.83
N SER B 271 -16.35 34.93 21.33
CA SER B 271 -16.60 35.86 22.46
C SER B 271 -15.97 35.31 23.73
N LEU B 272 -16.19 34.02 24.03
CA LEU B 272 -15.59 33.33 25.21
C LEU B 272 -14.07 33.46 25.17
N PHE B 273 -13.45 33.25 24.01
CA PHE B 273 -11.97 33.34 23.84
C PHE B 273 -11.49 34.74 24.21
N SER B 274 -12.13 35.80 23.70
CA SER B 274 -11.82 37.22 24.06
C SER B 274 -12.04 37.44 25.56
N ARG B 275 -13.13 36.89 26.10
CA ARG B 275 -13.48 37.02 27.54
C ARG B 275 -12.31 36.52 28.41
N VAL B 276 -11.74 35.35 28.09
CA VAL B 276 -10.66 34.71 28.90
C VAL B 276 -9.28 35.11 28.36
N SER B 277 -9.21 36.09 27.46
CA SER B 277 -7.97 36.72 26.94
C SER B 277 -7.19 35.73 26.05
N LEU B 278 -7.87 34.90 25.27
CA LEU B 278 -7.22 34.08 24.22
C LEU B 278 -7.26 34.84 22.88
N ARG B 279 -6.23 34.70 22.06
CA ARG B 279 -6.21 35.20 20.66
C ARG B 279 -6.37 34.01 19.73
N LEU B 280 -7.39 34.04 18.87
CA LEU B 280 -7.66 32.99 17.84
C LEU B 280 -6.68 33.18 16.68
N VAL B 281 -5.86 32.16 16.40
CA VAL B 281 -4.79 32.23 15.38
C VAL B 281 -4.98 31.16 14.30
N GLY B 282 -5.93 30.23 14.47
CA GLY B 282 -6.28 29.23 13.45
C GLY B 282 -7.72 28.77 13.57
N LEU B 283 -8.37 28.48 12.45
CA LEU B 283 -9.78 28.04 12.43
C LEU B 283 -9.99 27.08 11.24
N LYS B 284 -10.34 25.83 11.54
CA LYS B 284 -10.68 24.78 10.56
C LYS B 284 -12.15 24.39 10.78
N LYS B 285 -12.99 24.58 9.76
CA LYS B 285 -14.45 24.32 9.83
C LYS B 285 -14.82 23.31 8.75
N SER B 286 -15.37 22.16 9.14
CA SER B 286 -15.93 21.15 8.21
C SER B 286 -17.16 21.74 7.51
N PHE B 287 -17.59 21.16 6.38
CA PHE B 287 -18.79 21.58 5.62
C PHE B 287 -20.03 21.45 6.50
N TYR B 288 -20.00 20.65 7.57
CA TYR B 288 -21.15 20.36 8.45
C TYR B 288 -20.99 21.01 9.84
N GLY B 289 -19.97 21.85 10.04
CA GLY B 289 -19.87 22.77 11.19
C GLY B 289 -19.19 22.17 12.42
N SER B 290 -18.47 21.05 12.30
CA SER B 290 -17.46 20.63 13.30
C SER B 290 -16.25 21.56 13.16
N THR B 291 -15.62 21.97 14.25
CA THR B 291 -14.61 23.07 14.20
C THR B 291 -13.39 22.78 15.08
N LEU B 292 -12.21 23.10 14.56
CA LEU B 292 -10.96 23.28 15.34
C LEU B 292 -10.69 24.77 15.52
N PHE B 293 -10.66 25.23 16.76
CA PHE B 293 -10.19 26.58 17.15
C PHE B 293 -8.77 26.44 17.69
N LEU B 294 -7.81 27.13 17.08
CA LEU B 294 -6.42 27.25 17.61
C LEU B 294 -6.27 28.64 18.20
N CYS B 295 -6.09 28.72 19.52
CA CYS B 295 -6.00 29.97 20.29
C CYS B 295 -4.66 30.02 20.99
N ARG B 296 -4.29 31.21 21.47
CA ARG B 296 -2.98 31.45 22.10
C ARG B 296 -3.15 32.47 23.23
N ARG B 297 -2.67 32.13 24.43
CA ARG B 297 -2.57 33.06 25.58
C ARG B 297 -1.52 34.10 25.23
N PRO B 298 -1.83 35.43 25.26
CA PRO B 298 -0.85 36.45 24.90
C PRO B 298 0.39 36.45 25.81
N THR B 299 1.48 37.04 25.30
CA THR B 299 2.74 37.34 26.04
C THR B 299 2.91 38.85 26.11
N PRO B 300 3.36 39.40 27.27
CA PRO B 300 3.86 40.77 27.32
C PRO B 300 4.96 40.97 26.27
N GLN B 301 4.79 41.95 25.38
CA GLN B 301 5.58 42.11 24.13
C GLN B 301 6.47 43.35 24.27
N ASP B 302 7.80 43.14 24.26
CA ASP B 302 8.80 44.23 24.08
C ASP B 302 8.64 44.79 22.65
N SER B 303 9.13 46.01 22.40
CA SER B 303 9.00 46.72 21.10
C SER B 303 9.65 45.89 20.00
N PRO B 304 8.94 45.59 18.89
CA PRO B 304 9.50 44.73 17.85
C PRO B 304 10.52 45.44 16.95
N ILE B 305 11.63 44.76 16.61
CA ILE B 305 12.59 45.26 15.58
C ILE B 305 12.16 44.71 14.21
N PHE B 306 11.97 45.60 13.23
CA PHE B 306 11.65 45.25 11.81
C PHE B 306 12.93 45.32 10.98
N LEU B 307 13.23 44.27 10.21
CA LEU B 307 14.40 44.21 9.29
C LEU B 307 13.94 43.70 7.94
N PRO B 308 13.89 44.56 6.89
CA PRO B 308 13.68 44.12 5.52
C PRO B 308 14.80 43.15 5.11
N VAL B 309 14.47 42.09 4.36
CA VAL B 309 15.46 41.06 3.91
C VAL B 309 15.34 40.86 2.39
N ASP B 310 14.95 41.93 1.69
CA ASP B 310 14.70 41.99 0.23
C ASP B 310 15.95 42.47 -0.53
N ASP B 311 16.91 43.11 0.14
CA ASP B 311 18.17 43.62 -0.46
C ASP B 311 18.92 42.47 -1.14
N THR B 312 19.11 42.55 -2.46
CA THR B 312 19.72 41.51 -3.34
C THR B 312 21.16 41.19 -2.90
N SER B 313 21.88 42.17 -2.34
CA SER B 313 23.31 42.08 -1.95
C SER B 313 23.48 41.45 -0.54
N PHE B 314 22.40 41.20 0.20
CA PHE B 314 22.38 40.56 1.53
C PHE B 314 23.09 41.43 2.59
N ARG B 315 23.04 42.76 2.46
CA ARG B 315 23.59 43.70 3.47
C ARG B 315 22.81 43.51 4.80
N TRP B 316 21.56 43.09 4.72
CA TRP B 316 20.70 42.82 5.90
C TRP B 316 21.35 41.79 6.84
N VAL B 317 22.27 40.94 6.34
CA VAL B 317 22.94 39.88 7.16
C VAL B 317 23.72 40.55 8.28
N GLU B 318 24.42 41.64 7.96
CA GLU B 318 25.25 42.41 8.94
C GLU B 318 24.34 43.04 9.98
N SER B 319 23.22 43.64 9.55
CA SER B 319 22.17 44.23 10.41
C SER B 319 21.65 43.19 11.40
N LEU B 320 21.26 42.01 10.90
CA LEU B 320 20.63 40.95 11.75
C LEU B 320 21.65 40.45 12.78
N LYS B 321 22.92 40.30 12.39
CA LYS B 321 24.02 39.84 13.28
C LYS B 321 24.16 40.82 14.45
N GLY B 322 24.14 42.12 14.16
CA GLY B 322 24.19 43.19 15.16
C GLY B 322 23.01 43.09 16.11
N ILE B 323 21.82 42.83 15.57
CA ILE B 323 20.57 42.74 16.37
C ILE B 323 20.68 41.53 17.31
N LEU B 324 21.08 40.37 16.80
CA LEU B 324 21.13 39.11 17.59
C LEU B 324 22.34 39.10 18.53
N ALA B 325 23.40 39.86 18.22
CA ALA B 325 24.63 39.99 19.05
C ALA B 325 24.27 40.58 20.43
N ASP B 326 23.21 41.38 20.50
CA ASP B 326 22.70 42.00 21.74
C ASP B 326 22.04 40.89 22.58
N GLU B 327 22.84 40.15 23.35
CA GLU B 327 22.39 39.00 24.18
C GLU B 327 21.20 39.42 25.05
N ASP B 328 21.31 40.58 25.71
CA ASP B 328 20.39 41.07 26.76
C ASP B 328 18.99 41.34 26.19
N SER B 329 18.89 41.83 24.96
CA SER B 329 17.60 42.25 24.32
C SER B 329 16.67 41.04 24.18
N ALA B 330 15.41 41.20 24.60
CA ALA B 330 14.32 40.20 24.47
C ALA B 330 13.32 40.68 23.41
N ARG B 331 13.66 41.76 22.70
CA ARG B 331 12.80 42.38 21.65
C ARG B 331 12.65 41.41 20.49
N PRO B 332 11.41 41.11 20.05
CA PRO B 332 11.20 40.19 18.93
C PRO B 332 11.67 40.81 17.60
N VAL B 333 12.27 39.97 16.76
CA VAL B 333 12.90 40.39 15.49
C VAL B 333 12.03 39.90 14.32
N TRP B 334 11.40 40.86 13.63
CA TRP B 334 10.48 40.64 12.50
C TRP B 334 11.24 40.85 11.19
N LEU B 335 11.70 39.76 10.56
CA LEU B 335 12.23 39.80 9.17
C LEU B 335 11.04 40.02 8.25
N LYS B 336 11.15 40.97 7.33
CA LYS B 336 10.07 41.36 6.38
C LYS B 336 10.53 41.08 4.95
N ALA B 337 9.87 40.18 4.25
CA ALA B 337 9.99 39.99 2.79
C ALA B 337 8.71 40.52 2.12
N ILE B 338 8.74 41.75 1.61
CA ILE B 338 7.53 42.47 1.07
C ILE B 338 7.70 42.75 -0.44
N ASN B 339 8.91 42.72 -0.97
CA ASN B 339 9.22 43.20 -2.35
C ASN B 339 9.46 42.02 -3.30
N CYS B 340 9.63 40.80 -2.79
CA CYS B 340 10.05 39.62 -3.61
C CYS B 340 9.31 38.35 -3.18
N ALA B 341 8.43 37.87 -4.06
CA ALA B 341 7.61 36.66 -3.85
C ALA B 341 8.52 35.43 -3.70
N THR B 342 9.73 35.45 -4.26
CA THR B 342 10.68 34.31 -4.28
C THR B 342 11.67 34.40 -3.11
N SER B 343 11.45 35.29 -2.15
CA SER B 343 12.28 35.42 -0.92
C SER B 343 12.36 34.05 -0.22
N GLY B 344 13.55 33.67 0.25
CA GLY B 344 13.78 32.39 0.95
C GLY B 344 13.61 32.51 2.46
N VAL B 345 12.94 33.57 2.93
CA VAL B 345 12.93 34.03 4.34
C VAL B 345 12.40 32.93 5.26
N VAL B 346 11.52 32.06 4.76
CA VAL B 346 10.89 30.97 5.57
C VAL B 346 11.98 29.97 5.97
N GLY B 347 12.80 29.49 5.03
CA GLY B 347 13.90 28.55 5.31
C GLY B 347 14.97 29.17 6.18
N LEU B 348 15.34 30.42 5.89
CA LEU B 348 16.20 31.25 6.77
C LEU B 348 15.68 31.16 8.22
N VAL B 349 14.40 31.49 8.44
CA VAL B 349 13.83 31.58 9.81
C VAL B 349 13.97 30.23 10.51
N ASN B 350 13.59 29.14 9.82
CA ASN B 350 13.61 27.76 10.37
C ASN B 350 15.01 27.45 10.92
N CYS B 351 16.07 27.84 10.23
CA CYS B 351 17.47 27.56 10.64
C CYS B 351 17.85 28.45 11.82
N LEU B 352 17.54 29.76 11.73
CA LEU B 352 17.88 30.77 12.77
C LEU B 352 17.12 30.48 14.06
N ARG B 353 15.93 29.89 13.98
CA ARG B 353 15.14 29.48 15.18
C ARG B 353 15.94 28.45 15.99
N ARG B 354 16.88 27.72 15.37
CA ARG B 354 17.66 26.64 16.03
C ARG B 354 18.99 27.18 16.58
N GLU B 355 19.31 28.46 16.33
CA GLU B 355 20.58 29.09 16.76
C GLU B 355 20.33 29.91 18.02
N PRO B 356 21.36 30.19 18.85
CA PRO B 356 21.19 31.02 20.04
C PRO B 356 20.50 32.35 19.71
N GLY B 357 19.49 32.73 20.50
CA GLY B 357 18.65 33.93 20.28
C GLY B 357 17.56 33.72 19.23
N GLY B 358 17.40 32.47 18.76
CA GLY B 358 16.52 32.12 17.63
C GLY B 358 15.05 32.29 17.97
N ASN B 359 14.67 32.05 19.22
CA ASN B 359 13.24 32.10 19.63
C ASN B 359 12.74 33.56 19.59
N ARG B 360 13.62 34.53 19.33
CA ARG B 360 13.23 35.96 19.14
C ARG B 360 12.63 36.19 17.74
N LEU B 361 12.87 35.27 16.80
CA LEU B 361 12.62 35.51 15.35
C LEU B 361 11.18 35.21 14.95
N ARG B 362 10.63 36.11 14.12
CA ARG B 362 9.35 35.99 13.40
C ARG B 362 9.59 36.50 11.97
N CYS B 363 8.73 36.20 11.02
CA CYS B 363 8.84 36.79 9.67
C CYS B 363 7.47 37.07 9.07
N VAL B 364 7.45 38.02 8.14
CA VAL B 364 6.34 38.30 7.20
C VAL B 364 6.87 38.06 5.80
N LEU B 365 6.24 37.17 5.04
CA LEU B 365 6.49 37.00 3.58
C LEU B 365 5.20 37.34 2.84
N LEU B 366 5.26 38.29 1.89
CA LEU B 366 4.22 38.51 0.85
C LEU B 366 4.66 37.77 -0.41
N SER B 367 3.84 36.82 -0.87
CA SER B 367 4.19 35.84 -1.91
C SER B 367 2.93 35.42 -2.67
N ASN B 368 2.41 36.34 -3.51
CA ASN B 368 1.29 36.09 -4.44
C ASN B 368 1.81 35.25 -5.62
N LEU B 369 1.11 34.18 -5.99
CA LEU B 369 1.39 33.39 -7.21
C LEU B 369 0.79 34.12 -8.42
N SER B 370 -0.24 34.94 -8.18
CA SER B 370 -1.01 35.67 -9.22
C SER B 370 -0.59 37.13 -9.25
N SER B 371 -0.11 37.60 -10.41
CA SER B 371 0.33 39.01 -10.66
C SER B 371 -0.87 39.97 -10.48
N THR B 372 -2.09 39.45 -10.57
CA THR B 372 -3.37 40.20 -10.49
C THR B 372 -3.82 40.37 -9.02
N SER B 373 -3.26 39.60 -8.07
CA SER B 373 -3.63 39.64 -6.63
C SER B 373 -3.17 40.96 -6.00
N HIS B 374 -3.94 41.47 -5.03
CA HIS B 374 -3.59 42.67 -4.22
C HIS B 374 -2.38 42.33 -3.32
N VAL B 375 -1.48 43.30 -3.15
CA VAL B 375 -0.34 43.27 -2.19
C VAL B 375 -0.72 44.10 -0.98
N PRO B 376 -1.03 43.49 0.20
CA PRO B 376 -1.41 44.27 1.37
C PRO B 376 -0.26 45.16 1.87
N GLU B 377 -0.61 46.33 2.40
CA GLU B 377 0.33 47.23 3.12
C GLU B 377 0.51 46.67 4.53
N VAL B 378 1.76 46.47 4.94
CA VAL B 378 2.13 45.86 6.25
C VAL B 378 3.15 46.79 6.93
N ASP B 379 2.99 48.10 6.70
CA ASP B 379 3.77 49.19 7.32
C ASP B 379 3.50 49.19 8.82
N PRO B 380 4.45 49.68 9.67
CA PRO B 380 4.14 49.94 11.08
C PRO B 380 2.89 50.82 11.20
N GLY B 381 1.94 50.42 12.06
CA GLY B 381 0.67 51.12 12.30
C GLY B 381 -0.35 50.85 11.21
N SER B 382 -0.20 49.76 10.44
CA SER B 382 -1.16 49.34 9.39
C SER B 382 -2.12 48.28 9.95
N ALA B 383 -3.25 48.09 9.26
CA ALA B 383 -4.34 47.15 9.62
C ALA B 383 -3.79 45.71 9.70
N GLU B 384 -3.35 45.16 8.56
CA GLU B 384 -2.93 43.73 8.43
C GLU B 384 -1.78 43.43 9.42
N LEU B 385 -0.82 44.34 9.56
CA LEU B 385 0.38 44.14 10.40
C LEU B 385 -0.03 43.97 11.88
N GLN B 386 -1.05 44.72 12.34
CA GLN B 386 -1.50 44.69 13.76
C GLN B 386 -2.04 43.29 14.08
N LYS B 387 -2.87 42.72 13.20
CA LYS B 387 -3.42 41.33 13.34
C LYS B 387 -2.27 40.34 13.49
N VAL B 388 -1.32 40.38 12.54
CA VAL B 388 -0.11 39.51 12.47
C VAL B 388 0.61 39.54 13.82
N LEU B 389 0.89 40.75 14.35
CA LEU B 389 1.62 40.97 15.62
C LEU B 389 0.86 40.41 16.82
N GLN B 390 -0.47 40.51 16.83
CA GLN B 390 -1.30 40.03 17.95
C GLN B 390 -1.27 38.50 17.99
N GLY B 391 -1.23 37.83 16.83
CA GLY B 391 -1.06 36.36 16.74
C GLY B 391 0.34 35.97 17.20
N ASP B 392 1.34 36.76 16.81
CA ASP B 392 2.77 36.59 17.16
C ASP B 392 3.31 35.24 16.65
N LEU B 393 2.72 34.71 15.58
CA LEU B 393 3.23 33.46 14.95
C LEU B 393 4.58 33.75 14.29
N VAL B 394 5.47 32.74 14.29
CA VAL B 394 6.79 32.77 13.59
C VAL B 394 6.55 33.02 12.09
N MET B 395 5.62 32.29 11.48
CA MET B 395 5.43 32.20 10.01
C MET B 395 4.09 32.85 9.64
N ASN B 396 4.18 34.01 8.99
CA ASN B 396 3.04 34.82 8.51
C ASN B 396 3.27 35.03 7.02
N VAL B 397 2.70 34.14 6.22
CA VAL B 397 2.86 34.16 4.75
C VAL B 397 1.53 34.59 4.14
N TYR B 398 1.55 35.68 3.37
CA TYR B 398 0.38 36.19 2.63
C TYR B 398 0.44 35.71 1.18
N ARG B 399 -0.55 34.95 0.74
CA ARG B 399 -0.62 34.43 -0.65
C ARG B 399 -2.03 34.57 -1.24
N ASP B 400 -2.18 35.53 -2.17
CA ASP B 400 -3.36 35.67 -3.05
C ASP B 400 -4.62 35.79 -2.17
N GLY B 401 -4.57 36.66 -1.15
CA GLY B 401 -5.74 37.08 -0.36
C GLY B 401 -5.92 36.35 0.98
N ALA B 402 -4.97 35.50 1.38
CA ALA B 402 -5.07 34.71 2.62
C ALA B 402 -3.74 34.74 3.38
N TRP B 403 -3.81 34.94 4.69
CA TRP B 403 -2.68 34.74 5.64
C TRP B 403 -2.61 33.26 5.99
N GLY B 404 -1.40 32.72 6.10
CA GLY B 404 -1.15 31.31 6.44
C GLY B 404 0.32 31.04 6.59
N ALA B 405 0.71 29.78 6.45
CA ALA B 405 2.11 29.31 6.52
C ALA B 405 2.21 28.03 5.69
N PHE B 406 3.42 27.66 5.28
CA PHE B 406 3.72 26.36 4.62
C PHE B 406 3.73 25.26 5.69
N ARG B 407 2.93 24.22 5.47
CA ARG B 407 2.77 23.06 6.38
C ARG B 407 3.07 21.76 5.61
N HIS B 408 3.49 20.72 6.34
CA HIS B 408 3.76 19.36 5.81
C HIS B 408 2.54 18.46 6.03
N PHE B 409 2.15 17.70 5.00
CA PHE B 409 1.03 16.72 5.06
C PHE B 409 1.52 15.40 4.46
N LEU B 410 1.16 14.28 5.11
CA LEU B 410 1.47 12.93 4.60
C LEU B 410 0.94 12.83 3.18
N LEU B 411 1.82 12.46 2.24
CA LEU B 411 1.48 12.21 0.82
C LEU B 411 0.58 10.97 0.77
N GLU B 412 -0.31 10.89 -0.21
CA GLU B 412 -1.39 9.86 -0.30
C GLU B 412 -0.94 8.70 -1.19
N GLU B 413 -0.53 8.99 -2.44
CA GLU B 413 -0.42 8.01 -3.56
C GLU B 413 0.46 6.82 -3.16
N ASP B 414 1.60 7.07 -2.50
CA ASP B 414 2.61 6.06 -2.06
C ASP B 414 2.23 4.67 -2.60
N SER B 417 4.45 3.19 -10.16
CA SER B 417 4.70 2.63 -11.51
C SER B 417 5.74 3.49 -12.24
N LYS B 418 6.87 2.89 -12.63
CA LYS B 418 8.11 3.57 -13.07
C LYS B 418 7.83 4.56 -14.22
N THR B 419 8.43 5.73 -14.14
CA THR B 419 8.45 6.78 -15.20
C THR B 419 9.34 6.32 -16.35
N PHE B 420 9.21 6.98 -17.51
CA PHE B 420 10.05 6.77 -18.71
C PHE B 420 10.24 8.13 -19.37
N CAF B 421 11.37 8.31 -20.06
CA CAF B 421 11.70 9.59 -20.65
CB CAF B 421 13.09 10.01 -20.19
C CAF B 421 11.72 9.50 -22.18
O CAF B 421 12.13 8.48 -22.73
SG CAF B 421 13.17 10.08 -18.43
AS CAF B 421 11.78 11.66 -17.82
CE1 CAF B 421 11.02 12.67 -19.31
CE2 CAF B 421 12.85 12.90 -16.72
O1 CAF B 421 10.65 10.88 -16.73
N PRO B 422 11.27 10.55 -22.90
CA PRO B 422 11.46 10.62 -24.35
C PRO B 422 12.95 10.63 -24.70
N ALA B 423 13.37 9.69 -25.54
CA ALA B 423 14.78 9.43 -25.91
C ALA B 423 15.32 10.58 -26.77
N HIS B 424 14.44 11.35 -27.40
CA HIS B 424 14.88 12.39 -28.38
C HIS B 424 15.29 13.69 -27.65
N LYS B 425 14.84 13.90 -26.41
CA LYS B 425 15.06 15.20 -25.70
C LYS B 425 16.38 15.16 -24.95
N SER B 426 16.94 16.34 -24.67
CA SER B 426 18.15 16.52 -23.84
C SER B 426 17.76 16.77 -22.38
N TYR B 427 18.60 16.30 -21.45
CA TYR B 427 18.40 16.41 -19.98
C TYR B 427 19.65 17.05 -19.37
N ILE B 428 19.42 18.12 -18.60
CA ILE B 428 20.47 18.96 -17.95
C ILE B 428 20.44 18.64 -16.45
N ILE B 429 21.58 18.23 -15.89
CA ILE B 429 21.78 18.16 -14.42
C ILE B 429 22.87 19.17 -14.06
N ALA B 430 22.48 20.32 -13.52
CA ALA B 430 23.41 21.26 -12.85
C ALA B 430 23.92 20.57 -11.58
N GLY B 431 25.25 20.41 -11.46
CA GLY B 431 25.87 19.63 -10.38
C GLY B 431 25.85 18.14 -10.70
N GLY B 432 25.91 17.82 -11.99
CA GLY B 432 25.74 16.47 -12.56
C GLY B 432 26.88 15.49 -12.26
N LEU B 433 28.09 15.98 -11.91
CA LEU B 433 29.26 15.14 -11.56
C LEU B 433 29.35 14.94 -10.03
N GLY B 434 28.52 15.65 -9.26
CA GLY B 434 28.41 15.44 -7.81
C GLY B 434 27.83 14.07 -7.48
N GLY B 435 27.74 13.74 -6.19
CA GLY B 435 27.33 12.43 -5.67
C GLY B 435 25.94 12.03 -6.14
N PHE B 436 24.94 12.85 -5.84
CA PHE B 436 23.53 12.60 -6.27
C PHE B 436 23.47 12.74 -7.80
N GLY B 437 24.24 13.67 -8.37
CA GLY B 437 24.32 13.93 -9.81
C GLY B 437 24.54 12.67 -10.63
N LEU B 438 25.62 11.93 -10.38
CA LEU B 438 25.99 10.73 -11.19
C LEU B 438 24.91 9.65 -11.02
N GLU B 439 24.30 9.56 -9.83
CA GLU B 439 23.19 8.60 -9.55
C GLU B 439 21.95 8.98 -10.36
N LEU B 440 21.60 10.27 -10.40
CA LEU B 440 20.43 10.79 -11.15
C LEU B 440 20.67 10.54 -12.64
N ALA B 441 21.88 10.81 -13.13
CA ALA B 441 22.29 10.54 -14.54
C ALA B 441 22.01 9.07 -14.89
N GLN B 442 22.48 8.12 -14.05
CA GLN B 442 22.29 6.65 -14.22
C GLN B 442 20.80 6.32 -14.26
N TRP B 443 20.05 6.83 -13.29
CA TRP B 443 18.58 6.63 -13.14
C TRP B 443 17.85 7.10 -14.43
N LEU B 444 18.16 8.29 -14.93
CA LEU B 444 17.60 8.83 -16.20
C LEU B 444 17.95 7.90 -17.37
N ILE B 445 19.17 7.39 -17.44
CA ILE B 445 19.61 6.45 -18.51
C ILE B 445 18.78 5.16 -18.43
N GLN B 446 18.53 4.63 -17.23
CA GLN B 446 17.69 3.42 -17.00
C GLN B 446 16.27 3.63 -17.55
N ARG B 447 15.84 4.88 -17.71
CA ARG B 447 14.45 5.24 -18.11
C ARG B 447 14.42 5.86 -19.53
N GLY B 448 15.51 5.76 -20.29
CA GLY B 448 15.51 5.98 -21.74
C GLY B 448 16.29 7.21 -22.17
N VAL B 449 16.81 8.01 -21.25
CA VAL B 449 17.59 9.24 -21.60
C VAL B 449 18.86 8.81 -22.34
N GLN B 450 19.11 9.42 -23.51
CA GLN B 450 20.31 9.16 -24.36
C GLN B 450 21.12 10.45 -24.55
N LYS B 451 20.64 11.57 -23.99
CA LYS B 451 21.21 12.93 -24.18
C LYS B 451 21.30 13.63 -22.82
N LEU B 452 22.51 13.78 -22.29
CA LEU B 452 22.78 14.36 -20.95
C LEU B 452 23.80 15.49 -21.06
N VAL B 453 23.53 16.61 -20.40
CA VAL B 453 24.54 17.66 -20.10
C VAL B 453 24.67 17.76 -18.58
N LEU B 454 25.84 17.36 -18.07
CA LEU B 454 26.22 17.46 -16.64
C LEU B 454 27.09 18.71 -16.49
N THR B 455 26.64 19.69 -15.68
CA THR B 455 27.40 20.94 -15.42
C THR B 455 28.14 20.85 -14.09
N SER B 456 29.28 21.54 -14.08
CA SER B 456 30.34 21.53 -13.05
C SER B 456 31.20 22.75 -13.33
N ARG B 457 31.55 23.52 -12.31
CA ARG B 457 32.43 24.70 -12.46
C ARG B 457 33.85 24.25 -12.84
N SER B 458 34.27 23.05 -12.42
CA SER B 458 35.67 22.54 -12.46
C SER B 458 35.85 21.43 -13.50
N GLY B 459 34.77 20.86 -14.05
CA GLY B 459 34.85 19.70 -14.97
C GLY B 459 35.16 18.42 -14.22
N ILE B 460 35.48 17.35 -14.95
CA ILE B 460 35.81 16.00 -14.36
C ILE B 460 37.10 16.12 -13.55
N ARG B 461 37.08 15.69 -12.28
CA ARG B 461 38.22 15.83 -11.33
C ARG B 461 38.57 14.52 -10.63
N THR B 462 37.68 13.51 -10.61
CA THR B 462 37.97 12.18 -9.98
C THR B 462 37.90 11.06 -11.03
N GLY B 463 38.53 9.93 -10.72
CA GLY B 463 38.52 8.70 -11.53
C GLY B 463 37.12 8.13 -11.67
N TYR B 464 36.32 8.21 -10.60
CA TYR B 464 34.92 7.71 -10.56
C TYR B 464 34.06 8.47 -11.59
N GLN B 465 34.12 9.81 -11.60
CA GLN B 465 33.42 10.67 -12.60
C GLN B 465 33.81 10.23 -14.01
N ALA B 466 35.13 10.16 -14.28
CA ALA B 466 35.70 9.75 -15.58
C ALA B 466 35.17 8.37 -15.97
N LYS B 467 35.25 7.40 -15.05
CA LYS B 467 34.75 6.00 -15.26
C LYS B 467 33.28 6.06 -15.71
N GLN B 468 32.41 6.75 -14.97
CA GLN B 468 30.94 6.77 -15.23
C GLN B 468 30.67 7.34 -16.63
N VAL B 469 31.27 8.50 -16.96
CA VAL B 469 31.03 9.21 -18.25
C VAL B 469 31.52 8.34 -19.40
N ARG B 470 32.72 7.76 -19.25
CA ARG B 470 33.37 6.82 -20.20
C ARG B 470 32.43 5.63 -20.48
N ARG B 471 31.84 5.06 -19.43
CA ARG B 471 30.96 3.87 -19.50
C ARG B 471 29.64 4.22 -20.19
N TRP B 472 29.01 5.35 -19.81
CA TRP B 472 27.75 5.84 -20.43
C TRP B 472 27.95 6.05 -21.93
N ARG B 473 29.04 6.73 -22.32
CA ARG B 473 29.38 7.06 -23.73
C ARG B 473 29.56 5.77 -24.55
N ARG B 474 30.19 4.76 -23.96
CA ARG B 474 30.38 3.39 -24.52
C ARG B 474 29.02 2.75 -24.80
N GLN B 475 28.02 3.00 -23.97
CA GLN B 475 26.65 2.46 -24.11
C GLN B 475 25.85 3.25 -25.15
N GLY B 476 26.46 4.28 -25.77
CA GLY B 476 25.81 5.10 -26.81
C GLY B 476 24.99 6.25 -26.24
N VAL B 477 25.13 6.54 -24.94
CA VAL B 477 24.55 7.76 -24.32
C VAL B 477 25.47 8.92 -24.72
N GLN B 478 24.87 10.01 -25.21
CA GLN B 478 25.58 11.29 -25.45
C GLN B 478 25.64 12.05 -24.13
N VAL B 479 26.85 12.17 -23.57
CA VAL B 479 27.10 12.85 -22.27
C VAL B 479 28.07 14.00 -22.52
N GLN B 480 27.61 15.24 -22.31
CA GLN B 480 28.44 16.47 -22.38
C GLN B 480 28.75 16.91 -20.95
N VAL B 481 30.03 17.10 -20.63
CA VAL B 481 30.47 17.80 -19.39
C VAL B 481 30.61 19.28 -19.74
N SER B 482 29.81 20.13 -19.11
CA SER B 482 29.76 21.60 -19.34
C SER B 482 30.30 22.32 -18.09
N THR B 483 31.02 23.41 -18.28
CA THR B 483 31.41 24.36 -17.20
C THR B 483 30.51 25.60 -17.27
N SER B 484 29.49 25.59 -18.13
CA SER B 484 28.50 26.69 -18.23
C SER B 484 27.79 26.81 -16.88
N ASN B 485 27.77 28.02 -16.32
CA ASN B 485 27.44 28.29 -14.90
C ASN B 485 26.05 28.94 -14.85
N ILE B 486 25.06 28.23 -14.30
CA ILE B 486 23.65 28.69 -14.23
C ILE B 486 23.53 29.90 -13.31
N SER B 487 24.58 30.23 -12.54
CA SER B 487 24.65 31.40 -11.62
C SER B 487 24.43 32.73 -12.35
N SER B 488 24.79 32.80 -13.64
CA SER B 488 24.55 33.99 -14.50
C SER B 488 23.57 33.59 -15.60
N LEU B 489 22.83 34.59 -16.10
CA LEU B 489 21.87 34.45 -17.23
C LEU B 489 22.63 33.95 -18.45
N GLU B 490 23.82 34.52 -18.70
CA GLU B 490 24.68 34.20 -19.86
C GLU B 490 25.06 32.71 -19.81
N GLY B 491 25.54 32.25 -18.65
CA GLY B 491 25.90 30.83 -18.41
C GLY B 491 24.72 29.92 -18.67
N ALA B 492 23.56 30.26 -18.11
CA ALA B 492 22.29 29.51 -18.26
C ALA B 492 21.90 29.47 -19.74
N ARG B 493 22.01 30.60 -20.44
CA ARG B 493 21.69 30.66 -21.89
C ARG B 493 22.64 29.75 -22.66
N GLY B 494 23.94 29.86 -22.38
CA GLY B 494 24.97 28.99 -22.98
C GLY B 494 24.64 27.52 -22.75
N LEU B 495 24.22 27.17 -21.52
CA LEU B 495 23.98 25.76 -21.10
C LEU B 495 22.84 25.17 -21.94
N ILE B 496 21.71 25.88 -22.04
CA ILE B 496 20.52 25.42 -22.80
C ILE B 496 20.93 25.25 -24.27
N ALA B 497 21.69 26.20 -24.83
CA ALA B 497 22.16 26.13 -26.24
C ALA B 497 22.93 24.83 -26.44
N GLU B 498 23.87 24.50 -25.53
CA GLU B 498 24.64 23.21 -25.53
C GLU B 498 23.67 22.02 -25.55
N ALA B 499 22.66 22.01 -24.66
CA ALA B 499 21.65 20.94 -24.55
C ALA B 499 20.88 20.81 -25.88
N ALA B 500 20.40 21.94 -26.41
CA ALA B 500 19.54 22.06 -27.62
C ALA B 500 20.22 21.43 -28.83
N GLN B 501 21.55 21.47 -28.87
CA GLN B 501 22.38 20.84 -29.95
C GLN B 501 22.17 19.31 -29.96
N LEU B 502 22.05 18.67 -28.80
CA LEU B 502 21.84 17.19 -28.70
C LEU B 502 20.40 16.86 -29.10
N GLY B 503 19.46 17.69 -28.66
CA GLY B 503 18.02 17.55 -28.94
C GLY B 503 17.24 18.57 -28.12
N PRO B 504 15.91 18.68 -28.31
CA PRO B 504 15.12 19.65 -27.57
C PRO B 504 15.19 19.34 -26.06
N VAL B 505 15.32 20.39 -25.25
CA VAL B 505 15.52 20.27 -23.78
C VAL B 505 14.21 19.75 -23.18
N GLY B 506 14.24 18.53 -22.62
CA GLY B 506 13.09 17.87 -21.97
C GLY B 506 13.07 18.10 -20.47
N GLY B 507 14.25 18.14 -19.83
CA GLY B 507 14.36 18.21 -18.36
C GLY B 507 15.58 19.02 -17.92
N VAL B 508 15.39 19.85 -16.88
CA VAL B 508 16.47 20.50 -16.09
C VAL B 508 16.32 20.06 -14.63
N PHE B 509 17.44 19.66 -14.02
CA PHE B 509 17.56 19.18 -12.63
C PHE B 509 18.64 19.99 -11.92
N ASN B 510 18.29 20.84 -10.94
CA ASN B 510 19.29 21.67 -10.22
C ASN B 510 19.75 20.95 -8.96
N LEU B 511 20.88 20.25 -9.04
CA LEU B 511 21.54 19.61 -7.88
C LEU B 511 22.81 20.39 -7.50
N ALA B 512 23.02 21.58 -8.08
CA ALA B 512 24.20 22.42 -7.76
C ALA B 512 24.09 22.89 -6.31
N VAL B 513 25.20 22.89 -5.57
CA VAL B 513 25.23 23.35 -4.16
C VAL B 513 26.66 23.78 -3.81
N VAL B 514 26.76 24.87 -3.04
CA VAL B 514 27.95 25.33 -2.29
C VAL B 514 27.50 25.54 -0.84
N LEU B 515 28.22 24.94 0.11
CA LEU B 515 27.96 25.10 1.56
C LEU B 515 28.90 26.17 2.12
N ARG B 516 28.34 27.09 2.92
CA ARG B 516 29.11 27.99 3.84
C ARG B 516 28.45 27.89 5.22
N ASP B 517 28.51 26.71 5.85
CA ASP B 517 27.86 26.43 7.14
C ASP B 517 28.52 27.27 8.24
N GLY B 518 27.74 27.69 9.22
CA GLY B 518 28.19 28.51 10.35
C GLY B 518 27.03 29.25 10.96
N LEU B 519 27.02 29.37 12.28
CA LEU B 519 26.05 30.23 13.01
C LEU B 519 26.12 31.61 12.38
N LEU B 520 24.99 32.35 12.37
CA LEU B 520 24.88 33.66 11.70
C LEU B 520 25.99 34.62 12.17
N GLU B 521 26.38 34.58 13.45
CA GLU B 521 27.42 35.47 14.03
C GLU B 521 28.73 35.35 13.22
N ASN B 522 28.91 34.26 12.48
CA ASN B 522 30.14 34.00 11.67
C ASN B 522 29.84 34.07 10.17
N GLN B 523 28.67 34.59 9.77
CA GLN B 523 28.26 34.66 8.35
C GLN B 523 28.56 36.05 7.81
N THR B 524 28.64 36.17 6.48
CA THR B 524 28.87 37.42 5.74
C THR B 524 27.89 37.44 4.56
N PRO B 525 27.50 38.65 4.05
CA PRO B 525 26.73 38.74 2.81
C PRO B 525 27.38 37.92 1.69
N GLU B 526 28.71 37.94 1.62
CA GLU B 526 29.50 37.18 0.61
C GLU B 526 29.16 35.69 0.70
N PHE B 527 29.13 35.11 1.90
CA PHE B 527 28.88 33.66 2.11
C PHE B 527 27.44 33.32 1.68
N PHE B 528 26.49 34.21 1.99
CA PHE B 528 25.09 34.09 1.51
C PHE B 528 25.07 34.09 -0.02
N GLN B 529 25.79 35.03 -0.65
CA GLN B 529 25.87 35.13 -2.14
C GLN B 529 26.37 33.79 -2.69
N ASP B 530 27.46 33.26 -2.12
CA ASP B 530 28.09 31.97 -2.53
C ASP B 530 27.06 30.84 -2.48
N VAL B 531 26.28 30.73 -1.40
CA VAL B 531 25.29 29.62 -1.22
C VAL B 531 24.10 29.82 -2.17
N CYS B 532 23.63 31.05 -2.34
CA CYS B 532 22.45 31.35 -3.20
C CYS B 532 22.78 31.34 -4.69
N LYS B 533 24.03 31.54 -5.10
CA LYS B 533 24.38 31.57 -6.56
C LYS B 533 23.87 30.31 -7.25
N PRO B 534 24.31 29.08 -6.88
CA PRO B 534 23.91 27.89 -7.60
C PRO B 534 22.39 27.60 -7.55
N LYS B 535 21.75 28.00 -6.45
CA LYS B 535 20.36 27.60 -6.08
C LYS B 535 19.36 28.70 -6.46
N TYR B 536 19.44 29.87 -5.84
CA TYR B 536 18.47 30.98 -6.07
C TYR B 536 18.70 31.55 -7.46
N SER B 537 19.86 32.18 -7.71
CA SER B 537 20.22 32.73 -9.04
C SER B 537 20.16 31.64 -10.11
N GLY B 538 20.73 30.47 -9.81
CA GLY B 538 20.72 29.29 -10.70
C GLY B 538 19.32 28.95 -11.15
N THR B 539 18.36 28.90 -10.21
CA THR B 539 16.97 28.51 -10.50
C THR B 539 16.24 29.66 -11.20
N LEU B 540 16.49 30.91 -10.79
CA LEU B 540 15.93 32.13 -11.45
C LEU B 540 16.34 32.10 -12.93
N ASN B 541 17.62 31.85 -13.20
CA ASN B 541 18.21 31.84 -14.56
C ASN B 541 17.61 30.69 -15.36
N LEU B 542 17.64 29.47 -14.81
CA LEU B 542 17.03 28.27 -15.45
C LEU B 542 15.54 28.57 -15.73
N ASP B 543 14.85 29.20 -14.78
CA ASP B 543 13.42 29.59 -14.94
C ASP B 543 13.28 30.43 -16.22
N ARG B 544 14.02 31.53 -16.30
CA ARG B 544 13.91 32.55 -17.38
C ARG B 544 14.36 31.94 -18.73
N VAL B 545 15.48 31.22 -18.75
CA VAL B 545 16.03 30.64 -20.02
C VAL B 545 15.05 29.59 -20.55
N THR B 546 14.51 28.71 -19.69
CA THR B 546 13.63 27.60 -20.15
C THR B 546 12.28 28.18 -20.63
N ARG B 547 11.77 29.21 -19.96
CA ARG B 547 10.56 29.98 -20.40
C ARG B 547 10.80 30.52 -21.82
N GLU B 548 11.94 31.13 -22.08
CA GLU B 548 12.23 31.82 -23.37
C GLU B 548 12.51 30.83 -24.51
N ALA B 549 13.18 29.71 -24.23
CA ALA B 549 13.86 28.91 -25.28
C ALA B 549 13.56 27.41 -25.19
N CYS B 550 12.81 26.94 -24.20
CA CYS B 550 12.56 25.48 -23.99
C CYS B 550 11.07 25.22 -23.95
N PRO B 551 10.39 25.28 -25.13
CA PRO B 551 8.96 25.02 -25.19
C PRO B 551 8.55 23.55 -25.04
N GLU B 552 9.49 22.61 -25.15
CA GLU B 552 9.20 21.15 -25.06
C GLU B 552 9.65 20.60 -23.69
N LEU B 553 9.89 21.46 -22.70
CA LEU B 553 10.39 21.05 -21.36
C LEU B 553 9.25 20.38 -20.59
N ASP B 554 9.48 19.17 -20.10
CA ASP B 554 8.52 18.37 -19.29
C ASP B 554 8.88 18.43 -17.81
N TYR B 555 10.14 18.65 -17.46
CA TYR B 555 10.64 18.51 -16.07
C TYR B 555 11.49 19.72 -15.69
N PHE B 556 11.11 20.36 -14.59
CA PHE B 556 11.88 21.42 -13.89
C PHE B 556 11.94 21.05 -12.40
N VAL B 557 13.07 20.49 -11.98
CA VAL B 557 13.25 19.84 -10.66
C VAL B 557 14.45 20.46 -9.95
N VAL B 558 14.28 20.86 -8.69
CA VAL B 558 15.37 21.37 -7.82
C VAL B 558 15.44 20.50 -6.57
N PHE B 559 16.66 20.25 -6.09
CA PHE B 559 16.91 19.48 -4.85
C PHE B 559 17.06 20.50 -3.71
N SER B 560 15.96 20.63 -2.96
CA SER B 560 15.90 21.36 -1.68
C SER B 560 16.37 20.42 -0.57
N SER B 561 16.13 20.81 0.66
CA SER B 561 16.67 20.14 1.86
C SER B 561 15.69 20.26 3.01
N VAL B 562 15.71 19.26 3.88
CA VAL B 562 15.11 19.29 5.23
C VAL B 562 15.65 20.50 5.99
N SER B 563 16.85 20.99 5.69
CA SER B 563 17.43 22.20 6.35
C SER B 563 16.52 23.41 6.10
N CYS B 564 15.89 23.49 4.92
CA CYS B 564 14.89 24.54 4.58
C CYS B 564 13.54 24.17 5.19
N GLY B 565 13.06 22.97 4.87
CA GLY B 565 11.75 22.42 5.30
C GLY B 565 11.52 22.50 6.80
N ARG B 566 12.51 22.11 7.61
CA ARG B 566 12.37 21.98 9.09
C ARG B 566 13.35 22.92 9.82
N GLY B 567 14.53 23.19 9.26
CA GLY B 567 15.56 24.03 9.88
C GLY B 567 16.74 23.24 10.37
N ASN B 568 17.94 23.79 10.19
CA ASN B 568 19.21 23.17 10.68
C ASN B 568 20.14 24.29 11.15
N ALA B 569 20.59 24.21 12.41
CA ALA B 569 21.50 25.20 13.03
C ALA B 569 22.78 25.31 12.20
N GLY B 570 23.16 26.54 11.85
CA GLY B 570 24.40 26.87 11.13
C GLY B 570 24.24 26.83 9.61
N GLN B 571 23.00 26.77 9.09
CA GLN B 571 22.74 26.63 7.64
C GLN B 571 21.69 27.66 7.18
N SER B 572 21.59 28.81 7.84
CA SER B 572 20.59 29.85 7.53
C SER B 572 20.70 30.23 6.05
N ASN B 573 21.91 30.26 5.50
CA ASN B 573 22.14 30.71 4.10
C ASN B 573 21.59 29.64 3.14
N TYR B 574 21.86 28.37 3.42
CA TYR B 574 21.39 27.16 2.71
C TYR B 574 19.85 27.01 2.86
N GLY B 575 19.34 27.28 4.07
CA GLY B 575 17.91 27.39 4.33
C GLY B 575 17.26 28.35 3.35
N PHE B 576 17.82 29.56 3.25
CA PHE B 576 17.33 30.68 2.40
C PHE B 576 17.35 30.27 0.92
N ALA B 577 18.52 29.90 0.41
CA ALA B 577 18.73 29.55 -1.02
C ALA B 577 17.70 28.50 -1.45
N ASN B 578 17.58 27.39 -0.70
CA ASN B 578 16.65 26.28 -1.03
C ASN B 578 15.20 26.75 -0.98
N SER B 579 14.86 27.54 0.03
CA SER B 579 13.50 28.08 0.27
C SER B 579 13.06 28.95 -0.93
N ALA B 580 13.97 29.77 -1.47
CA ALA B 580 13.75 30.62 -2.65
C ALA B 580 13.45 29.75 -3.89
N MET B 581 14.19 28.66 -4.08
CA MET B 581 13.94 27.70 -5.20
C MET B 581 12.50 27.19 -5.11
N GLU B 582 12.05 26.81 -3.92
CA GLU B 582 10.68 26.28 -3.70
C GLU B 582 9.68 27.36 -4.16
N ARG B 583 9.90 28.63 -3.79
CA ARG B 583 9.01 29.76 -4.14
C ARG B 583 8.92 29.89 -5.67
N ILE B 584 10.04 29.71 -6.38
CA ILE B 584 10.08 29.78 -7.87
C ILE B 584 9.27 28.62 -8.47
N CYS B 585 9.44 27.39 -7.96
CA CYS B 585 8.69 26.21 -8.48
C CYS B 585 7.17 26.44 -8.36
N GLU B 586 6.71 26.99 -7.23
CA GLU B 586 5.28 27.26 -6.95
C GLU B 586 4.74 28.26 -7.97
N LYS B 587 5.51 29.30 -8.30
CA LYS B 587 5.14 30.34 -9.29
CA LYS B 587 5.11 30.33 -9.27
C LYS B 587 5.01 29.67 -10.66
N ARG B 588 6.02 28.88 -11.03
CA ARG B 588 6.10 28.17 -12.33
C ARG B 588 4.84 27.33 -12.52
N ARG B 589 4.53 26.45 -11.55
CA ARG B 589 3.39 25.49 -11.59
C ARG B 589 2.06 26.25 -11.67
N HIS B 590 1.94 27.37 -10.95
CA HIS B 590 0.74 28.25 -10.99
C HIS B 590 0.45 28.67 -12.44
N GLU B 591 1.49 28.98 -13.21
CA GLU B 591 1.40 29.32 -14.65
C GLU B 591 1.40 28.06 -15.52
N GLY B 592 1.22 26.88 -14.91
CA GLY B 592 1.16 25.58 -15.61
C GLY B 592 2.47 25.22 -16.28
N LEU B 593 3.61 25.72 -15.78
CA LEU B 593 4.96 25.25 -16.20
C LEU B 593 5.34 24.09 -15.29
N PRO B 594 6.22 23.16 -15.75
CA PRO B 594 6.78 22.16 -14.85
C PRO B 594 7.51 22.87 -13.71
N GLY B 595 7.41 22.31 -12.51
CA GLY B 595 8.01 22.85 -11.28
C GLY B 595 7.88 21.86 -10.13
N LEU B 596 9.00 21.37 -9.61
CA LEU B 596 9.03 20.48 -8.42
C LEU B 596 10.28 20.76 -7.60
N ALA B 597 10.12 21.01 -6.31
CA ALA B 597 11.24 21.06 -5.34
C ALA B 597 11.11 19.89 -4.38
N VAL B 598 12.16 19.09 -4.24
CA VAL B 598 12.25 17.92 -3.32
C VAL B 598 13.12 18.33 -2.14
N GLN B 599 12.54 18.41 -0.94
CA GLN B 599 13.26 18.59 0.34
C GLN B 599 13.76 17.22 0.79
N TRP B 600 15.01 16.90 0.45
CA TRP B 600 15.68 15.65 0.88
C TRP B 600 16.15 15.82 2.33
N GLY B 601 15.92 14.81 3.15
CA GLY B 601 16.70 14.60 4.38
C GLY B 601 18.11 14.22 4.02
N ALA B 602 18.92 13.81 4.99
CA ALA B 602 20.28 13.26 4.78
C ALA B 602 20.23 12.23 3.63
N ILE B 603 21.23 12.23 2.75
CA ILE B 603 21.41 11.24 1.65
C ILE B 603 22.58 10.31 2.04
N GLY B 604 22.41 9.00 1.84
CA GLY B 604 23.46 7.97 2.06
C GLY B 604 24.13 7.55 0.77
N ASP B 605 25.15 6.69 0.88
CA ASP B 605 25.91 6.08 -0.25
C ASP B 605 26.82 7.09 -0.94
N VAL B 606 26.32 8.28 -1.28
CA VAL B 606 27.06 9.30 -2.09
C VAL B 606 26.71 10.69 -1.57
N GLY B 607 27.42 11.72 -2.06
CA GLY B 607 27.08 13.14 -1.83
C GLY B 607 27.93 13.78 -0.76
N ILE B 608 27.72 15.09 -0.53
CA ILE B 608 28.45 15.94 0.46
C ILE B 608 28.58 15.19 1.78
N LEU B 609 27.48 14.66 2.29
CA LEU B 609 27.39 14.14 3.68
C LEU B 609 28.29 12.92 3.83
N VAL B 610 28.21 11.98 2.89
CA VAL B 610 29.07 10.74 2.85
C VAL B 610 30.52 11.15 2.55
N GLU B 611 30.72 12.19 1.74
CA GLU B 611 32.07 12.73 1.40
C GLU B 611 32.79 13.06 2.70
N THR B 612 32.11 13.73 3.63
CA THR B 612 32.69 14.27 4.89
C THR B 612 32.24 13.41 6.07
N ASP B 617 24.14 5.25 8.37
CA ASP B 617 24.80 4.57 9.51
C ASP B 617 25.10 5.59 10.62
N THR B 618 25.57 6.79 10.23
CA THR B 618 25.56 8.02 11.07
C THR B 618 24.10 8.45 11.26
N ILE B 619 23.60 8.48 12.50
CA ILE B 619 22.29 9.09 12.83
C ILE B 619 22.48 10.61 12.82
N VAL B 620 21.61 11.32 12.10
CA VAL B 620 21.69 12.80 11.89
C VAL B 620 20.38 13.42 12.39
N SER B 621 20.41 14.17 13.50
CA SER B 621 19.20 14.78 14.09
C SER B 621 18.05 13.76 14.08
N GLY B 622 18.29 12.55 14.58
CA GLY B 622 17.27 11.50 14.76
C GLY B 622 16.81 10.88 13.43
N THR B 623 17.55 11.10 12.34
CA THR B 623 17.23 10.57 10.99
C THR B 623 18.40 9.72 10.48
N LEU B 624 18.10 8.70 9.68
CA LEU B 624 19.12 7.92 8.94
C LEU B 624 19.31 8.58 7.57
N PRO B 625 20.57 8.69 7.09
CA PRO B 625 20.81 8.99 5.68
C PRO B 625 19.99 8.04 4.79
N GLN B 626 19.18 8.58 3.89
CA GLN B 626 18.31 7.80 2.96
C GLN B 626 19.21 7.11 1.92
N ARG B 627 19.15 5.78 1.83
CA ARG B 627 19.98 4.99 0.86
C ARG B 627 19.58 5.41 -0.55
N MET B 628 20.57 5.59 -1.43
CA MET B 628 20.33 6.09 -2.81
C MET B 628 19.23 5.27 -3.50
N ALA B 629 19.12 3.96 -3.24
CA ALA B 629 18.10 3.07 -3.86
C ALA B 629 16.70 3.51 -3.40
N SER B 630 16.55 3.91 -2.13
CA SER B 630 15.31 4.49 -1.57
C SER B 630 15.00 5.84 -2.24
N CYS B 631 16.00 6.72 -2.32
CA CYS B 631 15.87 8.06 -2.95
C CYS B 631 15.36 7.95 -4.38
N LEU B 632 15.90 7.01 -5.16
CA LEU B 632 15.61 6.87 -6.61
C LEU B 632 14.19 6.29 -6.81
N GLU B 633 13.75 5.38 -5.93
CA GLU B 633 12.37 4.84 -5.89
C GLU B 633 11.39 5.98 -5.55
N VAL B 634 11.70 6.79 -4.55
CA VAL B 634 10.86 7.95 -4.12
C VAL B 634 10.75 8.93 -5.30
N LEU B 635 11.80 9.06 -6.10
CA LEU B 635 11.87 10.06 -7.20
C LEU B 635 10.92 9.65 -8.34
N ASP B 636 10.80 8.35 -8.64
CA ASP B 636 9.78 7.81 -9.59
C ASP B 636 8.39 8.23 -9.12
N LEU B 637 8.10 8.01 -7.83
CA LEU B 637 6.83 8.43 -7.17
C LEU B 637 6.67 9.94 -7.30
N PHE B 638 7.70 10.73 -6.96
CA PHE B 638 7.64 12.21 -6.83
C PHE B 638 7.50 12.87 -8.22
N LEU B 639 8.09 12.34 -9.29
CA LEU B 639 8.00 12.97 -10.64
C LEU B 639 6.60 12.77 -11.21
N ASN B 640 5.86 11.77 -10.74
CA ASN B 640 4.46 11.45 -11.15
C ASN B 640 3.45 12.01 -10.13
N GLN B 641 3.77 13.19 -9.54
CA GLN B 641 2.92 13.90 -8.55
C GLN B 641 2.55 15.28 -9.08
N PRO B 642 1.33 15.78 -8.79
CA PRO B 642 0.95 17.13 -9.19
C PRO B 642 1.49 18.22 -8.24
N HIS B 643 1.86 17.85 -7.00
CA HIS B 643 2.30 18.77 -5.92
C HIS B 643 3.57 19.52 -6.33
N MET B 644 3.79 20.70 -5.74
CA MET B 644 4.87 21.65 -6.11
C MET B 644 6.14 21.39 -5.29
N VAL B 645 5.97 21.00 -4.02
CA VAL B 645 7.11 20.79 -3.07
C VAL B 645 6.83 19.52 -2.27
N LEU B 646 7.71 18.53 -2.38
CA LEU B 646 7.61 17.23 -1.67
C LEU B 646 8.80 17.12 -0.71
N SER B 647 8.68 16.18 0.24
CA SER B 647 9.63 15.93 1.35
C SER B 647 9.80 14.42 1.49
N SER B 648 11.05 13.97 1.63
CA SER B 648 11.44 12.57 1.91
C SER B 648 12.54 12.57 2.98
N PHE B 649 12.33 11.89 4.09
CA PHE B 649 13.39 11.60 5.09
C PHE B 649 13.09 10.27 5.75
N VAL B 650 14.11 9.67 6.36
CA VAL B 650 14.01 8.36 7.05
C VAL B 650 14.24 8.59 8.54
N LEU B 651 13.29 8.15 9.36
CA LEU B 651 13.29 8.24 10.83
C LEU B 651 14.23 7.16 11.40
N ALA B 652 15.13 7.53 12.29
CA ALA B 652 15.93 6.57 13.08
C ALA B 652 14.98 5.88 14.08
N GLU B 653 15.10 4.56 14.21
CA GLU B 653 14.52 3.69 15.28
C GLU B 653 13.05 3.37 14.93
PA NDP C . -24.52 -36.88 1.41
O1A NDP C . -24.46 -38.33 1.00
O2A NDP C . -25.63 -35.94 1.01
O5B NDP C . -24.38 -36.77 3.01
C5B NDP C . -24.35 -35.48 3.63
C4B NDP C . -25.17 -35.55 4.88
O4B NDP C . -25.18 -34.31 5.56
C3B NDP C . -26.64 -35.87 4.63
O3B NDP C . -26.85 -37.22 5.04
C2B NDP C . -27.42 -34.92 5.54
O2B NDP C . -28.37 -35.67 6.29
C1B NDP C . -26.32 -34.35 6.41
N9A NDP C . -26.53 -33.00 6.97
C8A NDP C . -26.87 -31.88 6.28
N7A NDP C . -26.95 -30.80 7.10
C5A NDP C . -26.64 -31.22 8.33
C6A NDP C . -26.52 -30.62 9.66
N6A NDP C . -26.75 -29.32 9.82
N1A NDP C . -26.15 -31.43 10.69
C2A NDP C . -25.91 -32.75 10.53
N3A NDP C . -26.01 -33.37 9.36
C4A NDP C . -26.35 -32.68 8.24
O3 NDP C . -23.24 -36.11 0.84
PN NDP C . -21.75 -36.66 0.62
O1N NDP C . -21.42 -37.77 1.56
O2N NDP C . -21.60 -36.80 -0.86
O5D NDP C . -20.86 -35.33 0.96
C5D NDP C . -19.87 -35.33 1.95
C4D NDP C . -19.03 -34.05 1.93
O4D NDP C . -18.15 -34.03 0.80
C3D NDP C . -19.87 -32.79 1.85
O3D NDP C . -19.32 -31.81 2.73
C2D NDP C . -19.75 -32.36 0.40
O2D NDP C . -19.96 -30.95 0.24
C1D NDP C . -18.34 -32.84 0.04
N1N NDP C . -18.14 -33.16 -1.36
C2N NDP C . -18.85 -34.15 -1.90
C3N NDP C . -18.69 -34.50 -3.24
C7N NDP C . -19.48 -35.61 -3.87
O7N NDP C . -19.31 -35.80 -5.07
N7N NDP C . -20.31 -36.39 -3.17
C4N NDP C . -17.71 -33.78 -4.12
C5N NDP C . -16.99 -32.73 -3.41
C6N NDP C . -17.24 -32.46 -2.07
P2B NDP C . -29.69 -35.01 6.94
O1X NDP C . -30.26 -36.19 7.69
O2X NDP C . -30.44 -34.51 5.74
O3X NDP C . -29.24 -33.90 7.88
C5 KUA D . -20.59 -31.56 -7.97
C6 KUA D . -20.05 -32.23 -9.20
C8 KUA D . -18.62 -31.07 -10.87
C10 KUA D . -16.18 -31.45 -11.19
C13 KUA D . -13.35 -29.20 -12.13
C15 KUA D . -11.18 -29.06 -12.01
C20 KUA D . -9.49 -27.06 -12.83
C21 KUA D . -10.84 -26.89 -13.02
C22 KUA D . -15.78 -28.84 -11.92
C26 KUA D . -18.16 -31.04 -7.31
C28 KUA D . -21.74 -32.31 -3.95
O1 KUA D . -22.33 -30.53 -5.64
C2 KUA D . -21.42 -31.55 -5.24
C3 KUA D . -19.96 -31.28 -5.61
N4 KUA D . -19.56 -31.31 -6.91
N7 KUA D . -18.79 -31.64 -9.63
C9 KUA D . -17.28 -30.57 -11.25
C11 KUA D . -14.89 -31.05 -11.47
C12 KUA D . -14.70 -29.72 -11.89
O14 KUA D . -12.24 -29.83 -11.71
C16 KUA D . -11.70 -27.89 -12.60
N17 KUA D . -13.04 -28.05 -12.63
C18 KUA D . -9.82 -29.21 -11.82
C19 KUA D . -8.99 -28.21 -12.24
C23 KUA D . -17.06 -29.26 -11.61
O24 KUA D . -19.56 -30.99 -11.65
C25 KUA D . -17.74 -31.77 -8.59
O27 KUA D . -19.20 -31.04 -4.71
C29 KUA D . -21.90 -32.99 -5.30
C1 EDO E . -32.99 -30.00 12.89
O1 EDO E . -31.76 -30.06 13.58
C2 EDO E . -33.27 -28.67 12.32
O2 EDO E . -32.92 -28.53 10.95
C1 EDO F . 4.40 -19.87 -4.81
O1 EDO F . 4.41 -18.89 -3.80
C2 EDO F . 5.24 -19.52 -5.99
O2 EDO F . 5.00 -18.25 -6.54
C1 EDO G . -10.60 -15.22 -26.28
O1 EDO G . -10.02 -14.59 -25.15
C2 EDO G . -9.59 -15.71 -27.27
O2 EDO G . -9.37 -17.12 -27.23
C1 EDO H . -12.39 -10.61 -17.18
O1 EDO H . -11.08 -10.69 -16.69
C2 EDO H . -12.53 -11.31 -18.47
O2 EDO H . -11.62 -10.86 -19.45
C1 EDO I . -3.56 -27.49 -11.53
O1 EDO I . -4.06 -26.76 -10.42
C2 EDO I . -4.55 -27.76 -12.60
O2 EDO I . -4.81 -29.14 -12.76
C1 EDO J . 3.45 -4.94 -8.41
O1 EDO J . 2.92 -3.99 -9.32
C2 EDO J . 2.70 -6.23 -8.40
O2 EDO J . 3.52 -7.39 -8.38
C1 EDO K . -9.66 -8.47 7.79
O1 EDO K . -8.70 -9.40 8.26
C2 EDO K . -10.75 -8.21 8.75
O2 EDO K . -11.91 -7.72 8.12
PA NDP L . 27.82 17.28 -4.21
O1A NDP L . 28.33 15.84 -4.22
O2A NDP L . 28.60 18.41 -3.62
O5B NDP L . 27.46 17.67 -5.73
C5B NDP L . 27.00 18.98 -6.03
C4B NDP L . 27.88 19.54 -7.11
O4B NDP L . 27.43 20.80 -7.56
C3B NDP L . 29.33 19.73 -6.69
O3B NDP L . 30.05 18.63 -7.24
C2B NDP L . 29.76 21.05 -7.31
O2B NDP L . 30.94 20.90 -8.07
C1B NDP L . 28.57 21.39 -8.20
N9A NDP L . 28.32 22.83 -8.35
C8A NDP L . 28.35 23.77 -7.38
N7A NDP L . 28.05 25.00 -7.89
C5A NDP L . 27.82 24.83 -9.19
C6A NDP L . 27.46 25.69 -10.33
N6A NDP L . 27.27 27.00 -10.13
N1A NDP L . 27.31 25.11 -11.54
C2A NDP L . 27.50 23.79 -11.75
N3A NDP L . 27.85 22.96 -10.77
C4A NDP L . 28.00 23.39 -9.50
O3 NDP L . 26.41 17.36 -3.45
PN NDP L . 25.23 16.27 -3.41
O1N NDP L . 25.26 15.39 -4.61
O2N NDP L . 25.33 15.70 -2.01
O5D NDP L . 23.91 17.23 -3.39
C5D NDP L . 23.06 17.32 -4.50
C4D NDP L . 21.80 18.11 -4.15
O4D NDP L . 21.05 17.49 -3.08
C3D NDP L . 22.12 19.53 -3.67
O3D NDP L . 21.22 20.45 -4.29
C2D NDP L . 21.93 19.45 -2.18
O2D NDP L . 21.66 20.72 -1.60
C1D NDP L . 20.81 18.43 -2.03
N1N NDP L . 20.82 17.72 -0.76
C2N NDP L . 21.84 16.91 -0.46
C3N NDP L . 21.86 16.23 0.74
C7N NDP L . 22.97 15.33 1.09
O7N NDP L . 22.92 14.77 2.18
N7N NDP L . 23.96 15.12 0.23
C4N NDP L . 20.75 16.34 1.74
C5N NDP L . 19.70 17.25 1.29
C6N NDP L . 19.78 17.89 0.08
P2B NDP L . 31.93 22.12 -8.50
O1X NDP L . 32.96 21.37 -9.28
O2X NDP L . 32.31 22.70 -7.15
O3X NDP L . 31.11 23.03 -9.40
C5 KUA M . 22.87 18.43 6.22
C6 KUA M . 22.73 17.27 7.19
C8 KUA M . 21.00 17.33 8.96
C10 KUA M . 18.79 16.13 8.91
C13 KUA M . 15.46 16.94 10.37
C15 KUA M . 13.37 16.35 10.28
C20 KUA M . 11.18 17.39 11.56
C21 KUA M . 12.40 17.95 11.80
C22 KUA M . 17.65 18.08 10.48
C26 KUA M . 20.38 18.20 5.67
C28 KUA M . 23.86 19.02 2.11
O1 KUA M . 23.97 20.40 4.23
C2 KUA M . 23.42 19.28 3.55
C3 KUA M . 22.01 18.96 3.98
N4 KUA M . 21.75 18.53 5.24
N7 KUA M . 21.34 17.19 7.64
C9 KUA M . 19.57 17.21 9.36
C11 KUA M . 17.46 16.01 9.24
C12 KUA M . 16.89 16.99 10.05
O14 KUA M . 14.60 16.08 9.80
C16 KUA M . 13.53 17.44 11.16
N17 KUA M . 14.84 17.77 11.17
C18 KUA M . 12.12 15.78 10.06
C19 KUA M . 11.03 16.31 10.68
C23 KUA M . 18.97 18.18 10.15
O24 KUA M . 21.89 17.57 9.78
C25 KUA M . 20.41 16.94 6.52
O27 KUA M . 21.14 19.11 3.15
C29 KUA M . 24.35 18.10 3.24
C1 EDO N . 5.33 40.60 -4.01
O1 EDO N . 6.33 40.93 -3.07
C2 EDO N . 4.19 39.89 -3.38
O2 EDO N . 3.67 38.80 -4.15
C1 EDO O . -5.79 21.41 6.13
O1 EDO O . -5.65 22.25 7.24
C2 EDO O . -4.73 21.64 5.12
O2 EDO O . -5.17 22.34 3.97
C1 EDO P . 19.98 35.73 -5.68
O1 EDO P . 20.56 36.97 -6.04
C2 EDO P . 20.96 34.81 -5.07
O2 EDO P . 22.09 34.56 -5.86
C1 EDO Q . 8.52 30.89 21.66
O1 EDO Q . 7.45 30.78 22.58
C2 EDO Q . 8.48 32.14 20.87
O2 EDO Q . 8.22 31.92 19.49
C1 EDO R . 6.75 14.95 10.63
O1 EDO R . 6.75 14.64 12.01
C2 EDO R . 5.80 16.05 10.34
O2 EDO R . 5.80 16.46 8.99
C1 EDO S . -0.06 21.60 -3.82
O1 EDO S . 1.20 21.76 -4.46
C2 EDO S . -0.85 20.50 -4.42
O2 EDO S . -1.42 20.79 -5.68
#